data_8JAU
#
_entry.id   8JAU
#
_cell.length_a   1.00
_cell.length_b   1.00
_cell.length_c   1.00
_cell.angle_alpha   90.00
_cell.angle_beta   90.00
_cell.angle_gamma   90.00
#
_symmetry.space_group_name_H-M   'P 1'
#
loop_
_entity.id
_entity.type
_entity.pdbx_description
1 polymer 'Amyloid protein-binding protein 2'
2 polymer Cullin-2
3 polymer Elongin-B
4 polymer Elongin-C
5 polymer 'MRPL28 C-degron'
6 non-polymer 'ZINC ION'
#
loop_
_entity_poly.entity_id
_entity_poly.type
_entity_poly.pdbx_seq_one_letter_code
_entity_poly.pdbx_strand_id
1 'polypeptide(L)'
;MAAVELEWIPETLYNTAISAVVDNYIRSRRDIRSLPENIQFDVYYKLYQQGRLCQLGSEFCELEVFAKVLRALDKRHLLH
HCFQALMDHGVKVASVLAYSFSRRCSYIAESDAAVKEKAIQVGFVLGGFLSDAGWYSDAEKVFLSCLQLCTLHDEMLHWF
RAVECCVRLLHVRNGNCKYHLGEETFKLAQTYMDKLSKHGQQANKAALYGELCALLFAKSHYDEAYKWCIEAMKEITAGL
PVKVVVDVLRQASKACVVKREFKKAEQLIKHAVYLARDHFGSKHPKYSDTLLDYGFYLLNVDNICQSVAIYQAALDIRQS
VFGGKNIHVATAHEDLAYSSYVHQYSSGKFDNALFHAERAIGIITHILPEDHLLLASSKRVKALILEEIAIDCHNKETEQ
RLLQEAHDLHLSSLQLAKKAFGEFNVQTAKHYGNLGRLYQSMRKFKEAEEMHIKAIQIKEQLLGQEDYEVALSVGHLASL
YNYDMNQYENAEKLYLRSIAIGKKLFGEGYSGLEYDYRGLIKLYNSIGNYEKVFEYHNVLSNWNRLRDRQYSVTDALEDV
STSPQSTEEVVQSFLISQNVEGPSC
;
A,B
2 'polypeptide(L)'
;TSLKPRVVDFDETWNKLLTTIKAVVMLEYVERATWNDRFSDIYALCVAYPEPLGERLYTETKIFLENHVRHLHKRVLESE
EQVLVMYHRYWEEYSKGADYMDCLYRYLNTQFIKKNKLTEADLQYGYGGVDMNEPLMEIGELALDMWRKLMVEPLQAILI
RMLLREIKNDRGGEDPNQKVIHGVINSFVHVEQYKKKFPLKFYQEIFESPFLTETGEYYKQEASNLLQESNCSQYMEKVL
GRLKDEEIRCRKYLHPSSYTKVIHECQQRMVADHLQFLHAECHNIIRQEKKNDMANMYVLLRAVSTGLPHMIQELQNHIH
DEGLRATSNLTQENMPTLFVESVLEVHGKFVQLINTVLNGDQHFMSALDKALTSVVNYREPKSVCKAPELLAKYCDNLLK
KSAKGMTENEVEDRLTSFITVFKYIDDKDVFQKFYARMLAKRLIHGLSMSMDSEEAMINKLKQACGYEFTSKLHRMYTDM
SVSADLNNKFNNFIKNQDTVIDLGISFQIYVLQAGAWPLTQAPSSTFAIPQELEKSVQMFELFYSQHFSGRKLTWLHYLC
TGEVKMNYLGKPYVAMVTTYQMAVLLAFNNSETVSYKELQDSTQMNEKELTKTIKSLLDVKMINHDSEKEDIDAESSFSL
NMNFSSKRTKFKITTSMQKDTPQEMEQTRSAVDEDRKMYLQAAIVRIMKARKVLRHNALIQEVISQSRARFNPSISMIKK
CIEVLIDKQYIERSQASADEYSYVA
;
E,I
3 'polypeptide(L)'
;MDVFLMIRRHKTTIFTDAKESSTVFELKRIVEGILKRPPDEQRLYKDDQLLDDGKTLGECGFTSQTARPQAPATVGLAFR
ADDTFEALCIEPFSSPPELPDVMKPQDSGSSANEQAVQ
;
C,G
4 'polypeptide(L)'
;MYVKLISSDGHEFIVKREHALTSGTIKAMLSGPGQFAENETNEVNFREIPSHVLSKVCMYFTYKVRYTNSSTEIPEFPIA
PEIALELLMAANFLDC
;
D,H
5 'polypeptide(L)' QALSEPAVVQKRASGQ S,F
#
loop_
_chem_comp.id
_chem_comp.type
_chem_comp.name
_chem_comp.formula
ZN non-polymer 'ZINC ION' 'Zn 2'
#
# COMPACT_ATOMS: atom_id res chain seq x y z
N TRP A 8 -7.50 -27.16 -2.65
CA TRP A 8 -6.28 -26.38 -2.45
C TRP A 8 -5.04 -27.19 -2.81
N ILE A 9 -3.98 -26.50 -3.19
CA ILE A 9 -2.71 -27.14 -3.51
C ILE A 9 -1.61 -26.46 -2.70
N PRO A 10 -0.56 -27.18 -2.29
CA PRO A 10 0.51 -26.53 -1.51
C PRO A 10 1.34 -25.62 -2.39
N GLU A 11 1.61 -24.42 -1.87
CA GLU A 11 2.41 -23.47 -2.61
C GLU A 11 3.87 -23.90 -2.59
N THR A 12 4.56 -23.62 -3.70
CA THR A 12 5.92 -24.13 -3.88
C THR A 12 6.87 -23.56 -2.84
N LEU A 13 7.94 -24.30 -2.58
CA LEU A 13 8.96 -23.82 -1.63
C LEU A 13 9.62 -22.55 -2.14
N TYR A 14 9.70 -22.39 -3.45
CA TYR A 14 10.25 -21.16 -4.02
C TYR A 14 9.39 -19.95 -3.64
N ASN A 15 8.07 -20.05 -3.84
CA ASN A 15 7.19 -18.93 -3.54
C ASN A 15 7.07 -18.70 -2.04
N THR A 16 7.07 -19.77 -1.25
CA THR A 16 7.06 -19.61 0.21
C THR A 16 8.34 -18.92 0.68
N ALA A 17 9.48 -19.29 0.13
CA ALA A 17 10.73 -18.65 0.50
C ALA A 17 10.77 -17.20 0.06
N ILE A 18 10.20 -16.90 -1.11
CA ILE A 18 10.10 -15.51 -1.55
C ILE A 18 9.24 -14.70 -0.59
N SER A 19 8.11 -15.27 -0.16
CA SER A 19 7.28 -14.60 0.83
C SER A 19 8.02 -14.42 2.15
N ALA A 20 8.90 -15.35 2.50
CA ALA A 20 9.67 -15.22 3.74
C ALA A 20 10.81 -14.23 3.60
N VAL A 21 11.43 -14.15 2.42
CA VAL A 21 12.51 -13.19 2.20
C VAL A 21 11.96 -11.78 2.12
N VAL A 22 10.84 -11.59 1.42
CA VAL A 22 10.24 -10.27 1.30
C VAL A 22 9.79 -9.76 2.67
N ASP A 23 9.17 -10.64 3.46
CA ASP A 23 8.72 -10.26 4.81
C ASP A 23 9.90 -9.83 5.69
N ASN A 24 11.08 -10.40 5.46
CA ASN A 24 12.29 -10.01 6.16
C ASN A 24 13.08 -8.94 5.41
N TYR A 25 12.37 -8.10 4.64
CA TYR A 25 13.03 -7.26 3.64
C TYR A 25 14.03 -6.31 4.26
N ILE A 26 13.71 -5.71 5.41
CA ILE A 26 14.61 -4.77 6.04
C ILE A 26 15.91 -5.45 6.46
N ARG A 27 15.82 -6.71 6.89
CA ARG A 27 17.01 -7.41 7.36
C ARG A 27 17.83 -8.02 6.23
N SER A 28 17.26 -8.12 5.03
CA SER A 28 17.96 -8.73 3.90
C SER A 28 17.73 -7.92 2.63
N ARG A 29 17.82 -6.60 2.73
CA ARG A 29 17.59 -5.75 1.56
C ARG A 29 18.77 -5.80 0.60
N ARG A 30 19.99 -5.74 1.12
CA ARG A 30 21.17 -5.78 0.26
C ARG A 30 21.60 -7.20 -0.08
N ASP A 31 21.11 -8.20 0.66
CA ASP A 31 21.44 -9.58 0.37
C ASP A 31 20.63 -10.14 -0.79
N ILE A 32 19.50 -9.51 -1.13
CA ILE A 32 18.72 -9.91 -2.29
C ILE A 32 19.47 -9.59 -3.57
N ARG A 33 20.27 -8.52 -3.56
CA ARG A 33 21.03 -8.15 -4.74
C ARG A 33 22.13 -9.13 -5.08
N SER A 34 22.46 -10.06 -4.19
CA SER A 34 23.42 -11.12 -4.47
C SER A 34 22.75 -12.40 -4.92
N LEU A 35 21.42 -12.41 -5.06
CA LEU A 35 20.69 -13.57 -5.53
C LEU A 35 20.88 -13.74 -7.03
N PRO A 36 20.60 -14.94 -7.57
CA PRO A 36 20.56 -15.10 -9.02
C PRO A 36 19.52 -14.21 -9.66
N GLU A 37 19.80 -13.78 -10.89
CA GLU A 37 18.98 -12.77 -11.55
C GLU A 37 17.54 -13.21 -11.77
N ASN A 38 17.27 -14.52 -11.73
CA ASN A 38 15.90 -15.01 -11.85
C ASN A 38 15.17 -15.07 -10.52
N ILE A 39 15.86 -14.81 -9.40
CA ILE A 39 15.25 -14.79 -8.08
C ILE A 39 15.04 -13.35 -7.65
N GLN A 40 15.97 -12.47 -8.04
CA GLN A 40 15.83 -11.06 -7.69
C GLN A 40 14.56 -10.47 -8.28
N PHE A 41 14.28 -10.78 -9.54
CA PHE A 41 13.07 -10.23 -10.13
C PHE A 41 11.82 -10.82 -9.50
N ASP A 42 11.85 -12.09 -9.10
CA ASP A 42 10.69 -12.67 -8.44
C ASP A 42 10.47 -12.03 -7.07
N VAL A 43 11.55 -11.71 -6.36
CA VAL A 43 11.42 -11.01 -5.08
C VAL A 43 10.85 -9.61 -5.29
N TYR A 44 11.33 -8.90 -6.30
CA TYR A 44 10.82 -7.56 -6.58
C TYR A 44 9.37 -7.60 -7.05
N TYR A 45 9.00 -8.62 -7.81
CA TYR A 45 7.60 -8.78 -8.20
C TYR A 45 6.75 -9.12 -7.00
N LYS A 46 7.28 -9.84 -6.01
CA LYS A 46 6.54 -10.05 -4.78
C LYS A 46 6.37 -8.75 -4.01
N LEU A 47 7.38 -7.89 -4.04
CA LEU A 47 7.23 -6.56 -3.44
C LEU A 47 6.12 -5.78 -4.13
N TYR A 48 6.03 -5.88 -5.45
CA TYR A 48 4.94 -5.24 -6.16
C TYR A 48 3.59 -5.84 -5.79
N GLN A 49 3.50 -7.17 -5.74
CA GLN A 49 2.23 -7.84 -5.46
C GLN A 49 1.76 -7.57 -4.04
N GLN A 50 2.68 -7.54 -3.08
CA GLN A 50 2.33 -7.27 -1.69
C GLN A 50 1.88 -5.83 -1.48
N GLY A 51 2.09 -4.95 -2.45
CA GLY A 51 1.75 -3.55 -2.32
C GLY A 51 2.87 -2.66 -1.86
N ARG A 52 4.04 -3.22 -1.54
CA ARG A 52 5.19 -2.44 -1.11
C ARG A 52 5.82 -1.74 -2.32
N LEU A 53 5.07 -0.77 -2.85
CA LEU A 53 5.55 -0.04 -4.01
C LEU A 53 6.66 0.93 -3.67
N CYS A 54 6.77 1.35 -2.41
CA CYS A 54 7.82 2.31 -2.05
C CYS A 54 9.19 1.64 -2.02
N GLN A 55 9.28 0.44 -1.43
CA GLN A 55 10.53 -0.30 -1.42
C GLN A 55 10.94 -0.70 -2.83
N LEU A 56 9.97 -1.16 -3.63
CA LEU A 56 10.23 -1.50 -5.02
C LEU A 56 10.69 -0.30 -5.81
N GLY A 57 10.07 0.85 -5.59
CA GLY A 57 10.49 2.05 -6.29
C GLY A 57 11.88 2.51 -5.90
N SER A 58 12.21 2.36 -4.62
CA SER A 58 13.57 2.68 -4.18
C SER A 58 14.60 1.75 -4.82
N GLU A 59 14.25 0.48 -4.99
CA GLU A 59 15.20 -0.46 -5.59
C GLU A 59 15.32 -0.27 -7.10
N PHE A 60 14.20 -0.06 -7.78
CA PHE A 60 14.22 0.06 -9.25
C PHE A 60 14.82 1.38 -9.70
N CYS A 61 14.92 2.38 -8.82
CA CYS A 61 15.56 3.64 -9.16
C CYS A 61 17.08 3.52 -9.26
N GLU A 62 17.64 2.39 -8.85
CA GLU A 62 19.07 2.15 -8.97
C GLU A 62 19.35 1.34 -10.22
N LEU A 63 20.27 1.82 -11.05
CA LEU A 63 20.55 1.15 -12.31
C LEU A 63 21.20 -0.21 -12.10
N GLU A 64 21.94 -0.38 -11.01
CA GLU A 64 22.55 -1.69 -10.75
C GLU A 64 21.50 -2.74 -10.51
N VAL A 65 20.45 -2.40 -9.77
CA VAL A 65 19.35 -3.34 -9.53
C VAL A 65 18.53 -3.54 -10.80
N PHE A 66 18.19 -2.45 -11.48
CA PHE A 66 17.29 -2.54 -12.62
C PHE A 66 17.93 -3.24 -13.82
N ALA A 67 19.25 -3.17 -13.95
CA ALA A 67 19.91 -3.86 -15.04
C ALA A 67 19.76 -5.37 -14.89
N LYS A 68 19.87 -5.88 -13.67
CA LYS A 68 19.70 -7.32 -13.44
C LYS A 68 18.25 -7.73 -13.60
N VAL A 69 17.31 -6.83 -13.30
CA VAL A 69 15.90 -7.12 -13.53
C VAL A 69 15.61 -7.22 -15.02
N LEU A 70 16.27 -6.38 -15.83
CA LEU A 70 16.06 -6.38 -17.26
C LEU A 70 16.62 -7.62 -17.96
N ARG A 71 17.44 -8.41 -17.28
CA ARG A 71 17.99 -9.62 -17.89
C ARG A 71 17.04 -10.80 -17.84
N ALA A 72 15.90 -10.66 -17.17
CA ALA A 72 14.87 -11.70 -17.15
C ALA A 72 13.85 -11.36 -18.23
N LEU A 73 14.08 -11.87 -19.44
CA LEU A 73 13.23 -11.57 -20.57
C LEU A 73 11.97 -12.42 -20.63
N ASP A 74 11.90 -13.51 -19.85
CA ASP A 74 10.68 -14.31 -19.82
C ASP A 74 9.53 -13.50 -19.24
N LYS A 75 9.78 -12.84 -18.11
CA LYS A 75 8.74 -12.15 -17.36
C LYS A 75 8.79 -10.64 -17.57
N ARG A 76 9.23 -10.20 -18.75
CA ARG A 76 9.24 -8.77 -19.07
C ARG A 76 7.85 -8.18 -19.05
N HIS A 77 6.84 -8.95 -19.48
CA HIS A 77 5.46 -8.48 -19.39
C HIS A 77 5.06 -8.23 -17.95
N LEU A 78 5.67 -8.94 -17.00
CA LEU A 78 5.44 -8.64 -15.59
C LEU A 78 6.20 -7.41 -15.15
N LEU A 79 7.33 -7.11 -15.79
CA LEU A 79 8.09 -5.93 -15.41
C LEU A 79 7.43 -4.66 -15.91
N HIS A 80 6.90 -4.69 -17.13
CA HIS A 80 6.25 -3.52 -17.70
C HIS A 80 5.07 -3.06 -16.87
N HIS A 81 4.41 -3.98 -16.18
CA HIS A 81 3.29 -3.62 -15.32
C HIS A 81 3.75 -3.26 -13.90
N CYS A 82 4.99 -3.58 -13.54
CA CYS A 82 5.56 -3.10 -12.29
C CYS A 82 6.08 -1.69 -12.44
N PHE A 83 6.99 -1.51 -13.41
CA PHE A 83 7.59 -0.21 -13.70
C PHE A 83 6.51 0.86 -13.88
N GLN A 84 5.51 0.57 -14.71
CA GLN A 84 4.43 1.53 -14.92
C GLN A 84 3.72 1.85 -13.63
N ALA A 85 3.48 0.84 -12.79
CA ALA A 85 2.86 1.09 -11.49
C ALA A 85 3.71 2.06 -10.68
N LEU A 86 5.03 1.89 -10.73
CA LEU A 86 5.91 2.85 -10.06
C LEU A 86 5.73 4.24 -10.65
N MET A 87 5.64 4.34 -11.98
CA MET A 87 5.40 5.64 -12.59
C MET A 87 4.02 6.17 -12.26
N ASP A 88 3.07 5.30 -11.89
CA ASP A 88 1.80 5.77 -11.36
C ASP A 88 1.88 6.05 -9.87
N HIS A 89 2.83 5.43 -9.18
CA HIS A 89 3.01 5.65 -7.75
C HIS A 89 3.51 7.06 -7.45
N GLY A 90 4.03 7.76 -8.45
CA GLY A 90 4.60 9.07 -8.28
C GLY A 90 6.11 9.10 -8.28
N VAL A 91 6.76 7.95 -8.11
CA VAL A 91 8.21 7.89 -8.18
C VAL A 91 8.64 7.88 -9.64
N LYS A 92 9.51 8.82 -10.00
CA LYS A 92 9.91 9.01 -11.39
C LYS A 92 11.08 8.08 -11.71
N VAL A 93 10.75 6.79 -11.85
CA VAL A 93 11.77 5.77 -12.01
C VAL A 93 12.47 5.92 -13.36
N ALA A 94 11.72 6.28 -14.40
CA ALA A 94 12.30 6.38 -15.74
C ALA A 94 13.35 7.48 -15.81
N SER A 95 13.02 8.67 -15.30
CA SER A 95 13.97 9.77 -15.35
C SER A 95 15.16 9.52 -14.44
N VAL A 96 14.93 8.88 -13.29
CA VAL A 96 16.04 8.56 -12.39
C VAL A 96 16.99 7.56 -13.05
N LEU A 97 16.44 6.55 -13.71
CA LEU A 97 17.29 5.57 -14.40
C LEU A 97 18.04 6.21 -15.57
N ALA A 98 17.37 7.08 -16.32
CA ALA A 98 18.05 7.77 -17.41
C ALA A 98 19.17 8.66 -16.89
N TYR A 99 18.93 9.38 -15.79
CA TYR A 99 19.95 10.22 -15.19
C TYR A 99 21.11 9.38 -14.67
N SER A 100 20.81 8.24 -14.05
CA SER A 100 21.87 7.36 -13.56
C SER A 100 22.71 6.82 -14.69
N PHE A 101 22.07 6.44 -15.80
CA PHE A 101 22.85 5.95 -16.95
C PHE A 101 23.68 7.06 -17.56
N SER A 102 23.14 8.28 -17.64
CA SER A 102 23.92 9.40 -18.16
C SER A 102 25.12 9.69 -17.27
N ARG A 103 24.93 9.61 -15.94
CA ARG A 103 26.04 9.81 -15.02
C ARG A 103 27.09 8.72 -15.18
N ARG A 104 26.66 7.47 -15.34
CA ARG A 104 27.60 6.38 -15.55
C ARG A 104 28.40 6.58 -16.83
N CYS A 105 27.72 7.01 -17.90
CA CYS A 105 28.40 7.26 -19.16
C CYS A 105 29.39 8.41 -19.05
N SER A 106 29.00 9.49 -18.35
CA SER A 106 29.93 10.60 -18.15
C SER A 106 31.11 10.18 -17.30
N TYR A 107 30.92 9.23 -16.38
CA TYR A 107 32.03 8.75 -15.57
C TYR A 107 32.98 7.87 -16.36
N ILE A 108 32.44 6.99 -17.22
CA ILE A 108 33.27 6.03 -17.94
C ILE A 108 33.64 6.51 -19.33
N ALA A 109 33.37 7.79 -19.66
CA ALA A 109 33.84 8.34 -20.92
C ALA A 109 35.35 8.22 -21.08
N GLU A 110 36.10 8.30 -19.98
CA GLU A 110 37.55 8.11 -20.00
C GLU A 110 37.87 6.70 -19.53
N SER A 111 37.77 5.74 -20.45
CA SER A 111 38.09 4.36 -20.18
C SER A 111 38.43 3.68 -21.51
N ASP A 112 38.53 2.35 -21.48
CA ASP A 112 38.85 1.58 -22.67
C ASP A 112 37.57 1.26 -23.45
N ALA A 113 37.69 0.44 -24.49
CA ALA A 113 36.55 0.05 -25.30
C ALA A 113 35.88 -1.23 -24.80
N ALA A 114 36.35 -1.79 -23.69
CA ALA A 114 35.75 -3.00 -23.14
C ALA A 114 34.55 -2.69 -22.24
N VAL A 115 34.72 -1.74 -21.32
CA VAL A 115 33.61 -1.39 -20.43
C VAL A 115 32.58 -0.52 -21.14
N LYS A 116 33.02 0.24 -22.15
CA LYS A 116 32.07 1.04 -22.93
C LYS A 116 31.09 0.14 -23.69
N GLU A 117 31.59 -0.96 -24.25
CA GLU A 117 30.70 -1.91 -24.93
C GLU A 117 29.74 -2.56 -23.94
N LYS A 118 30.20 -2.82 -22.71
CA LYS A 118 29.31 -3.37 -21.70
C LYS A 118 28.22 -2.37 -21.32
N ALA A 119 28.56 -1.09 -21.21
CA ALA A 119 27.59 -0.08 -20.82
C ALA A 119 26.58 0.19 -21.93
N ILE A 120 27.02 0.14 -23.20
CA ILE A 120 26.10 0.33 -24.31
C ILE A 120 25.07 -0.79 -24.35
N GLN A 121 25.52 -2.03 -24.14
CA GLN A 121 24.59 -3.15 -24.12
C GLN A 121 23.59 -3.04 -22.96
N VAL A 122 24.07 -2.58 -21.80
CA VAL A 122 23.16 -2.22 -20.72
C VAL A 122 22.34 -1.01 -21.11
N GLY A 123 22.94 -0.08 -21.85
CA GLY A 123 22.20 1.08 -22.31
C GLY A 123 21.13 0.74 -23.32
N PHE A 124 21.40 -0.23 -24.20
CA PHE A 124 20.41 -0.59 -25.22
C PHE A 124 19.21 -1.28 -24.61
N VAL A 125 19.42 -2.18 -23.64
CA VAL A 125 18.27 -2.85 -23.03
C VAL A 125 17.46 -1.87 -22.18
N LEU A 126 18.14 -0.95 -21.49
CA LEU A 126 17.41 0.05 -20.71
C LEU A 126 16.64 1.01 -21.60
N GLY A 127 17.26 1.47 -22.69
CA GLY A 127 16.57 2.34 -23.62
C GLY A 127 15.42 1.63 -24.31
N GLY A 128 15.60 0.37 -24.67
CA GLY A 128 14.52 -0.39 -25.25
C GLY A 128 13.36 -0.59 -24.30
N PHE A 129 13.66 -0.80 -23.02
CA PHE A 129 12.59 -0.89 -22.03
C PHE A 129 11.89 0.45 -21.86
N LEU A 130 12.65 1.54 -21.83
CA LEU A 130 12.04 2.85 -21.59
C LEU A 130 11.25 3.34 -22.79
N SER A 131 11.60 2.90 -23.99
CA SER A 131 10.82 3.26 -25.16
C SER A 131 9.70 2.27 -25.43
N ASP A 132 9.81 1.05 -24.93
CA ASP A 132 8.70 0.10 -25.02
C ASP A 132 7.62 0.42 -24.01
N ALA A 133 8.00 0.98 -22.86
CA ALA A 133 7.03 1.41 -21.87
C ALA A 133 6.40 2.75 -22.21
N GLY A 134 6.94 3.47 -23.19
CA GLY A 134 6.38 4.73 -23.61
C GLY A 134 7.06 5.97 -23.06
N TRP A 135 8.19 5.83 -22.40
CA TRP A 135 8.90 6.98 -21.86
C TRP A 135 9.99 7.42 -22.84
N TYR A 136 9.53 7.95 -23.98
CA TYR A 136 10.44 8.32 -25.05
C TYR A 136 11.31 9.50 -24.65
N SER A 137 10.75 10.46 -23.92
CA SER A 137 11.55 11.58 -23.44
C SER A 137 12.62 11.15 -22.45
N ASP A 138 12.41 10.00 -21.80
CA ASP A 138 13.37 9.45 -20.86
C ASP A 138 14.28 8.40 -21.48
N ALA A 139 13.81 7.72 -22.55
CA ALA A 139 14.66 6.83 -23.30
C ALA A 139 15.60 7.59 -24.23
N GLU A 140 15.22 8.80 -24.62
CA GLU A 140 16.07 9.59 -25.52
C GLU A 140 17.37 9.99 -24.84
N LYS A 141 17.34 10.23 -23.52
CA LYS A 141 18.56 10.56 -22.80
C LYS A 141 19.51 9.36 -22.76
N VAL A 142 18.97 8.16 -22.51
CA VAL A 142 19.78 6.95 -22.48
C VAL A 142 20.43 6.71 -23.84
N PHE A 143 19.65 6.85 -24.91
CA PHE A 143 20.19 6.63 -26.24
C PHE A 143 21.13 7.74 -26.66
N LEU A 144 20.93 8.96 -26.16
CA LEU A 144 21.90 10.02 -26.42
C LEU A 144 23.23 9.71 -25.76
N SER A 145 23.20 9.19 -24.53
CA SER A 145 24.45 8.78 -23.87
C SER A 145 25.12 7.65 -24.62
N CYS A 146 24.34 6.67 -25.07
CA CYS A 146 24.90 5.56 -25.85
C CYS A 146 25.51 6.07 -27.15
N LEU A 147 24.85 7.03 -27.81
CA LEU A 147 25.38 7.61 -29.04
C LEU A 147 26.68 8.37 -28.78
N GLN A 148 26.76 9.07 -27.66
CA GLN A 148 28.01 9.76 -27.33
C GLN A 148 29.14 8.76 -27.10
N LEU A 149 28.84 7.65 -26.43
CA LEU A 149 29.85 6.61 -26.25
C LEU A 149 30.29 6.01 -27.59
N CYS A 150 29.34 5.76 -28.49
CA CYS A 150 29.70 5.23 -29.79
C CYS A 150 30.39 6.27 -30.68
N THR A 151 30.23 7.55 -30.35
CA THR A 151 30.83 8.64 -31.13
C THR A 151 32.25 8.96 -30.68
N LEU A 152 32.58 8.73 -29.40
CA LEU A 152 33.92 9.05 -28.90
C LEU A 152 35.01 8.25 -29.61
N HIS A 153 34.67 7.11 -30.22
CA HIS A 153 35.62 6.34 -31.00
C HIS A 153 34.98 5.95 -32.33
N ASP A 154 35.84 5.62 -33.30
CA ASP A 154 35.42 5.45 -34.69
C ASP A 154 35.91 4.12 -35.26
N GLU A 155 35.70 3.03 -34.53
CA GLU A 155 36.03 1.72 -35.05
C GLU A 155 34.81 1.10 -35.74
N MET A 156 34.98 -0.13 -36.23
CA MET A 156 33.92 -0.79 -36.98
C MET A 156 32.75 -1.15 -36.08
N LEU A 157 33.03 -1.78 -34.93
CA LEU A 157 31.96 -2.17 -34.02
C LEU A 157 31.27 -0.96 -33.42
N HIS A 158 32.03 0.09 -33.12
CA HIS A 158 31.41 1.31 -32.62
C HIS A 158 30.59 2.01 -33.70
N TRP A 159 30.99 1.89 -34.97
CA TRP A 159 30.15 2.40 -36.05
C TRP A 159 28.84 1.63 -36.13
N PHE A 160 28.91 0.31 -36.02
CA PHE A 160 27.69 -0.49 -36.01
C PHE A 160 26.78 -0.11 -34.84
N ARG A 161 27.37 0.08 -33.66
CA ARG A 161 26.58 0.43 -32.49
C ARG A 161 26.01 1.84 -32.61
N ALA A 162 26.75 2.76 -33.23
CA ALA A 162 26.23 4.10 -33.46
C ALA A 162 25.06 4.09 -34.43
N VAL A 163 25.13 3.26 -35.47
CA VAL A 163 23.99 3.14 -36.39
C VAL A 163 22.80 2.52 -35.67
N GLU A 164 23.04 1.45 -34.91
CA GLU A 164 21.96 0.80 -34.17
C GLU A 164 21.39 1.68 -33.08
N CYS A 165 22.15 2.68 -32.63
CA CYS A 165 21.68 3.61 -31.62
C CYS A 165 20.97 4.81 -32.22
N CYS A 166 21.36 5.23 -33.43
CA CYS A 166 20.59 6.26 -34.13
C CYS A 166 19.31 5.72 -34.73
N VAL A 167 19.22 4.41 -34.96
CA VAL A 167 17.94 3.81 -35.31
C VAL A 167 16.95 3.93 -34.16
N ARG A 168 17.40 3.64 -32.95
CA ARG A 168 16.52 3.70 -31.78
C ARG A 168 16.30 5.13 -31.32
N LEU A 169 17.29 6.01 -31.52
CA LEU A 169 17.12 7.42 -31.18
C LEU A 169 16.12 8.10 -32.10
N LEU A 170 16.07 7.67 -33.37
CA LEU A 170 15.04 8.16 -34.28
C LEU A 170 13.65 7.69 -33.85
N HIS A 171 13.55 6.46 -33.34
CA HIS A 171 12.27 5.93 -32.90
C HIS A 171 11.73 6.67 -31.69
N VAL A 172 12.61 6.99 -30.73
CA VAL A 172 12.18 7.70 -29.53
C VAL A 172 11.98 9.19 -29.77
N ARG A 173 12.38 9.70 -30.93
CA ARG A 173 12.11 11.07 -31.33
C ARG A 173 10.96 11.17 -32.30
N ASN A 174 10.35 10.04 -32.67
CA ASN A 174 9.11 10.02 -33.45
C ASN A 174 7.89 9.91 -32.55
N GLY A 175 7.93 8.99 -31.58
CA GLY A 175 6.85 8.85 -30.64
C GLY A 175 6.79 9.95 -29.60
N ASN A 176 7.83 10.76 -29.51
CA ASN A 176 7.85 11.92 -28.64
C ASN A 176 7.45 13.19 -29.37
N CYS A 177 7.09 13.08 -30.65
CA CYS A 177 6.68 14.22 -31.48
C CYS A 177 7.78 15.26 -31.62
N LYS A 178 9.03 14.82 -31.57
CA LYS A 178 10.18 15.66 -31.90
C LYS A 178 10.60 15.40 -33.34
N TYR A 179 9.73 15.80 -34.27
CA TYR A 179 9.96 15.55 -35.68
C TYR A 179 11.04 16.44 -36.28
N HIS A 180 11.37 17.55 -35.63
CA HIS A 180 12.42 18.41 -36.13
C HIS A 180 13.81 17.84 -35.87
N LEU A 181 13.98 17.13 -34.76
CA LEU A 181 15.24 16.44 -34.49
C LEU A 181 15.34 15.09 -35.16
N GLY A 182 14.22 14.56 -35.67
CA GLY A 182 14.28 13.29 -36.36
C GLY A 182 15.10 13.35 -37.64
N GLU A 183 15.00 14.46 -38.36
CA GLU A 183 15.81 14.63 -39.56
C GLU A 183 17.30 14.68 -39.23
N GLU A 184 17.66 15.37 -38.14
CA GLU A 184 19.05 15.41 -37.71
C GLU A 184 19.54 14.03 -37.31
N THR A 185 18.72 13.28 -36.58
CA THR A 185 19.12 11.93 -36.17
C THR A 185 19.29 11.02 -37.37
N PHE A 186 18.38 11.12 -38.35
CA PHE A 186 18.55 10.33 -39.56
C PHE A 186 19.77 10.75 -40.35
N LYS A 187 20.12 12.04 -40.32
CA LYS A 187 21.33 12.48 -41.00
C LYS A 187 22.58 11.92 -40.32
N LEU A 188 22.60 11.89 -38.99
CA LEU A 188 23.71 11.27 -38.28
C LEU A 188 23.82 9.78 -38.61
N ALA A 189 22.68 9.09 -38.64
CA ALA A 189 22.68 7.67 -38.99
C ALA A 189 23.17 7.46 -40.41
N GLN A 190 22.74 8.32 -41.33
CA GLN A 190 23.16 8.21 -42.72
C GLN A 190 24.65 8.45 -42.86
N THR A 191 25.18 9.43 -42.12
CA THR A 191 26.62 9.69 -42.12
C THR A 191 27.40 8.48 -41.62
N TYR A 192 26.94 7.88 -40.52
CA TYR A 192 27.62 6.70 -39.99
C TYR A 192 27.52 5.53 -40.94
N MET A 193 26.39 5.38 -41.63
CA MET A 193 26.24 4.28 -42.58
C MET A 193 27.11 4.49 -43.80
N ASP A 194 27.26 5.73 -44.26
CA ASP A 194 28.17 6.03 -45.36
C ASP A 194 29.61 5.75 -44.98
N LYS A 195 30.00 6.13 -43.75
CA LYS A 195 31.34 5.79 -43.28
C LYS A 195 31.51 4.29 -43.13
N LEU A 196 30.44 3.57 -42.80
CA LEU A 196 30.51 2.11 -42.72
C LEU A 196 30.75 1.51 -44.10
N SER A 197 29.97 1.92 -45.08
CA SER A 197 30.11 1.40 -46.44
C SER A 197 31.40 1.87 -47.11
N LYS A 198 32.01 2.94 -46.60
CA LYS A 198 33.32 3.36 -47.09
C LYS A 198 34.37 2.29 -46.81
N HIS A 199 34.31 1.66 -45.64
CA HIS A 199 35.29 0.65 -45.26
C HIS A 199 34.96 -0.74 -45.81
N GLY A 200 33.87 -0.88 -46.55
CA GLY A 200 33.53 -2.15 -47.17
C GLY A 200 32.60 -3.03 -46.37
N GLN A 201 32.10 -2.57 -45.24
CA GLN A 201 31.17 -3.33 -44.41
C GLN A 201 29.82 -2.61 -44.42
N GLN A 202 28.77 -3.31 -44.84
CA GLN A 202 27.46 -2.72 -45.05
C GLN A 202 26.51 -3.14 -43.94
N ALA A 203 25.81 -2.16 -43.38
CA ALA A 203 24.79 -2.42 -42.36
C ALA A 203 23.42 -2.31 -43.00
N ASN A 204 22.52 -3.22 -42.61
CA ASN A 204 21.19 -3.23 -43.19
C ASN A 204 20.40 -2.00 -42.74
N LYS A 205 19.59 -1.47 -43.65
CA LYS A 205 18.95 -0.17 -43.47
C LYS A 205 17.43 -0.28 -43.36
N ALA A 206 16.91 -1.46 -43.05
CA ALA A 206 15.46 -1.63 -43.00
C ALA A 206 14.85 -0.90 -41.82
N ALA A 207 15.42 -1.06 -40.63
CA ALA A 207 14.84 -0.45 -39.44
C ALA A 207 14.94 1.07 -39.51
N LEU A 208 16.09 1.60 -39.94
CA LEU A 208 16.26 3.05 -40.01
C LEU A 208 15.32 3.66 -41.05
N TYR A 209 15.20 3.04 -42.22
CA TYR A 209 14.31 3.58 -43.23
C TYR A 209 12.85 3.44 -42.83
N GLY A 210 12.50 2.39 -42.08
CA GLY A 210 11.16 2.30 -41.55
C GLY A 210 10.85 3.38 -40.52
N GLU A 211 11.81 3.67 -39.64
CA GLU A 211 11.63 4.75 -38.68
C GLU A 211 11.52 6.10 -39.38
N LEU A 212 12.30 6.30 -40.44
CA LEU A 212 12.17 7.54 -41.21
C LEU A 212 10.85 7.60 -41.96
N CYS A 213 10.33 6.44 -42.40
CA CYS A 213 9.00 6.41 -42.99
C CYS A 213 7.95 6.83 -41.97
N ALA A 214 8.07 6.35 -40.73
CA ALA A 214 7.14 6.77 -39.69
C ALA A 214 7.27 8.25 -39.40
N LEU A 215 8.51 8.76 -39.40
CA LEU A 215 8.75 10.20 -39.22
C LEU A 215 8.04 11.01 -40.30
N LEU A 216 8.26 10.65 -41.56
CA LEU A 216 7.73 11.46 -42.65
C LEU A 216 6.23 11.28 -42.82
N PHE A 217 5.69 10.15 -42.38
CA PHE A 217 4.24 10.01 -42.35
C PHE A 217 3.63 10.85 -41.24
N ALA A 218 4.28 10.88 -40.07
CA ALA A 218 3.75 11.66 -38.96
C ALA A 218 3.81 13.16 -39.25
N LYS A 219 4.74 13.59 -40.10
CA LYS A 219 4.78 14.97 -40.56
C LYS A 219 3.83 15.22 -41.72
N SER A 220 3.10 14.19 -42.17
CA SER A 220 2.22 14.26 -43.32
C SER A 220 2.99 14.67 -44.58
N HIS A 221 3.98 13.84 -44.91
CA HIS A 221 4.77 13.95 -46.12
C HIS A 221 4.58 12.70 -46.94
N TYR A 222 3.32 12.31 -47.16
CA TYR A 222 2.96 10.95 -47.56
C TYR A 222 3.69 10.49 -48.81
N ASP A 223 4.04 11.41 -49.71
CA ASP A 223 4.81 11.01 -50.89
C ASP A 223 6.21 10.54 -50.50
N GLU A 224 6.91 11.34 -49.70
CA GLU A 224 8.22 10.93 -49.20
C GLU A 224 8.10 9.74 -48.26
N ALA A 225 7.00 9.67 -47.50
CA ALA A 225 6.78 8.52 -46.64
C ALA A 225 6.68 7.23 -47.46
N TYR A 226 5.96 7.27 -48.59
CA TYR A 226 5.86 6.09 -49.44
C TYR A 226 7.18 5.80 -50.15
N LYS A 227 7.93 6.83 -50.51
CA LYS A 227 9.24 6.60 -51.13
C LYS A 227 10.17 5.87 -50.18
N TRP A 228 10.23 6.33 -48.93
CA TRP A 228 11.07 5.64 -47.95
C TRP A 228 10.46 4.32 -47.50
N CYS A 229 9.15 4.16 -47.64
CA CYS A 229 8.54 2.84 -47.48
C CYS A 229 9.10 1.85 -48.49
N ILE A 230 9.13 2.24 -49.76
CA ILE A 230 9.70 1.38 -50.79
C ILE A 230 11.18 1.11 -50.52
N GLU A 231 11.90 2.16 -50.12
CA GLU A 231 13.32 1.99 -49.82
C GLU A 231 13.55 1.07 -48.62
N ALA A 232 12.64 1.08 -47.64
CA ALA A 232 12.77 0.19 -46.49
C ALA A 232 12.46 -1.25 -46.87
N MET A 233 11.38 -1.46 -47.62
CA MET A 233 11.03 -2.81 -48.04
C MET A 233 12.02 -3.38 -49.04
N LYS A 234 12.80 -2.52 -49.72
CA LYS A 234 13.90 -3.00 -50.54
C LYS A 234 15.05 -3.55 -49.73
N GLU A 235 15.05 -3.36 -48.41
CA GLU A 235 16.16 -3.76 -47.56
C GLU A 235 15.74 -4.75 -46.49
N ILE A 236 14.69 -5.53 -46.74
CA ILE A 236 14.25 -6.58 -45.83
C ILE A 236 14.84 -7.90 -46.31
N THR A 237 15.60 -8.54 -45.44
CA THR A 237 16.20 -9.85 -45.71
C THR A 237 15.52 -10.90 -44.82
N ALA A 238 16.02 -12.13 -44.92
CA ALA A 238 15.48 -13.22 -44.11
C ALA A 238 16.11 -13.30 -42.73
N GLY A 239 17.19 -12.56 -42.47
CA GLY A 239 17.88 -12.60 -41.20
C GLY A 239 17.57 -11.48 -40.24
N LEU A 240 16.66 -10.57 -40.59
CA LEU A 240 16.32 -9.49 -39.69
C LEU A 240 15.57 -10.00 -38.47
N PRO A 241 15.67 -9.30 -37.34
CA PRO A 241 14.82 -9.63 -36.20
C PRO A 241 13.35 -9.42 -36.55
N VAL A 242 12.48 -10.18 -35.90
CA VAL A 242 11.06 -10.10 -36.20
C VAL A 242 10.52 -8.74 -35.84
N LYS A 243 11.08 -8.09 -34.81
CA LYS A 243 10.64 -6.74 -34.45
C LYS A 243 10.89 -5.75 -35.59
N VAL A 244 12.04 -5.84 -36.24
CA VAL A 244 12.37 -4.92 -37.33
C VAL A 244 11.42 -5.13 -38.50
N VAL A 245 11.19 -6.39 -38.87
CA VAL A 245 10.28 -6.69 -39.98
C VAL A 245 8.87 -6.24 -39.65
N VAL A 246 8.44 -6.46 -38.41
CA VAL A 246 7.10 -6.04 -38.00
C VAL A 246 6.96 -4.52 -38.06
N ASP A 247 7.96 -3.79 -37.57
CA ASP A 247 7.89 -2.33 -37.61
C ASP A 247 7.85 -1.81 -39.04
N VAL A 248 8.69 -2.38 -39.92
CA VAL A 248 8.73 -1.92 -41.30
C VAL A 248 7.41 -2.26 -42.00
N LEU A 249 6.84 -3.44 -41.71
CA LEU A 249 5.56 -3.80 -42.28
C LEU A 249 4.46 -2.86 -41.82
N ARG A 250 4.44 -2.51 -40.53
CA ARG A 250 3.43 -1.59 -40.01
C ARG A 250 3.52 -0.23 -40.69
N GLN A 251 4.71 0.36 -40.70
CA GLN A 251 4.86 1.68 -41.28
C GLN A 251 4.65 1.67 -42.78
N ALA A 252 5.01 0.56 -43.44
CA ALA A 252 4.72 0.40 -44.86
C ALA A 252 3.23 0.37 -45.13
N SER A 253 2.47 -0.36 -44.29
CA SER A 253 1.04 -0.40 -44.45
C SER A 253 0.41 0.96 -44.23
N LYS A 254 0.89 1.70 -43.23
CA LYS A 254 0.35 3.03 -42.96
C LYS A 254 0.64 3.98 -44.12
N ALA A 255 1.86 3.91 -44.68
CA ALA A 255 2.20 4.75 -45.82
C ALA A 255 1.36 4.41 -47.04
N CYS A 256 1.12 3.11 -47.27
CA CYS A 256 0.28 2.70 -48.39
C CYS A 256 -1.16 3.17 -48.19
N VAL A 257 -1.66 3.11 -46.96
CA VAL A 257 -3.02 3.58 -46.67
C VAL A 257 -3.14 5.07 -46.98
N VAL A 258 -2.21 5.88 -46.45
CA VAL A 258 -2.31 7.32 -46.68
C VAL A 258 -1.90 7.72 -48.09
N LYS A 259 -1.33 6.80 -48.86
CA LYS A 259 -1.11 7.01 -50.29
C LYS A 259 -2.27 6.51 -51.13
N ARG A 260 -3.34 6.01 -50.49
CA ARG A 260 -4.52 5.47 -51.15
C ARG A 260 -4.15 4.27 -52.05
N GLU A 261 -3.56 3.27 -51.41
CA GLU A 261 -3.14 2.03 -52.06
C GLU A 261 -3.53 0.83 -51.22
N PHE A 262 -4.81 0.77 -50.85
CA PHE A 262 -5.30 -0.24 -49.90
C PHE A 262 -5.11 -1.67 -50.39
N LYS A 263 -4.90 -1.88 -51.69
CA LYS A 263 -4.71 -3.23 -52.20
C LYS A 263 -3.41 -3.85 -51.71
N LYS A 264 -2.38 -3.05 -51.49
CA LYS A 264 -1.12 -3.55 -50.95
C LYS A 264 -1.04 -3.39 -49.44
N ALA A 265 -1.66 -2.34 -48.91
CA ALA A 265 -1.68 -2.14 -47.46
C ALA A 265 -2.35 -3.30 -46.74
N GLU A 266 -3.35 -3.92 -47.37
CA GLU A 266 -4.04 -5.04 -46.73
C GLU A 266 -3.08 -6.21 -46.50
N GLN A 267 -2.33 -6.61 -47.53
CA GLN A 267 -1.42 -7.73 -47.36
C GLN A 267 -0.28 -7.37 -46.42
N LEU A 268 0.22 -6.13 -46.51
CA LEU A 268 1.29 -5.70 -45.62
C LEU A 268 0.87 -5.77 -44.16
N ILE A 269 -0.27 -5.16 -43.82
CA ILE A 269 -0.65 -5.11 -42.41
C ILE A 269 -1.17 -6.46 -41.92
N LYS A 270 -1.83 -7.26 -42.76
CA LYS A 270 -2.27 -8.57 -42.32
C LYS A 270 -1.06 -9.48 -42.07
N HIS A 271 -0.03 -9.39 -42.91
CA HIS A 271 1.18 -10.15 -42.63
C HIS A 271 1.89 -9.65 -41.38
N ALA A 272 1.87 -8.33 -41.15
CA ALA A 272 2.45 -7.80 -39.92
C ALA A 272 1.73 -8.34 -38.69
N VAL A 273 0.40 -8.36 -38.72
CA VAL A 273 -0.38 -8.87 -37.60
C VAL A 273 -0.11 -10.35 -37.40
N TYR A 274 -0.03 -11.11 -38.50
CA TYR A 274 0.27 -12.54 -38.38
C TYR A 274 1.64 -12.78 -37.77
N LEU A 275 2.65 -12.02 -38.23
CA LEU A 275 4.00 -12.18 -37.68
C LEU A 275 4.05 -11.83 -36.20
N ALA A 276 3.37 -10.74 -35.82
CA ALA A 276 3.37 -10.32 -34.42
C ALA A 276 2.66 -11.35 -33.54
N ARG A 277 1.51 -11.86 -33.99
CA ARG A 277 0.77 -12.84 -33.21
C ARG A 277 1.49 -14.18 -33.16
N ASP A 278 2.29 -14.48 -34.17
CA ASP A 278 3.05 -15.73 -34.19
C ASP A 278 4.25 -15.66 -33.27
N HIS A 279 5.18 -14.74 -33.54
CA HIS A 279 6.43 -14.72 -32.78
C HIS A 279 6.21 -14.25 -31.35
N PHE A 280 5.48 -13.15 -31.16
CA PHE A 280 5.37 -12.53 -29.85
C PHE A 280 4.27 -13.16 -29.01
N GLY A 281 3.03 -13.12 -29.51
CA GLY A 281 1.91 -13.65 -28.79
C GLY A 281 0.71 -12.73 -28.86
N SER A 282 -0.41 -13.14 -28.28
CA SER A 282 -1.64 -12.36 -28.32
C SER A 282 -1.71 -11.33 -27.22
N LYS A 283 -0.72 -11.24 -26.34
CA LYS A 283 -0.73 -10.33 -25.21
C LYS A 283 0.59 -9.57 -25.12
N HIS A 284 1.18 -9.23 -26.26
CA HIS A 284 2.45 -8.54 -26.34
C HIS A 284 2.26 -7.09 -26.76
N PRO A 285 3.07 -6.17 -26.25
CA PRO A 285 2.95 -4.77 -26.70
C PRO A 285 3.16 -4.57 -28.20
N LYS A 286 4.08 -5.33 -28.81
CA LYS A 286 4.29 -5.18 -30.24
C LYS A 286 3.10 -5.69 -31.03
N TYR A 287 2.47 -6.76 -30.56
CA TYR A 287 1.23 -7.22 -31.17
C TYR A 287 0.14 -6.15 -31.04
N SER A 288 0.13 -5.43 -29.92
CA SER A 288 -0.84 -4.35 -29.75
C SER A 288 -0.56 -3.21 -30.72
N ASP A 289 0.72 -2.92 -30.98
CA ASP A 289 1.05 -1.89 -31.96
C ASP A 289 0.62 -2.30 -33.37
N THR A 290 0.82 -3.57 -33.71
CA THR A 290 0.35 -4.07 -35.00
C THR A 290 -1.16 -4.00 -35.10
N LEU A 291 -1.86 -4.33 -34.02
CA LEU A 291 -3.32 -4.21 -34.01
C LEU A 291 -3.74 -2.75 -34.15
N LEU A 292 -2.99 -1.83 -33.56
CA LEU A 292 -3.34 -0.42 -33.66
C LEU A 292 -3.19 0.07 -35.11
N ASP A 293 -2.10 -0.33 -35.78
CA ASP A 293 -1.94 0.08 -37.17
C ASP A 293 -2.92 -0.66 -38.09
N TYR A 294 -3.31 -1.88 -37.72
CA TYR A 294 -4.33 -2.61 -38.48
C TYR A 294 -5.69 -1.95 -38.31
N GLY A 295 -5.98 -1.43 -37.12
CA GLY A 295 -7.19 -0.65 -36.94
C GLY A 295 -7.16 0.64 -37.72
N PHE A 296 -5.98 1.26 -37.83
CA PHE A 296 -5.83 2.43 -38.70
C PHE A 296 -6.18 2.09 -40.13
N TYR A 297 -5.61 0.99 -40.64
CA TYR A 297 -5.96 0.50 -41.97
C TYR A 297 -7.46 0.28 -42.12
N LEU A 298 -8.07 -0.47 -41.20
CA LEU A 298 -9.47 -0.80 -41.33
C LEU A 298 -10.37 0.42 -41.23
N LEU A 299 -9.99 1.40 -40.41
CA LEU A 299 -10.76 2.62 -40.31
C LEU A 299 -10.66 3.45 -41.59
N ASN A 300 -9.52 3.39 -42.28
CA ASN A 300 -9.34 4.18 -43.48
C ASN A 300 -9.80 3.48 -44.76
N VAL A 301 -10.37 2.27 -44.67
CA VAL A 301 -10.85 1.59 -45.85
C VAL A 301 -12.35 1.36 -45.77
N ASP A 302 -13.06 2.27 -45.09
CA ASP A 302 -14.51 2.21 -44.93
C ASP A 302 -14.94 0.88 -44.31
N ASN A 303 -14.16 0.39 -43.36
CA ASN A 303 -14.42 -0.85 -42.65
C ASN A 303 -14.43 -0.57 -41.15
N ILE A 304 -15.17 0.48 -40.76
CA ILE A 304 -15.07 1.02 -39.41
C ILE A 304 -15.59 0.03 -38.38
N CYS A 305 -16.61 -0.75 -38.73
CA CYS A 305 -17.24 -1.65 -37.76
C CYS A 305 -16.26 -2.67 -37.20
N GLN A 306 -15.34 -3.16 -38.04
CA GLN A 306 -14.31 -4.06 -37.55
C GLN A 306 -13.22 -3.31 -36.79
N SER A 307 -12.97 -2.04 -37.14
CA SER A 307 -11.87 -1.29 -36.53
C SER A 307 -12.07 -1.13 -35.04
N VAL A 308 -13.31 -0.89 -34.60
CA VAL A 308 -13.60 -0.83 -33.17
C VAL A 308 -13.23 -2.15 -32.50
N ALA A 309 -13.50 -3.27 -33.17
CA ALA A 309 -13.12 -4.57 -32.64
C ALA A 309 -11.61 -4.76 -32.63
N ILE A 310 -10.88 -3.98 -33.41
CA ILE A 310 -9.42 -4.09 -33.44
C ILE A 310 -8.77 -3.17 -32.43
N TYR A 311 -9.23 -1.92 -32.35
CA TYR A 311 -8.71 -0.98 -31.37
C TYR A 311 -8.99 -1.44 -29.95
N GLN A 312 -10.19 -1.98 -29.70
CA GLN A 312 -10.49 -2.52 -28.38
C GLN A 312 -9.60 -3.72 -28.08
N ALA A 313 -9.30 -4.53 -29.10
CA ALA A 313 -8.32 -5.60 -28.91
C ALA A 313 -6.94 -5.04 -28.66
N ALA A 314 -6.56 -3.97 -29.37
CA ALA A 314 -5.27 -3.33 -29.15
C ALA A 314 -5.18 -2.68 -27.79
N LEU A 315 -6.27 -2.05 -27.34
CA LEU A 315 -6.26 -1.38 -26.04
C LEU A 315 -6.21 -2.39 -24.91
N ASP A 316 -6.98 -3.47 -25.01
CA ASP A 316 -7.04 -4.45 -23.93
C ASP A 316 -5.70 -5.15 -23.74
N ILE A 317 -4.90 -5.25 -24.80
CA ILE A 317 -3.53 -5.75 -24.64
C ILE A 317 -2.69 -4.71 -23.93
N ARG A 318 -2.86 -3.43 -24.26
CA ARG A 318 -2.03 -2.38 -23.70
C ARG A 318 -2.41 -2.06 -22.26
N GLN A 319 -3.69 -2.19 -21.90
CA GLN A 319 -4.06 -2.04 -20.49
C GLN A 319 -3.59 -3.21 -19.65
N SER A 320 -3.32 -4.36 -20.26
CA SER A 320 -2.84 -5.50 -19.49
C SER A 320 -1.34 -5.43 -19.23
N VAL A 321 -0.55 -5.24 -20.29
CA VAL A 321 0.90 -5.26 -20.14
C VAL A 321 1.38 -3.99 -19.44
N PHE A 322 0.76 -2.85 -19.72
CA PHE A 322 1.22 -1.57 -19.17
C PHE A 322 0.38 -1.11 -17.98
N GLY A 323 -0.91 -0.93 -18.16
CA GLY A 323 -1.76 -0.38 -17.13
C GLY A 323 -2.05 1.09 -17.38
N GLY A 324 -2.69 1.70 -16.39
CA GLY A 324 -3.14 3.07 -16.54
C GLY A 324 -2.00 4.07 -16.55
N LYS A 325 -2.35 5.28 -17.00
CA LYS A 325 -1.43 6.43 -17.05
C LYS A 325 -0.18 6.12 -17.87
N ASN A 326 -0.39 5.60 -19.08
CA ASN A 326 0.68 5.35 -20.02
C ASN A 326 0.32 5.91 -21.38
N ILE A 327 1.33 6.42 -22.10
CA ILE A 327 1.08 7.00 -23.41
C ILE A 327 0.67 5.93 -24.41
N HIS A 328 1.14 4.69 -24.22
CA HIS A 328 0.74 3.62 -25.13
C HIS A 328 -0.71 3.23 -24.89
N VAL A 329 -1.19 3.31 -23.66
CA VAL A 329 -2.61 3.16 -23.39
C VAL A 329 -3.36 4.40 -23.86
N ALA A 330 -2.76 5.58 -23.69
CA ALA A 330 -3.42 6.82 -24.10
C ALA A 330 -3.60 6.87 -25.62
N THR A 331 -2.62 6.41 -26.38
CA THR A 331 -2.79 6.36 -27.84
C THR A 331 -3.86 5.36 -28.22
N ALA A 332 -3.92 4.22 -27.54
CA ALA A 332 -4.97 3.25 -27.80
C ALA A 332 -6.34 3.83 -27.48
N HIS A 333 -6.42 4.64 -26.43
CA HIS A 333 -7.69 5.28 -26.08
C HIS A 333 -8.09 6.31 -27.11
N GLU A 334 -7.17 7.20 -27.48
CA GLU A 334 -7.49 8.25 -28.44
C GLU A 334 -7.74 7.70 -29.84
N ASP A 335 -7.25 6.51 -30.14
CA ASP A 335 -7.57 5.88 -31.41
C ASP A 335 -8.89 5.13 -31.35
N LEU A 336 -9.15 4.44 -30.24
CA LEU A 336 -10.44 3.77 -30.06
C LEU A 336 -11.56 4.79 -29.92
N ALA A 337 -11.29 5.93 -29.30
CA ALA A 337 -12.31 6.95 -29.15
C ALA A 337 -12.72 7.52 -30.51
N TYR A 338 -11.74 7.74 -31.39
CA TYR A 338 -12.08 8.24 -32.73
C TYR A 338 -12.82 7.19 -33.55
N SER A 339 -12.40 5.93 -33.44
CA SER A 339 -13.07 4.88 -34.20
C SER A 339 -14.47 4.62 -33.67
N SER A 340 -14.65 4.66 -32.35
CA SER A 340 -16.00 4.58 -31.79
C SER A 340 -16.83 5.80 -32.17
N TYR A 341 -16.19 6.96 -32.30
CA TYR A 341 -16.89 8.15 -32.76
C TYR A 341 -17.34 7.98 -34.21
N VAL A 342 -16.46 7.44 -35.07
CA VAL A 342 -16.83 7.27 -36.47
C VAL A 342 -17.87 6.16 -36.63
N HIS A 343 -17.67 5.04 -35.94
CA HIS A 343 -18.62 3.93 -36.05
C HIS A 343 -19.98 4.31 -35.51
N GLN A 344 -20.01 4.83 -34.29
CA GLN A 344 -21.26 5.25 -33.65
C GLN A 344 -21.52 6.74 -33.88
N TYR A 345 -21.48 7.13 -35.15
CA TYR A 345 -21.73 8.51 -35.55
C TYR A 345 -23.19 8.76 -35.88
N SER A 346 -23.73 7.98 -36.82
CA SER A 346 -25.15 8.10 -37.15
C SER A 346 -26.03 7.57 -36.02
N SER A 347 -25.52 6.62 -35.24
CA SER A 347 -26.29 6.11 -34.10
C SER A 347 -26.43 7.16 -33.01
N GLY A 348 -25.46 8.05 -32.87
CA GLY A 348 -25.52 9.09 -31.86
C GLY A 348 -25.13 8.66 -30.47
N LYS A 349 -24.63 7.44 -30.30
CA LYS A 349 -24.32 6.89 -28.97
C LYS A 349 -22.86 7.14 -28.63
N PHE A 350 -22.54 8.40 -28.36
CA PHE A 350 -21.17 8.78 -28.01
C PHE A 350 -20.92 8.68 -26.51
N ASP A 351 -21.24 7.52 -25.95
CA ASP A 351 -21.01 7.25 -24.53
C ASP A 351 -19.70 6.52 -24.30
N ASN A 352 -19.46 5.45 -25.06
CA ASN A 352 -18.16 4.78 -24.99
C ASN A 352 -17.07 5.59 -25.66
N ALA A 353 -17.42 6.34 -26.72
CA ALA A 353 -16.42 7.14 -27.43
C ALA A 353 -15.88 8.25 -26.54
N LEU A 354 -16.75 8.93 -25.79
CA LEU A 354 -16.29 10.01 -24.92
C LEU A 354 -15.54 9.46 -23.72
N PHE A 355 -15.94 8.29 -23.22
CA PHE A 355 -15.25 7.70 -22.08
C PHE A 355 -13.80 7.38 -22.40
N HIS A 356 -13.54 6.94 -23.64
CA HIS A 356 -12.16 6.67 -24.05
C HIS A 356 -11.40 7.96 -24.31
N ALA A 357 -12.04 8.95 -24.93
CA ALA A 357 -11.37 10.21 -25.19
C ALA A 357 -11.10 10.99 -23.90
N GLU A 358 -11.92 10.78 -22.86
CA GLU A 358 -11.62 11.37 -21.57
C GLU A 358 -10.37 10.77 -20.95
N ARG A 359 -10.20 9.45 -21.08
CA ARG A 359 -9.00 8.81 -20.54
C ARG A 359 -7.76 9.17 -21.32
N ALA A 360 -7.88 9.37 -22.64
CA ALA A 360 -6.71 9.75 -23.44
C ALA A 360 -6.15 11.09 -22.99
N ILE A 361 -7.02 12.09 -22.84
CA ILE A 361 -6.57 13.39 -22.34
C ILE A 361 -6.18 13.29 -20.88
N GLY A 362 -6.91 12.50 -20.09
CA GLY A 362 -6.60 12.33 -18.69
C GLY A 362 -5.27 11.65 -18.43
N ILE A 363 -4.77 10.89 -19.39
CA ILE A 363 -3.46 10.27 -19.28
C ILE A 363 -2.38 11.17 -19.87
N ILE A 364 -2.65 11.76 -21.04
CA ILE A 364 -1.62 12.56 -21.72
C ILE A 364 -1.32 13.83 -20.95
N THR A 365 -2.35 14.45 -20.35
CA THR A 365 -2.12 15.66 -19.56
C THR A 365 -1.25 15.37 -18.35
N HIS A 366 -1.35 14.16 -17.78
CA HIS A 366 -0.56 13.83 -16.60
C HIS A 366 0.91 13.60 -16.96
N ILE A 367 1.18 12.93 -18.07
CA ILE A 367 2.53 12.45 -18.37
C ILE A 367 3.28 13.34 -19.35
N LEU A 368 2.61 14.22 -20.07
CA LEU A 368 3.26 15.07 -21.06
C LEU A 368 2.90 16.53 -20.82
N PRO A 369 3.77 17.45 -21.22
CA PRO A 369 3.47 18.88 -21.02
C PRO A 369 2.30 19.33 -21.87
N GLU A 370 1.77 20.51 -21.50
CA GLU A 370 0.61 21.05 -22.19
C GLU A 370 0.91 21.47 -23.62
N ASP A 371 2.18 21.64 -23.98
CA ASP A 371 2.58 22.06 -25.31
C ASP A 371 3.08 20.90 -26.16
N HIS A 372 2.58 19.69 -25.91
CA HIS A 372 3.04 18.50 -26.61
C HIS A 372 2.04 18.12 -27.69
N LEU A 373 2.55 17.69 -28.85
CA LEU A 373 1.68 17.43 -29.99
C LEU A 373 0.75 16.25 -29.75
N LEU A 374 1.17 15.26 -28.96
CA LEU A 374 0.32 14.11 -28.69
C LEU A 374 -0.95 14.51 -27.97
N LEU A 375 -0.94 15.63 -27.25
CA LEU A 375 -2.15 16.12 -26.61
C LEU A 375 -3.11 16.75 -27.62
N ALA A 376 -2.59 17.20 -28.77
CA ALA A 376 -3.45 17.78 -29.79
C ALA A 376 -4.39 16.75 -30.39
N SER A 377 -3.89 15.54 -30.66
CA SER A 377 -4.73 14.52 -31.28
C SER A 377 -5.76 13.99 -30.30
N SER A 378 -5.44 13.95 -29.01
CA SER A 378 -6.41 13.50 -28.02
C SER A 378 -7.46 14.58 -27.77
N LYS A 379 -7.06 15.84 -27.82
CA LYS A 379 -8.02 16.93 -27.69
C LYS A 379 -8.94 16.99 -28.91
N ARG A 380 -8.40 16.75 -30.10
CA ARG A 380 -9.19 16.79 -31.32
C ARG A 380 -10.32 15.77 -31.30
N VAL A 381 -10.02 14.55 -30.87
CA VAL A 381 -11.04 13.49 -30.86
C VAL A 381 -12.14 13.81 -29.85
N LYS A 382 -11.76 14.26 -28.66
CA LYS A 382 -12.76 14.61 -27.67
C LYS A 382 -13.57 15.84 -28.09
N ALA A 383 -12.95 16.76 -28.83
CA ALA A 383 -13.69 17.90 -29.34
C ALA A 383 -14.68 17.48 -30.43
N LEU A 384 -14.30 16.50 -31.24
CA LEU A 384 -15.24 15.95 -32.22
C LEU A 384 -16.40 15.27 -31.54
N ILE A 385 -16.13 14.53 -30.46
CA ILE A 385 -17.20 13.81 -29.77
C ILE A 385 -18.11 14.79 -29.03
N LEU A 386 -17.54 15.81 -28.40
CA LEU A 386 -18.34 16.79 -27.66
C LEU A 386 -19.25 17.57 -28.59
N GLU A 387 -18.80 17.87 -29.81
CA GLU A 387 -19.65 18.56 -30.78
C GLU A 387 -20.88 17.73 -31.11
N GLU A 388 -20.70 16.44 -31.35
CA GLU A 388 -21.84 15.61 -31.73
C GLU A 388 -22.76 15.32 -30.56
N ILE A 389 -22.22 15.27 -29.34
CA ILE A 389 -23.08 15.21 -28.17
C ILE A 389 -23.84 16.51 -28.00
N ALA A 390 -23.21 17.64 -28.34
CA ALA A 390 -23.88 18.93 -28.23
C ALA A 390 -25.07 19.03 -29.16
N ILE A 391 -24.88 18.72 -30.44
CA ILE A 391 -25.96 18.90 -31.41
C ILE A 391 -27.04 17.83 -31.25
N ASP A 392 -26.75 16.73 -30.58
CA ASP A 392 -27.73 15.68 -30.37
C ASP A 392 -28.50 15.81 -29.07
N CYS A 393 -28.17 16.80 -28.24
CA CYS A 393 -28.91 17.07 -27.03
C CYS A 393 -29.90 18.22 -27.26
N HIS A 394 -30.75 18.46 -26.26
CA HIS A 394 -31.81 19.44 -26.40
C HIS A 394 -31.58 20.72 -25.60
N ASN A 395 -30.76 20.67 -24.55
CA ASN A 395 -30.53 21.85 -23.73
C ASN A 395 -29.66 22.85 -24.51
N LYS A 396 -30.20 24.04 -24.74
CA LYS A 396 -29.42 25.08 -25.42
C LYS A 396 -28.24 25.52 -24.58
N GLU A 397 -28.37 25.47 -23.25
CA GLU A 397 -27.22 25.73 -22.38
C GLU A 397 -26.13 24.68 -22.61
N THR A 398 -26.52 23.41 -22.68
CA THR A 398 -25.56 22.36 -23.02
C THR A 398 -25.05 22.53 -24.44
N GLU A 399 -25.94 22.84 -25.39
CA GLU A 399 -25.54 23.03 -26.77
C GLU A 399 -24.55 24.17 -26.93
N GLN A 400 -24.54 25.12 -26.00
CA GLN A 400 -23.55 26.18 -26.05
C GLN A 400 -22.29 25.84 -25.28
N ARG A 401 -22.43 25.23 -24.10
CA ARG A 401 -21.27 24.92 -23.27
C ARG A 401 -20.39 23.88 -23.92
N LEU A 402 -20.98 22.77 -24.41
CA LEU A 402 -20.20 21.73 -25.06
C LEU A 402 -19.57 22.25 -26.35
N LEU A 403 -20.30 23.06 -27.11
CA LEU A 403 -19.75 23.61 -28.34
C LEU A 403 -18.57 24.55 -28.04
N GLN A 404 -18.66 25.32 -26.95
CA GLN A 404 -17.53 26.19 -26.60
C GLN A 404 -16.34 25.39 -26.10
N GLU A 405 -16.58 24.30 -25.36
CA GLU A 405 -15.49 23.43 -24.95
C GLU A 405 -14.81 22.81 -26.17
N ALA A 406 -15.61 22.34 -27.13
CA ALA A 406 -15.04 21.82 -28.37
C ALA A 406 -14.29 22.91 -29.13
N HIS A 407 -14.76 24.15 -29.05
CA HIS A 407 -14.09 25.25 -29.73
C HIS A 407 -12.71 25.50 -29.15
N ASP A 408 -12.61 25.55 -27.82
CA ASP A 408 -11.29 25.80 -27.24
C ASP A 408 -10.37 24.60 -27.40
N LEU A 409 -10.92 23.37 -27.36
CA LEU A 409 -10.09 22.20 -27.64
C LEU A 409 -9.57 22.22 -29.08
N HIS A 410 -10.42 22.55 -30.06
CA HIS A 410 -9.98 22.62 -31.44
C HIS A 410 -8.96 23.73 -31.66
N LEU A 411 -9.13 24.88 -30.99
CA LEU A 411 -8.14 25.94 -31.12
C LEU A 411 -6.81 25.54 -30.50
N SER A 412 -6.83 24.85 -29.36
CA SER A 412 -5.56 24.39 -28.77
C SER A 412 -4.88 23.37 -29.68
N SER A 413 -5.64 22.43 -30.23
CA SER A 413 -5.07 21.45 -31.14
C SER A 413 -4.52 22.11 -32.40
N LEU A 414 -5.25 23.09 -32.93
CA LEU A 414 -4.79 23.81 -34.11
C LEU A 414 -3.52 24.59 -33.81
N GLN A 415 -3.44 25.21 -32.63
CA GLN A 415 -2.23 25.94 -32.27
C GLN A 415 -1.04 24.99 -32.16
N LEU A 416 -1.24 23.82 -31.54
CA LEU A 416 -0.15 22.85 -31.42
C LEU A 416 0.32 22.36 -32.79
N ALA A 417 -0.64 21.99 -33.65
CA ALA A 417 -0.29 21.49 -34.97
C ALA A 417 0.37 22.57 -35.83
N LYS A 418 -0.09 23.81 -35.70
CA LYS A 418 0.49 24.91 -36.47
C LYS A 418 1.89 25.23 -35.99
N LYS A 419 2.11 25.21 -34.67
CA LYS A 419 3.43 25.47 -34.12
C LYS A 419 4.41 24.39 -34.53
N ALA A 420 3.99 23.12 -34.49
CA ALA A 420 4.93 22.04 -34.76
C ALA A 420 5.14 21.83 -36.26
N PHE A 421 4.06 21.61 -37.00
CA PHE A 421 4.16 21.32 -38.42
C PHE A 421 4.31 22.59 -39.25
N GLY A 422 3.32 23.45 -39.21
CA GLY A 422 3.34 24.67 -39.99
C GLY A 422 1.94 25.01 -40.48
N GLU A 423 1.88 26.10 -41.25
CA GLU A 423 0.60 26.57 -41.76
C GLU A 423 0.09 25.70 -42.92
N PHE A 424 0.99 25.05 -43.65
CA PHE A 424 0.61 24.38 -44.89
C PHE A 424 0.87 22.88 -44.82
N ASN A 425 0.44 22.22 -43.75
CA ASN A 425 0.55 20.78 -43.64
C ASN A 425 -0.84 20.16 -43.69
N VAL A 426 -0.87 18.83 -43.88
CA VAL A 426 -2.14 18.12 -43.93
C VAL A 426 -2.78 18.06 -42.55
N GLN A 427 -1.98 17.85 -41.50
CA GLN A 427 -2.54 17.68 -40.18
C GLN A 427 -3.07 18.99 -39.58
N THR A 428 -2.62 20.14 -40.07
CA THR A 428 -3.26 21.38 -39.67
C THR A 428 -4.48 21.67 -40.54
N ALA A 429 -4.51 21.16 -41.76
CA ALA A 429 -5.71 21.28 -42.58
C ALA A 429 -6.83 20.41 -42.05
N LYS A 430 -6.49 19.28 -41.42
CA LYS A 430 -7.52 18.48 -40.76
C LYS A 430 -8.15 19.24 -39.60
N HIS A 431 -7.34 19.99 -38.84
CA HIS A 431 -7.89 20.83 -37.79
C HIS A 431 -8.71 21.98 -38.36
N TYR A 432 -8.29 22.54 -39.50
CA TYR A 432 -9.12 23.54 -40.16
C TYR A 432 -10.47 22.97 -40.58
N GLY A 433 -10.48 21.76 -41.13
CA GLY A 433 -11.74 21.13 -41.50
C GLY A 433 -12.63 20.83 -40.31
N ASN A 434 -12.03 20.36 -39.22
CA ASN A 434 -12.80 20.12 -38.00
C ASN A 434 -13.36 21.41 -37.43
N LEU A 435 -12.58 22.49 -37.48
CA LEU A 435 -13.08 23.78 -37.03
C LEU A 435 -14.20 24.28 -37.93
N GLY A 436 -14.10 24.02 -39.23
CA GLY A 436 -15.19 24.37 -40.12
C GLY A 436 -16.47 23.62 -39.82
N ARG A 437 -16.35 22.31 -39.56
CA ARG A 437 -17.52 21.53 -39.13
C ARG A 437 -18.09 22.06 -37.83
N LEU A 438 -17.22 22.41 -36.89
CA LEU A 438 -17.66 22.95 -35.62
C LEU A 438 -18.40 24.26 -35.78
N TYR A 439 -17.90 25.14 -36.65
CA TYR A 439 -18.57 26.40 -36.90
C TYR A 439 -19.88 26.19 -37.66
N GLN A 440 -19.95 25.16 -38.49
CA GLN A 440 -21.23 24.79 -39.10
C GLN A 440 -22.24 24.38 -38.04
N SER A 441 -21.80 23.61 -37.04
CA SER A 441 -22.71 23.21 -35.97
C SER A 441 -23.05 24.38 -35.06
N MET A 442 -22.16 25.36 -34.96
CA MET A 442 -22.26 26.41 -33.95
C MET A 442 -22.91 27.68 -34.52
N ARG A 443 -23.52 27.57 -35.71
CA ARG A 443 -24.29 28.65 -36.33
C ARG A 443 -23.43 29.89 -36.60
N LYS A 444 -22.13 29.70 -36.82
CA LYS A 444 -21.24 30.76 -37.27
C LYS A 444 -20.75 30.32 -38.65
N PHE A 445 -21.35 30.88 -39.69
CA PHE A 445 -21.18 30.37 -41.04
C PHE A 445 -20.12 31.14 -41.83
N LYS A 446 -19.98 32.44 -41.57
CA LYS A 446 -18.97 33.23 -42.25
C LYS A 446 -17.57 32.70 -41.97
N GLU A 447 -17.31 32.31 -40.72
CA GLU A 447 -16.04 31.68 -40.38
C GLU A 447 -15.99 30.22 -40.84
N ALA A 448 -17.13 29.54 -40.88
CA ALA A 448 -17.15 28.15 -41.32
C ALA A 448 -16.72 28.02 -42.77
N GLU A 449 -17.23 28.90 -43.64
CA GLU A 449 -16.83 28.87 -45.04
C GLU A 449 -15.34 29.14 -45.19
N GLU A 450 -14.81 30.09 -44.43
CA GLU A 450 -13.39 30.39 -44.50
C GLU A 450 -12.55 29.20 -44.04
N MET A 451 -12.98 28.54 -42.95
CA MET A 451 -12.23 27.39 -42.44
C MET A 451 -12.24 26.24 -43.44
N HIS A 452 -13.42 25.94 -44.02
CA HIS A 452 -13.47 24.86 -45.00
C HIS A 452 -12.69 25.22 -46.26
N ILE A 453 -12.70 26.49 -46.67
CA ILE A 453 -11.94 26.90 -47.84
C ILE A 453 -10.45 26.73 -47.58
N LYS A 454 -9.98 27.13 -46.38
CA LYS A 454 -8.58 26.94 -46.05
C LYS A 454 -8.20 25.47 -46.02
N ALA A 455 -9.04 24.64 -45.41
CA ALA A 455 -8.75 23.21 -45.33
C ALA A 455 -8.70 22.58 -46.71
N ILE A 456 -9.67 22.91 -47.58
CA ILE A 456 -9.71 22.35 -48.92
C ILE A 456 -8.50 22.82 -49.73
N GLN A 457 -8.17 24.11 -49.63
CA GLN A 457 -7.04 24.64 -50.40
C GLN A 457 -5.73 24.02 -49.96
N ILE A 458 -5.53 23.84 -48.65
CA ILE A 458 -4.30 23.22 -48.17
C ILE A 458 -4.25 21.75 -48.56
N LYS A 459 -5.36 21.04 -48.45
CA LYS A 459 -5.34 19.62 -48.76
C LYS A 459 -5.41 19.31 -50.25
N GLU A 460 -5.69 20.28 -51.10
CA GLU A 460 -5.56 20.07 -52.53
C GLU A 460 -4.26 20.63 -53.09
N GLN A 461 -3.65 21.59 -52.42
CA GLN A 461 -2.30 22.00 -52.80
C GLN A 461 -1.31 20.88 -52.52
N LEU A 462 -1.51 20.14 -51.43
CA LEU A 462 -0.59 19.10 -51.00
C LEU A 462 -0.99 17.72 -51.56
N LEU A 463 -2.18 17.27 -51.22
CA LEU A 463 -2.60 15.89 -51.49
C LEU A 463 -3.30 15.75 -52.84
N GLY A 464 -2.67 16.27 -53.90
CA GLY A 464 -3.21 16.11 -55.24
C GLY A 464 -4.57 16.78 -55.39
N GLN A 465 -5.36 16.24 -56.31
CA GLN A 465 -6.68 16.79 -56.59
C GLN A 465 -7.82 15.84 -56.23
N GLU A 466 -7.57 14.53 -56.23
CA GLU A 466 -8.65 13.58 -56.01
C GLU A 466 -8.33 12.63 -54.85
N ASP A 467 -7.89 13.18 -53.73
CA ASP A 467 -7.57 12.39 -52.56
C ASP A 467 -8.82 12.21 -51.69
N TYR A 468 -8.74 11.25 -50.76
CA TYR A 468 -9.85 10.99 -49.86
C TYR A 468 -10.07 12.13 -48.88
N GLU A 469 -8.98 12.73 -48.38
CA GLU A 469 -9.10 13.79 -47.38
C GLU A 469 -9.70 15.05 -47.99
N VAL A 470 -9.23 15.44 -49.17
CA VAL A 470 -9.80 16.61 -49.83
C VAL A 470 -11.24 16.36 -50.21
N ALA A 471 -11.59 15.13 -50.59
CA ALA A 471 -12.98 14.79 -50.86
C ALA A 471 -13.84 14.94 -49.62
N LEU A 472 -13.32 14.51 -48.47
CA LEU A 472 -14.08 14.62 -47.23
C LEU A 472 -14.31 16.08 -46.86
N SER A 473 -13.28 16.92 -46.99
CA SER A 473 -13.46 18.35 -46.69
C SER A 473 -14.39 19.02 -47.71
N VAL A 474 -14.33 18.58 -48.97
CA VAL A 474 -15.26 19.09 -49.98
C VAL A 474 -16.69 18.72 -49.62
N GLY A 475 -16.90 17.49 -49.15
CA GLY A 475 -18.24 17.10 -48.70
C GLY A 475 -18.71 17.93 -47.52
N HIS A 476 -17.82 18.23 -46.58
CA HIS A 476 -18.19 19.06 -45.45
C HIS A 476 -18.57 20.48 -45.88
N LEU A 477 -17.77 21.08 -46.77
CA LEU A 477 -18.10 22.40 -47.26
C LEU A 477 -19.39 22.40 -48.07
N ALA A 478 -19.64 21.31 -48.81
CA ALA A 478 -20.86 21.22 -49.57
C ALA A 478 -22.09 21.08 -48.67
N SER A 479 -21.95 20.36 -47.55
CA SER A 479 -23.04 20.32 -46.59
C SER A 479 -23.25 21.68 -45.94
N LEU A 480 -22.17 22.44 -45.72
CA LEU A 480 -22.33 23.80 -45.22
C LEU A 480 -23.06 24.69 -46.21
N TYR A 481 -22.71 24.60 -47.49
CA TYR A 481 -23.39 25.40 -48.51
C TYR A 481 -24.85 24.97 -48.68
N ASN A 482 -25.11 23.67 -48.66
CA ASN A 482 -26.44 23.16 -48.95
C ASN A 482 -27.40 23.43 -47.81
N TYR A 483 -27.11 22.88 -46.63
CA TYR A 483 -28.07 22.92 -45.54
C TYR A 483 -28.16 24.27 -44.86
N ASP A 484 -27.16 25.12 -45.00
CA ASP A 484 -27.11 26.37 -44.23
C ASP A 484 -27.13 27.62 -45.09
N MET A 485 -26.22 27.75 -46.04
CA MET A 485 -26.10 28.99 -46.81
C MET A 485 -27.01 29.04 -48.03
N ASN A 486 -27.61 27.91 -48.41
CA ASN A 486 -28.52 27.84 -49.55
C ASN A 486 -27.87 28.28 -50.86
N GLN A 487 -26.55 28.10 -50.97
CA GLN A 487 -25.85 28.34 -52.23
C GLN A 487 -25.69 27.02 -52.96
N TYR A 488 -26.82 26.53 -53.47
CA TYR A 488 -26.88 25.17 -54.00
C TYR A 488 -26.07 25.00 -55.28
N GLU A 489 -25.75 26.09 -55.98
CA GLU A 489 -24.94 25.98 -57.19
C GLU A 489 -23.56 25.43 -56.89
N ASN A 490 -22.92 25.94 -55.83
CA ASN A 490 -21.61 25.41 -55.44
C ASN A 490 -21.72 24.09 -54.73
N ALA A 491 -22.76 23.91 -53.91
CA ALA A 491 -22.91 22.69 -53.13
C ALA A 491 -23.14 21.49 -54.04
N GLU A 492 -23.88 21.67 -55.14
CA GLU A 492 -24.08 20.57 -56.08
C GLU A 492 -22.76 20.16 -56.73
N LYS A 493 -21.95 21.14 -57.13
CA LYS A 493 -20.65 20.83 -57.74
C LYS A 493 -19.75 20.10 -56.75
N LEU A 494 -19.75 20.55 -55.49
CA LEU A 494 -18.89 19.91 -54.50
C LEU A 494 -19.38 18.50 -54.16
N TYR A 495 -20.70 18.30 -54.11
CA TYR A 495 -21.24 16.95 -53.95
C TYR A 495 -20.85 16.03 -55.11
N LEU A 496 -20.92 16.53 -56.34
CA LEU A 496 -20.49 15.71 -57.48
C LEU A 496 -19.01 15.36 -57.39
N ARG A 497 -18.18 16.33 -56.98
CA ARG A 497 -16.75 16.03 -56.81
C ARG A 497 -16.52 14.97 -55.73
N SER A 498 -17.18 15.14 -54.57
CA SER A 498 -17.01 14.20 -53.48
C SER A 498 -17.50 12.80 -53.86
N ILE A 499 -18.64 12.73 -54.56
CA ILE A 499 -19.16 11.43 -54.98
C ILE A 499 -18.21 10.78 -55.98
N ALA A 500 -17.69 11.56 -56.93
CA ALA A 500 -16.75 10.99 -57.90
C ALA A 500 -15.51 10.44 -57.22
N ILE A 501 -14.94 11.20 -56.27
CA ILE A 501 -13.72 10.74 -55.61
C ILE A 501 -14.01 9.52 -54.74
N GLY A 502 -15.13 9.53 -54.02
CA GLY A 502 -15.46 8.38 -53.19
C GLY A 502 -15.72 7.13 -54.00
N LYS A 503 -16.38 7.26 -55.16
CA LYS A 503 -16.61 6.12 -56.03
C LYS A 503 -15.30 5.62 -56.63
N LYS A 504 -14.41 6.54 -57.01
CA LYS A 504 -13.13 6.13 -57.57
C LYS A 504 -12.27 5.40 -56.54
N LEU A 505 -12.34 5.85 -55.28
CA LEU A 505 -11.49 5.26 -54.24
C LEU A 505 -12.13 4.07 -53.54
N PHE A 506 -13.41 4.17 -53.18
CA PHE A 506 -14.06 3.15 -52.38
C PHE A 506 -15.15 2.39 -53.13
N GLY A 507 -15.53 2.81 -54.32
CA GLY A 507 -16.56 2.13 -55.07
C GLY A 507 -17.95 2.55 -54.64
N GLU A 508 -18.94 1.85 -55.22
CA GLU A 508 -20.34 2.15 -54.93
C GLU A 508 -20.75 1.74 -53.52
N GLY A 509 -19.95 0.92 -52.83
CA GLY A 509 -20.28 0.48 -51.49
C GLY A 509 -19.71 1.36 -50.42
N TYR A 510 -19.30 2.57 -50.79
CA TYR A 510 -18.74 3.52 -49.84
C TYR A 510 -19.81 3.98 -48.86
N SER A 511 -19.51 3.89 -47.57
CA SER A 511 -20.45 4.31 -46.54
C SER A 511 -20.51 5.81 -46.36
N GLY A 512 -19.55 6.56 -46.91
CA GLY A 512 -19.59 8.00 -46.84
C GLY A 512 -20.39 8.67 -47.93
N LEU A 513 -20.98 7.89 -48.84
CA LEU A 513 -21.76 8.44 -49.93
C LEU A 513 -23.18 8.79 -49.53
N GLU A 514 -23.64 8.34 -48.37
CA GLU A 514 -24.99 8.66 -47.91
C GLU A 514 -25.13 10.15 -47.61
N TYR A 515 -24.12 10.74 -46.97
CA TYR A 515 -24.15 12.16 -46.63
C TYR A 515 -24.05 13.05 -47.85
N ASP A 516 -23.70 12.51 -49.01
CA ASP A 516 -23.72 13.25 -50.27
C ASP A 516 -24.98 12.98 -51.08
N TYR A 517 -25.47 11.74 -51.07
CA TYR A 517 -26.72 11.44 -51.76
C TYR A 517 -27.90 12.16 -51.12
N ARG A 518 -28.00 12.09 -49.79
CA ARG A 518 -29.06 12.83 -49.10
C ARG A 518 -28.88 14.33 -49.26
N GLY A 519 -27.62 14.79 -49.29
CA GLY A 519 -27.38 16.21 -49.52
C GLY A 519 -27.89 16.68 -50.86
N LEU A 520 -27.61 15.91 -51.91
CA LEU A 520 -28.13 16.26 -53.23
C LEU A 520 -29.64 16.13 -53.30
N ILE A 521 -30.21 15.15 -52.59
CA ILE A 521 -31.68 15.01 -52.57
C ILE A 521 -32.31 16.26 -51.97
N LYS A 522 -31.78 16.72 -50.83
CA LYS A 522 -32.29 17.95 -50.23
C LYS A 522 -32.01 19.16 -51.11
N LEU A 523 -30.84 19.18 -51.77
CA LEU A 523 -30.49 20.27 -52.66
C LEU A 523 -31.50 20.43 -53.78
N TYR A 524 -31.85 19.32 -54.43
CA TYR A 524 -32.80 19.39 -55.54
C TYR A 524 -34.23 19.57 -55.04
N ASN A 525 -34.56 19.03 -53.86
CA ASN A 525 -35.86 19.33 -53.26
C ASN A 525 -36.01 20.82 -52.98
N SER A 526 -34.90 21.51 -52.73
CA SER A 526 -34.95 22.95 -52.49
C SER A 526 -35.15 23.73 -53.78
N ILE A 527 -34.56 23.26 -54.88
CA ILE A 527 -34.52 24.04 -56.11
C ILE A 527 -35.42 23.47 -57.21
N GLY A 528 -35.65 22.16 -57.25
CA GLY A 528 -36.45 21.58 -58.31
C GLY A 528 -35.81 20.38 -58.97
N ASN A 529 -36.13 20.15 -60.24
CA ASN A 529 -35.64 18.99 -60.99
C ASN A 529 -36.01 17.69 -60.27
N TYR A 530 -37.31 17.44 -60.16
CA TYR A 530 -37.77 16.23 -59.46
C TYR A 530 -37.36 14.96 -60.16
N GLU A 531 -36.99 15.02 -61.45
CA GLU A 531 -36.35 13.88 -62.09
C GLU A 531 -34.98 13.61 -61.45
N LYS A 532 -34.26 14.67 -61.10
CA LYS A 532 -33.00 14.50 -60.38
C LYS A 532 -33.24 13.94 -58.98
N VAL A 533 -34.31 14.39 -58.32
CA VAL A 533 -34.67 13.84 -57.02
C VAL A 533 -34.94 12.34 -57.13
N PHE A 534 -35.71 11.94 -58.14
CA PHE A 534 -36.01 10.53 -58.32
C PHE A 534 -34.76 9.71 -58.64
N GLU A 535 -33.89 10.23 -59.52
CA GLU A 535 -32.71 9.47 -59.90
C GLU A 535 -31.76 9.31 -58.71
N TYR A 536 -31.57 10.37 -57.92
CA TYR A 536 -30.69 10.24 -56.77
C TYR A 536 -31.35 9.43 -55.66
N HIS A 537 -32.68 9.42 -55.60
CA HIS A 537 -33.36 8.58 -54.62
C HIS A 537 -33.18 7.10 -54.94
N ASN A 538 -33.30 6.73 -56.22
CA ASN A 538 -33.08 5.32 -56.55
C ASN A 538 -31.60 4.95 -56.50
N VAL A 539 -30.70 5.90 -56.77
CA VAL A 539 -29.28 5.65 -56.56
C VAL A 539 -28.99 5.41 -55.08
N LEU A 540 -29.60 6.20 -54.20
CA LEU A 540 -29.43 5.99 -52.77
C LEU A 540 -30.03 4.66 -52.33
N SER A 541 -31.16 4.26 -52.91
CA SER A 541 -31.74 2.96 -52.60
C SER A 541 -30.81 1.83 -53.02
N ASN A 542 -30.22 1.93 -54.22
CA ASN A 542 -29.25 0.93 -54.67
C ASN A 542 -28.03 0.92 -53.77
N TRP A 543 -27.57 2.09 -53.33
CA TRP A 543 -26.44 2.16 -52.41
C TRP A 543 -26.76 1.48 -51.10
N ASN A 544 -27.97 1.70 -50.57
CA ASN A 544 -28.37 1.07 -49.32
C ASN A 544 -28.46 -0.45 -49.48
N ARG A 545 -28.98 -0.91 -50.61
CA ARG A 545 -29.03 -2.34 -50.88
C ARG A 545 -27.64 -2.94 -50.94
N LEU A 546 -26.72 -2.27 -51.63
CA LEU A 546 -25.35 -2.77 -51.73
C LEU A 546 -24.65 -2.76 -50.37
N ARG A 547 -24.90 -1.73 -49.56
CA ARG A 547 -24.31 -1.67 -48.23
C ARG A 547 -24.86 -2.77 -47.34
N ASP A 548 -26.16 -3.06 -47.44
CA ASP A 548 -26.72 -4.17 -46.67
C ASP A 548 -26.16 -5.50 -47.13
N ARG A 549 -25.92 -5.65 -48.44
CA ARG A 549 -25.31 -6.87 -48.95
C ARG A 549 -23.88 -7.03 -48.44
N GLN A 550 -23.12 -5.94 -48.40
CA GLN A 550 -21.72 -5.98 -47.98
C GLN A 550 -21.57 -5.99 -46.46
N TYR A 551 -22.63 -5.68 -45.71
CA TYR A 551 -22.53 -5.56 -44.26
C TYR A 551 -22.23 -6.89 -43.57
N SER A 552 -22.43 -8.01 -44.26
CA SER A 552 -22.15 -9.33 -43.68
C SER A 552 -20.63 -9.53 -43.65
N VAL A 553 -20.03 -9.01 -42.58
CA VAL A 553 -18.58 -9.07 -42.40
C VAL A 553 -18.26 -10.07 -41.29
N THR A 554 -16.98 -10.38 -41.14
CA THR A 554 -16.49 -11.33 -40.15
C THR A 554 -15.48 -10.64 -39.23
N ASP A 555 -14.94 -11.41 -38.30
CA ASP A 555 -13.91 -10.89 -37.42
C ASP A 555 -12.60 -10.73 -38.18
N ALA A 556 -11.91 -9.60 -37.95
CA ALA A 556 -10.71 -9.29 -38.71
C ALA A 556 -9.51 -10.11 -38.26
N LEU A 557 -9.45 -10.50 -36.98
CA LEU A 557 -8.38 -11.38 -36.54
C LEU A 557 -8.46 -12.73 -37.25
N GLU A 558 -9.68 -13.24 -37.47
CA GLU A 558 -9.84 -14.44 -38.28
C GLU A 558 -9.50 -14.19 -39.74
N ASP A 559 -9.75 -12.96 -40.23
CA ASP A 559 -9.35 -12.62 -41.58
C ASP A 559 -7.84 -12.65 -41.74
N VAL A 560 -7.11 -12.29 -40.69
CA VAL A 560 -5.65 -12.44 -40.70
C VAL A 560 -5.27 -13.91 -40.82
N SER A 561 -5.99 -14.77 -40.10
CA SER A 561 -5.78 -16.23 -40.08
C SER A 561 -4.38 -16.60 -39.61
N THR A 562 -4.00 -17.86 -39.81
CA THR A 562 -2.71 -18.37 -39.36
C THR A 562 -1.92 -18.90 -40.55
N SER A 563 -0.67 -18.46 -40.66
CA SER A 563 0.23 -18.82 -41.75
C SER A 563 -0.37 -18.66 -43.15
N PRO A 564 -0.87 -17.47 -43.50
CA PRO A 564 -1.39 -17.29 -44.87
C PRO A 564 -0.28 -17.12 -45.90
N GLN A 565 0.71 -16.28 -45.60
CA GLN A 565 1.78 -15.90 -46.51
C GLN A 565 3.13 -16.26 -45.91
N SER A 566 4.19 -15.80 -46.58
CA SER A 566 5.55 -15.90 -46.08
C SER A 566 6.19 -14.52 -46.11
N THR A 567 7.24 -14.35 -45.32
CA THR A 567 7.84 -13.02 -45.15
C THR A 567 8.41 -12.48 -46.45
N GLU A 568 9.13 -13.32 -47.20
CA GLU A 568 9.69 -12.87 -48.46
C GLU A 568 8.61 -12.68 -49.53
N GLU A 569 7.54 -13.47 -49.47
CA GLU A 569 6.49 -13.39 -50.49
C GLU A 569 5.79 -12.04 -50.47
N VAL A 570 5.46 -11.54 -49.28
CA VAL A 570 4.73 -10.28 -49.18
C VAL A 570 5.58 -9.12 -49.66
N VAL A 571 6.85 -9.09 -49.23
CA VAL A 571 7.76 -8.03 -49.65
C VAL A 571 7.97 -8.08 -51.16
N GLN A 572 8.16 -9.28 -51.71
CA GLN A 572 8.39 -9.41 -53.15
C GLN A 572 7.15 -8.99 -53.94
N SER A 573 5.96 -9.36 -53.47
CA SER A 573 4.74 -8.94 -54.15
C SER A 573 4.58 -7.43 -54.11
N PHE A 574 4.89 -6.81 -52.96
CA PHE A 574 4.81 -5.36 -52.87
C PHE A 574 5.78 -4.69 -53.83
N LEU A 575 7.01 -5.20 -53.91
CA LEU A 575 8.00 -4.59 -54.78
C LEU A 575 7.67 -4.80 -56.25
N ILE A 576 7.12 -5.97 -56.61
CA ILE A 576 6.70 -6.22 -57.98
C ILE A 576 5.55 -5.29 -58.35
N SER A 577 4.62 -5.06 -57.43
CA SER A 577 3.53 -4.12 -57.64
C SER A 577 3.94 -2.67 -57.44
N GLN A 578 5.25 -2.39 -57.45
CA GLN A 578 5.82 -1.04 -57.31
C GLN A 578 5.45 -0.38 -55.99
N THR B 1 31.14 -23.89 0.62
CA THR B 1 30.51 -23.24 -0.53
C THR B 1 28.99 -23.31 -0.41
N SER B 2 28.30 -22.52 -1.23
CA SER B 2 26.85 -22.44 -1.19
C SER B 2 26.32 -22.20 -2.59
N LEU B 3 25.00 -22.16 -2.71
CA LEU B 3 24.37 -21.90 -4.00
C LEU B 3 24.26 -20.41 -4.24
N LYS B 4 25.35 -19.69 -4.07
CA LYS B 4 25.32 -18.26 -4.24
C LYS B 4 26.11 -17.87 -5.49
N PRO B 5 25.62 -16.89 -6.25
CA PRO B 5 26.39 -16.41 -7.41
C PRO B 5 27.81 -16.02 -7.06
N ARG B 6 28.77 -16.78 -7.59
CA ARG B 6 30.18 -16.57 -7.33
C ARG B 6 30.92 -16.52 -8.66
N VAL B 7 32.00 -15.74 -8.68
CA VAL B 7 32.82 -15.64 -9.88
C VAL B 7 33.54 -16.96 -10.10
N VAL B 8 33.51 -17.45 -11.33
CA VAL B 8 34.11 -18.73 -11.67
C VAL B 8 34.56 -18.68 -13.12
N ASP B 9 35.69 -19.30 -13.40
CA ASP B 9 36.15 -19.41 -14.77
C ASP B 9 35.35 -20.47 -15.52
N PHE B 10 35.30 -20.33 -16.84
CA PHE B 10 34.57 -21.27 -17.67
C PHE B 10 35.41 -22.43 -18.16
N ASP B 11 36.74 -22.26 -18.24
CA ASP B 11 37.58 -23.32 -18.80
C ASP B 11 37.60 -24.55 -17.90
N GLU B 12 37.86 -24.35 -16.60
CA GLU B 12 37.94 -25.48 -15.68
C GLU B 12 36.60 -26.18 -15.54
N THR B 13 35.55 -25.41 -15.26
CA THR B 13 34.22 -25.98 -15.09
C THR B 13 33.75 -26.65 -16.37
N TRP B 14 34.06 -26.05 -17.52
CA TRP B 14 33.63 -26.63 -18.78
C TRP B 14 34.39 -27.91 -19.10
N ASN B 15 35.67 -27.99 -18.73
CA ASN B 15 36.39 -29.25 -18.93
C ASN B 15 35.83 -30.34 -18.02
N LYS B 16 35.53 -29.99 -16.77
CA LYS B 16 34.93 -30.97 -15.86
C LYS B 16 33.58 -31.45 -16.39
N LEU B 17 32.78 -30.53 -16.93
CA LEU B 17 31.52 -30.93 -17.55
C LEU B 17 31.77 -31.77 -18.79
N LEU B 18 32.75 -31.40 -19.61
CA LEU B 18 32.96 -32.02 -20.90
C LEU B 18 33.38 -33.48 -20.75
N THR B 19 34.19 -33.78 -19.74
CA THR B 19 34.58 -35.17 -19.51
C THR B 19 33.36 -36.06 -19.29
N THR B 20 32.47 -35.66 -18.37
CA THR B 20 31.31 -36.51 -18.10
C THR B 20 30.28 -36.43 -19.22
N ILE B 21 30.21 -35.33 -19.95
CA ILE B 21 29.26 -35.24 -21.07
C ILE B 21 29.71 -36.16 -22.19
N LYS B 22 31.02 -36.26 -22.42
CA LYS B 22 31.54 -37.29 -23.30
C LYS B 22 31.19 -38.67 -22.76
N ALA B 23 31.34 -38.87 -21.45
CA ALA B 23 31.06 -40.17 -20.86
C ALA B 23 29.58 -40.54 -20.92
N VAL B 24 28.68 -39.56 -21.11
CA VAL B 24 27.25 -39.84 -21.13
C VAL B 24 26.73 -40.10 -22.54
N VAL B 25 27.19 -39.33 -23.53
CA VAL B 25 26.64 -39.45 -24.88
C VAL B 25 26.94 -40.81 -25.49
N MET B 26 28.11 -41.38 -25.19
CA MET B 26 28.41 -42.74 -25.60
C MET B 26 28.10 -43.75 -24.52
N LEU B 27 27.37 -43.35 -23.47
CA LEU B 27 26.87 -44.22 -22.42
C LEU B 27 28.00 -44.94 -21.68
N GLU B 28 29.15 -44.29 -21.54
CA GLU B 28 30.20 -44.84 -20.71
C GLU B 28 29.81 -44.70 -19.24
N TYR B 29 30.41 -45.56 -18.42
CA TYR B 29 30.10 -45.53 -16.99
C TYR B 29 30.75 -44.31 -16.34
N VAL B 30 29.94 -43.52 -15.64
CA VAL B 30 30.42 -42.37 -14.89
C VAL B 30 29.91 -42.50 -13.46
N GLU B 31 30.74 -42.08 -12.50
CA GLU B 31 30.41 -42.23 -11.10
C GLU B 31 29.20 -41.37 -10.75
N ARG B 32 28.34 -41.90 -9.86
CA ARG B 32 27.15 -41.16 -9.47
C ARG B 32 27.53 -39.89 -8.70
N ALA B 33 28.62 -39.93 -7.94
CA ALA B 33 29.08 -38.71 -7.27
C ALA B 33 29.47 -37.64 -8.28
N THR B 34 30.15 -38.04 -9.36
CA THR B 34 30.47 -37.10 -10.42
C THR B 34 29.21 -36.55 -11.08
N TRP B 35 28.24 -37.43 -11.32
CA TRP B 35 26.99 -37.00 -11.94
C TRP B 35 26.25 -35.98 -11.08
N ASN B 36 26.25 -36.19 -9.77
CA ASN B 36 25.58 -35.24 -8.88
C ASN B 36 26.40 -33.97 -8.69
N ASP B 37 27.72 -34.05 -8.82
CA ASP B 37 28.55 -32.86 -8.78
C ASP B 37 28.36 -31.97 -9.99
N ARG B 38 28.13 -32.58 -11.16
CA ARG B 38 28.01 -31.78 -12.36
C ARG B 38 26.72 -30.98 -12.39
N PHE B 39 25.68 -31.38 -11.65
CA PHE B 39 24.51 -30.53 -11.50
C PHE B 39 24.87 -29.23 -10.81
N SER B 40 25.66 -29.31 -9.74
CA SER B 40 26.12 -28.10 -9.07
C SER B 40 27.03 -27.29 -9.96
N ASP B 41 27.83 -27.95 -10.80
CA ASP B 41 28.65 -27.21 -11.76
C ASP B 41 27.80 -26.46 -12.78
N ILE B 42 26.76 -27.11 -13.31
CA ILE B 42 25.83 -26.45 -14.24
C ILE B 42 25.16 -25.26 -13.57
N TYR B 43 24.70 -25.44 -12.32
CA TYR B 43 24.06 -24.34 -11.61
C TYR B 43 25.05 -23.20 -11.40
N ALA B 44 26.29 -23.51 -11.00
CA ALA B 44 27.27 -22.47 -10.76
C ALA B 44 27.59 -21.69 -12.03
N LEU B 45 27.62 -22.39 -13.17
CA LEU B 45 27.80 -21.69 -14.44
C LEU B 45 26.61 -20.79 -14.76
N CYS B 46 25.39 -21.29 -14.55
CA CYS B 46 24.21 -20.57 -15.00
C CYS B 46 23.96 -19.31 -14.19
N VAL B 47 24.37 -19.28 -12.93
CA VAL B 47 24.12 -18.11 -12.09
C VAL B 47 25.45 -17.49 -11.67
N ALA B 48 26.45 -17.60 -12.54
CA ALA B 48 27.80 -17.14 -12.20
C ALA B 48 27.84 -15.63 -12.06
N TYR B 49 29.03 -15.12 -11.74
CA TYR B 49 29.28 -13.71 -11.47
C TYR B 49 30.40 -13.21 -12.38
N PRO B 50 30.33 -11.96 -12.85
CA PRO B 50 29.24 -10.98 -12.67
C PRO B 50 28.16 -11.15 -13.72
N GLU B 51 28.41 -11.97 -14.74
CA GLU B 51 27.45 -12.26 -15.79
C GLU B 51 27.08 -13.73 -15.76
N PRO B 52 25.83 -14.08 -16.06
CA PRO B 52 25.45 -15.50 -16.11
C PRO B 52 26.07 -16.17 -17.32
N LEU B 53 26.92 -17.18 -17.07
CA LEU B 53 27.57 -17.91 -18.15
C LEU B 53 26.66 -19.02 -18.65
N GLY B 54 25.42 -18.68 -18.99
CA GLY B 54 24.50 -19.67 -19.51
C GLY B 54 24.49 -19.71 -21.02
N GLU B 55 24.60 -18.54 -21.66
CA GLU B 55 24.69 -18.51 -23.12
C GLU B 55 25.99 -19.13 -23.61
N ARG B 56 27.09 -18.89 -22.90
CA ARG B 56 28.36 -19.51 -23.27
C ARG B 56 28.31 -21.02 -23.06
N LEU B 57 27.67 -21.46 -21.99
CA LEU B 57 27.51 -22.90 -21.77
C LEU B 57 26.65 -23.54 -22.84
N TYR B 58 25.57 -22.87 -23.25
CA TYR B 58 24.74 -23.39 -24.33
C TYR B 58 25.51 -23.45 -25.64
N THR B 59 26.31 -22.40 -25.93
CA THR B 59 27.09 -22.41 -27.15
C THR B 59 28.11 -23.54 -27.16
N GLU B 60 28.78 -23.76 -26.02
CA GLU B 60 29.77 -24.83 -25.95
C GLU B 60 29.12 -26.20 -26.01
N THR B 61 27.94 -26.36 -25.42
CA THR B 61 27.22 -27.62 -25.54
C THR B 61 26.78 -27.88 -26.98
N LYS B 62 26.30 -26.84 -27.67
CA LYS B 62 25.94 -26.99 -29.07
C LYS B 62 27.14 -27.35 -29.92
N ILE B 63 28.30 -26.72 -29.64
CA ILE B 63 29.53 -27.03 -30.36
C ILE B 63 29.94 -28.48 -30.10
N PHE B 64 29.85 -28.93 -28.86
CA PHE B 64 30.18 -30.32 -28.54
C PHE B 64 29.25 -31.29 -29.25
N LEU B 65 27.94 -31.00 -29.27
CA LEU B 65 27.01 -31.88 -29.93
C LEU B 65 27.27 -31.93 -31.43
N GLU B 66 27.57 -30.78 -32.03
CA GLU B 66 27.95 -30.73 -33.43
C GLU B 66 29.17 -31.62 -33.69
N ASN B 67 30.22 -31.46 -32.88
CA ASN B 67 31.44 -32.24 -33.07
C ASN B 67 31.18 -33.72 -32.89
N HIS B 68 30.38 -34.09 -31.89
CA HIS B 68 30.17 -35.50 -31.58
C HIS B 68 29.34 -36.17 -32.67
N VAL B 69 28.22 -35.57 -33.07
CA VAL B 69 27.40 -36.20 -34.11
C VAL B 69 28.13 -36.18 -35.45
N ARG B 70 28.93 -35.15 -35.72
CA ARG B 70 29.72 -35.12 -36.95
C ARG B 70 30.77 -36.22 -36.95
N HIS B 71 31.40 -36.47 -35.80
CA HIS B 71 32.36 -37.56 -35.69
C HIS B 71 31.68 -38.91 -35.88
N LEU B 72 30.47 -39.08 -35.33
CA LEU B 72 29.73 -40.31 -35.57
C LEU B 72 29.36 -40.47 -37.04
N HIS B 73 29.02 -39.37 -37.71
CA HIS B 73 28.70 -39.44 -39.13
C HIS B 73 29.93 -39.82 -39.95
N LYS B 74 31.09 -39.27 -39.60
CA LYS B 74 32.33 -39.68 -40.25
C LYS B 74 32.63 -41.15 -39.99
N ARG B 75 32.38 -41.61 -38.77
CA ARG B 75 32.62 -43.00 -38.42
C ARG B 75 31.74 -43.94 -39.23
N VAL B 76 30.47 -43.60 -39.40
CA VAL B 76 29.59 -44.46 -40.18
C VAL B 76 29.79 -44.29 -41.67
N LEU B 77 30.39 -43.19 -42.12
CA LEU B 77 30.83 -43.13 -43.51
C LEU B 77 32.06 -43.99 -43.74
N GLU B 78 32.89 -44.17 -42.71
CA GLU B 78 34.00 -45.10 -42.82
C GLU B 78 33.52 -46.54 -42.97
N SER B 79 32.37 -46.87 -42.40
CA SER B 79 31.82 -48.21 -42.47
C SER B 79 30.86 -48.31 -43.65
N GLU B 80 31.21 -49.14 -44.63
CA GLU B 80 30.40 -49.35 -45.82
C GLU B 80 29.66 -50.68 -45.73
N GLU B 81 28.38 -50.66 -46.12
CA GLU B 81 27.45 -51.79 -46.11
C GLU B 81 27.08 -52.21 -44.69
N GLN B 82 27.69 -51.61 -43.66
CA GLN B 82 27.34 -51.85 -42.27
C GLN B 82 26.81 -50.60 -41.60
N VAL B 83 26.37 -49.61 -42.38
CA VAL B 83 25.88 -48.35 -41.82
C VAL B 83 24.57 -48.55 -41.09
N LEU B 84 23.83 -49.61 -41.38
CA LEU B 84 22.51 -49.79 -40.77
C LEU B 84 22.63 -50.22 -39.30
N VAL B 85 23.35 -51.32 -39.05
CA VAL B 85 23.51 -51.80 -37.67
C VAL B 85 24.31 -50.81 -36.84
N MET B 86 25.39 -50.27 -37.41
CA MET B 86 26.20 -49.28 -36.69
C MET B 86 25.40 -48.02 -36.41
N TYR B 87 24.57 -47.59 -37.37
CA TYR B 87 23.73 -46.43 -37.14
C TYR B 87 22.73 -46.69 -36.03
N HIS B 88 22.13 -47.88 -35.99
CA HIS B 88 21.17 -48.17 -34.93
C HIS B 88 21.83 -48.21 -33.57
N ARG B 89 23.02 -48.80 -33.48
CA ARG B 89 23.75 -48.85 -32.21
C ARG B 89 24.11 -47.44 -31.74
N TYR B 90 24.70 -46.64 -32.64
CA TYR B 90 25.03 -45.27 -32.29
C TYR B 90 23.79 -44.45 -31.95
N TRP B 91 22.68 -44.72 -32.62
CA TRP B 91 21.45 -43.99 -32.35
C TRP B 91 20.92 -44.32 -30.97
N GLU B 92 20.94 -45.59 -30.57
CA GLU B 92 20.49 -45.95 -29.23
C GLU B 92 21.36 -45.30 -28.17
N GLU B 93 22.68 -45.38 -28.35
CA GLU B 93 23.59 -44.76 -27.38
C GLU B 93 23.40 -43.25 -27.31
N TYR B 94 23.27 -42.60 -28.47
CA TYR B 94 23.14 -41.14 -28.48
C TYR B 94 21.78 -40.69 -27.99
N SER B 95 20.72 -41.47 -28.24
CA SER B 95 19.41 -41.10 -27.71
C SER B 95 19.37 -41.19 -26.20
N LYS B 96 19.94 -42.26 -25.64
CA LYS B 96 20.02 -42.35 -24.18
C LYS B 96 20.90 -41.25 -23.61
N GLY B 97 22.01 -40.94 -24.29
CA GLY B 97 22.85 -39.83 -23.86
C GLY B 97 22.14 -38.49 -23.91
N ALA B 98 21.32 -38.28 -24.95
CA ALA B 98 20.59 -37.03 -25.07
C ALA B 98 19.53 -36.90 -23.99
N ASP B 99 18.85 -38.00 -23.67
CA ASP B 99 17.91 -37.96 -22.55
C ASP B 99 18.61 -37.67 -21.23
N TYR B 100 19.76 -38.30 -21.01
CA TYR B 100 20.49 -38.05 -19.77
C TYR B 100 21.04 -36.63 -19.72
N MET B 101 21.38 -36.05 -20.87
CA MET B 101 21.83 -34.67 -20.91
C MET B 101 20.68 -33.68 -20.74
N ASP B 102 19.48 -34.06 -21.16
CA ASP B 102 18.30 -33.28 -20.79
C ASP B 102 18.10 -33.29 -19.28
N CYS B 103 18.32 -34.45 -18.66
CA CYS B 103 18.26 -34.51 -17.20
C CYS B 103 19.35 -33.65 -16.56
N LEU B 104 20.56 -33.69 -17.10
CA LEU B 104 21.68 -32.97 -16.46
C LEU B 104 21.54 -31.46 -16.65
N TYR B 105 21.07 -31.02 -17.80
CA TYR B 105 20.97 -29.60 -18.11
C TYR B 105 19.61 -29.01 -17.73
N ARG B 106 18.98 -29.54 -16.69
CA ARG B 106 17.62 -29.10 -16.36
C ARG B 106 17.60 -27.65 -15.91
N TYR B 107 18.62 -27.21 -15.19
CA TYR B 107 18.66 -25.81 -14.77
C TYR B 107 18.87 -24.88 -15.95
N LEU B 108 19.75 -25.27 -16.89
CA LEU B 108 19.92 -24.47 -18.09
C LEU B 108 18.65 -24.47 -18.94
N ASN B 109 17.94 -25.59 -18.98
CA ASN B 109 16.70 -25.67 -19.75
C ASN B 109 15.62 -24.78 -19.14
N THR B 110 15.38 -24.91 -17.84
CA THR B 110 14.26 -24.22 -17.22
C THR B 110 14.54 -22.73 -16.99
N GLN B 111 15.78 -22.38 -16.64
CA GLN B 111 16.07 -21.00 -16.24
C GLN B 111 16.74 -20.17 -17.32
N PHE B 112 17.30 -20.78 -18.36
CA PHE B 112 17.92 -20.01 -19.42
C PHE B 112 17.26 -20.24 -20.78
N ILE B 113 17.12 -21.48 -21.21
CA ILE B 113 16.60 -21.76 -22.55
C ILE B 113 15.13 -21.40 -22.65
N LYS B 114 14.33 -21.83 -21.66
CA LYS B 114 12.91 -21.52 -21.69
C LYS B 114 12.61 -20.06 -21.36
N LYS B 115 13.58 -19.32 -20.84
CA LYS B 115 13.39 -17.93 -20.48
C LYS B 115 14.07 -16.97 -21.44
N ASN B 116 14.57 -17.44 -22.58
CA ASN B 116 15.14 -16.57 -23.59
C ASN B 116 14.48 -16.84 -24.95
N PRO B 135 14.11 -19.61 -30.85
CA PRO B 135 15.44 -19.81 -31.44
C PRO B 135 16.30 -20.79 -30.64
N LEU B 136 16.07 -20.85 -29.33
CA LEU B 136 16.82 -21.74 -28.45
C LEU B 136 15.97 -22.95 -28.10
N MET B 137 16.58 -24.13 -28.16
CA MET B 137 15.91 -25.38 -27.83
C MET B 137 16.57 -26.00 -26.60
N GLU B 138 15.80 -26.81 -25.90
CA GLU B 138 16.33 -27.52 -24.74
C GLU B 138 17.44 -28.47 -25.17
N ILE B 139 18.39 -28.70 -24.25
CA ILE B 139 19.58 -29.49 -24.59
C ILE B 139 19.19 -30.90 -24.99
N GLY B 140 18.16 -31.47 -24.35
CA GLY B 140 17.71 -32.79 -24.72
C GLY B 140 16.99 -32.84 -26.06
N GLU B 141 16.45 -31.71 -26.51
CA GLU B 141 15.86 -31.62 -27.83
C GLU B 141 16.75 -30.87 -28.82
N LEU B 142 17.80 -30.20 -28.34
CA LEU B 142 18.83 -29.70 -29.25
C LEU B 142 19.66 -30.86 -29.78
N ALA B 143 19.92 -31.87 -28.95
CA ALA B 143 20.69 -33.03 -29.38
C ALA B 143 19.94 -33.81 -30.44
N LEU B 144 18.62 -33.90 -30.33
CA LEU B 144 17.84 -34.57 -31.37
C LEU B 144 17.90 -33.80 -32.68
N ASP B 145 17.87 -32.46 -32.62
CA ASP B 145 18.02 -31.66 -33.83
C ASP B 145 19.39 -31.85 -34.45
N MET B 146 20.43 -31.92 -33.63
CA MET B 146 21.77 -32.15 -34.14
C MET B 146 21.89 -33.54 -34.77
N TRP B 147 21.23 -34.53 -34.18
CA TRP B 147 21.22 -35.87 -34.78
C TRP B 147 20.42 -35.89 -36.07
N ARG B 148 19.37 -35.07 -36.17
CA ARG B 148 18.65 -34.99 -37.44
C ARG B 148 19.52 -34.38 -38.52
N LYS B 149 20.09 -33.21 -38.26
CA LYS B 149 20.76 -32.43 -39.31
C LYS B 149 22.25 -32.70 -39.41
N LEU B 150 22.78 -33.66 -38.65
CA LEU B 150 24.16 -34.07 -38.78
C LEU B 150 24.33 -35.58 -38.98
N MET B 151 23.28 -36.37 -38.79
CA MET B 151 23.38 -37.82 -38.90
C MET B 151 22.34 -38.41 -39.84
N VAL B 152 21.13 -37.86 -39.89
CA VAL B 152 20.07 -38.38 -40.72
C VAL B 152 19.93 -37.60 -42.02
N GLU B 153 19.94 -36.27 -41.94
CA GLU B 153 19.93 -35.47 -43.17
C GLU B 153 21.16 -35.70 -44.05
N PRO B 154 22.39 -35.77 -43.53
CA PRO B 154 23.50 -36.19 -44.40
C PRO B 154 23.34 -37.59 -44.96
N LEU B 155 22.69 -38.50 -44.22
CA LEU B 155 22.45 -39.86 -44.67
C LEU B 155 21.01 -40.07 -45.14
N GLN B 156 20.38 -39.02 -45.68
CA GLN B 156 18.98 -39.12 -46.08
C GLN B 156 18.79 -39.97 -47.33
N ALA B 157 19.86 -40.33 -48.02
CA ALA B 157 19.79 -41.16 -49.22
C ALA B 157 20.45 -42.52 -49.06
N ILE B 158 21.62 -42.57 -48.43
CA ILE B 158 22.32 -43.85 -48.26
C ILE B 158 21.57 -44.74 -47.29
N LEU B 159 21.12 -44.18 -46.16
CA LEU B 159 20.47 -44.99 -45.14
C LEU B 159 19.12 -45.53 -45.62
N ILE B 160 18.34 -44.70 -46.33
CA ILE B 160 17.01 -45.13 -46.72
C ILE B 160 17.07 -46.23 -47.77
N ARG B 161 18.12 -46.25 -48.61
CA ARG B 161 18.22 -47.25 -49.65
C ARG B 161 18.38 -48.65 -49.05
N MET B 162 19.27 -48.78 -48.07
CA MET B 162 19.47 -50.08 -47.45
C MET B 162 18.29 -50.48 -46.59
N LEU B 163 17.69 -49.51 -45.89
CA LEU B 163 16.54 -49.80 -45.04
C LEU B 163 15.35 -50.26 -45.88
N LEU B 164 15.10 -49.60 -47.01
CA LEU B 164 14.04 -50.06 -47.91
C LEU B 164 14.41 -51.38 -48.57
N ARG B 165 15.69 -51.60 -48.85
CA ARG B 165 16.11 -52.89 -49.41
C ARG B 165 15.92 -54.02 -48.41
N GLU B 166 16.20 -53.77 -47.13
CA GLU B 166 16.09 -54.81 -46.13
C GLU B 166 14.65 -55.27 -45.94
N ILE B 167 13.71 -54.33 -45.84
CA ILE B 167 12.31 -54.70 -45.70
C ILE B 167 11.80 -55.34 -46.99
N LYS B 168 12.28 -54.87 -48.14
CA LYS B 168 11.96 -55.55 -49.40
C LYS B 168 12.53 -56.96 -49.42
N ASN B 169 13.78 -57.12 -48.95
CA ASN B 169 14.35 -58.45 -48.81
C ASN B 169 13.58 -59.27 -47.78
N ASP B 170 13.12 -58.62 -46.71
CA ASP B 170 12.28 -59.31 -45.72
C ASP B 170 10.97 -59.77 -46.36
N ARG B 171 10.42 -58.95 -47.26
CA ARG B 171 9.24 -59.39 -48.02
C ARG B 171 9.57 -60.58 -48.92
N GLY B 172 10.83 -60.72 -49.32
CA GLY B 172 11.28 -61.82 -50.12
C GLY B 172 11.66 -63.07 -49.36
N GLY B 173 11.45 -63.09 -48.05
CA GLY B 173 11.76 -64.25 -47.24
C GLY B 173 13.01 -64.16 -46.41
N GLU B 174 13.68 -63.01 -46.39
CA GLU B 174 14.89 -62.85 -45.59
C GLU B 174 14.53 -62.70 -44.12
N ASP B 175 15.56 -62.68 -43.27
CA ASP B 175 15.41 -62.57 -41.83
C ASP B 175 16.28 -61.43 -41.33
N PRO B 176 15.85 -60.19 -41.49
CA PRO B 176 16.61 -59.05 -40.97
C PRO B 176 16.50 -58.97 -39.46
N ASN B 177 17.40 -58.17 -38.87
CA ASN B 177 17.38 -57.96 -37.44
C ASN B 177 16.13 -57.19 -37.04
N GLN B 178 15.44 -57.67 -36.00
CA GLN B 178 14.23 -57.01 -35.54
C GLN B 178 14.54 -55.66 -34.91
N LYS B 179 15.51 -55.62 -34.01
CA LYS B 179 15.80 -54.38 -33.28
C LYS B 179 16.46 -53.35 -34.19
N VAL B 180 17.33 -53.79 -35.10
CA VAL B 180 18.05 -52.86 -35.96
C VAL B 180 17.09 -52.18 -36.94
N ILE B 181 16.22 -52.97 -37.59
CA ILE B 181 15.30 -52.41 -38.56
C ILE B 181 14.27 -51.53 -37.87
N HIS B 182 13.71 -52.00 -36.75
CA HIS B 182 12.71 -51.22 -36.04
C HIS B 182 13.34 -50.02 -35.34
N GLY B 183 14.61 -50.12 -34.95
CA GLY B 183 15.28 -48.99 -34.32
C GLY B 183 15.50 -47.83 -35.28
N VAL B 184 15.86 -48.13 -36.53
CA VAL B 184 16.15 -47.08 -37.49
C VAL B 184 14.89 -46.31 -37.86
N ILE B 185 13.79 -47.03 -38.10
CA ILE B 185 12.54 -46.35 -38.45
C ILE B 185 12.00 -45.57 -37.26
N ASN B 186 12.13 -46.10 -36.05
CA ASN B 186 11.68 -45.39 -34.87
C ASN B 186 12.54 -44.16 -34.58
N SER B 187 13.77 -44.14 -35.10
CA SER B 187 14.64 -42.99 -34.88
C SER B 187 14.07 -41.74 -35.53
N PHE B 188 13.46 -41.88 -36.71
CA PHE B 188 12.88 -40.73 -37.39
C PHE B 188 11.74 -40.11 -36.58
N VAL B 189 10.91 -40.96 -35.98
CA VAL B 189 9.83 -40.47 -35.12
C VAL B 189 10.40 -39.89 -33.83
N HIS B 190 11.41 -40.54 -33.27
CA HIS B 190 11.93 -40.18 -31.95
C HIS B 190 12.67 -38.85 -31.93
N VAL B 191 12.97 -38.28 -33.10
CA VAL B 191 13.48 -36.91 -33.13
C VAL B 191 12.37 -35.89 -32.97
N GLU B 192 11.12 -36.25 -33.29
CA GLU B 192 10.01 -35.31 -33.33
C GLU B 192 9.36 -35.06 -31.97
N GLN B 193 10.04 -35.35 -30.86
CA GLN B 193 9.42 -35.13 -29.55
C GLN B 193 9.14 -33.66 -29.30
N TYR B 194 10.07 -32.77 -29.66
CA TYR B 194 9.89 -31.36 -29.37
C TYR B 194 8.95 -30.67 -30.35
N LYS B 195 8.67 -31.29 -31.50
CA LYS B 195 7.74 -30.72 -32.47
C LYS B 195 6.33 -31.15 -32.07
N LYS B 196 5.65 -30.29 -31.30
CA LYS B 196 4.28 -30.54 -30.92
C LYS B 196 3.28 -30.14 -31.99
N LYS B 197 3.73 -29.40 -33.01
CA LYS B 197 2.84 -29.01 -34.10
C LYS B 197 2.72 -30.11 -35.13
N PHE B 198 3.84 -30.66 -35.58
CA PHE B 198 3.88 -31.75 -36.55
C PHE B 198 4.78 -32.85 -36.00
N PRO B 199 4.25 -33.71 -35.14
CA PRO B 199 5.08 -34.74 -34.49
C PRO B 199 5.42 -35.93 -35.37
N LEU B 200 5.04 -35.92 -36.65
CA LEU B 200 5.39 -37.01 -37.55
C LEU B 200 5.79 -36.53 -38.94
N LYS B 201 6.07 -35.23 -39.11
CA LYS B 201 6.37 -34.71 -40.45
C LYS B 201 7.66 -35.30 -41.00
N PHE B 202 8.71 -35.39 -40.16
CA PHE B 202 9.98 -35.93 -40.63
C PHE B 202 9.85 -37.39 -41.02
N TYR B 203 9.14 -38.18 -40.22
CA TYR B 203 8.98 -39.60 -40.52
C TYR B 203 8.15 -39.82 -41.78
N GLN B 204 7.08 -39.06 -41.95
CA GLN B 204 6.21 -39.23 -43.10
C GLN B 204 6.82 -38.73 -44.40
N GLU B 205 7.92 -37.98 -44.34
CA GLU B 205 8.51 -37.37 -45.52
C GLU B 205 9.79 -38.05 -45.97
N ILE B 206 10.75 -38.25 -45.07
CA ILE B 206 12.05 -38.77 -45.49
C ILE B 206 12.02 -40.28 -45.71
N PHE B 207 11.08 -40.99 -45.10
CA PHE B 207 11.02 -42.45 -45.24
C PHE B 207 9.72 -42.93 -45.85
N GLU B 208 8.58 -42.44 -45.38
CA GLU B 208 7.30 -43.01 -45.77
C GLU B 208 6.99 -42.77 -47.24
N SER B 209 7.27 -41.57 -47.74
CA SER B 209 7.04 -41.30 -49.16
C SER B 209 7.88 -42.19 -50.07
N PRO B 210 9.18 -42.41 -49.84
CA PRO B 210 9.86 -43.50 -50.57
C PRO B 210 9.28 -44.88 -50.28
N PHE B 211 8.77 -45.10 -49.07
CA PHE B 211 8.29 -46.45 -48.72
C PHE B 211 6.95 -46.74 -49.38
N LEU B 212 6.05 -45.77 -49.42
CA LEU B 212 4.73 -46.00 -50.02
C LEU B 212 4.85 -46.26 -51.51
N THR B 213 5.73 -45.52 -52.21
CA THR B 213 5.95 -45.78 -53.62
C THR B 213 6.65 -47.11 -53.84
N GLU B 214 7.54 -47.52 -52.93
CA GLU B 214 8.20 -48.81 -53.06
C GLU B 214 7.22 -49.95 -52.89
N THR B 215 6.28 -49.81 -51.95
CA THR B 215 5.28 -50.86 -51.74
C THR B 215 4.38 -51.02 -52.97
N GLY B 216 3.99 -49.92 -53.58
CA GLY B 216 3.16 -50.00 -54.78
C GLY B 216 3.87 -50.65 -55.94
N GLU B 217 5.16 -50.33 -56.12
CA GLU B 217 5.94 -50.96 -57.18
C GLU B 217 6.09 -52.45 -56.93
N TYR B 218 6.32 -52.85 -55.68
CA TYR B 218 6.46 -54.26 -55.36
C TYR B 218 5.14 -55.01 -55.51
N TYR B 219 4.01 -54.34 -55.30
CA TYR B 219 2.70 -54.98 -55.34
C TYR B 219 1.99 -54.82 -56.66
N LYS B 220 2.61 -54.19 -57.66
CA LYS B 220 2.06 -54.18 -59.01
C LYS B 220 2.91 -54.98 -60.00
N GLN B 221 4.21 -55.10 -59.76
CA GLN B 221 5.04 -55.96 -60.59
C GLN B 221 4.76 -57.43 -60.29
N GLU B 222 4.65 -57.79 -59.01
CA GLU B 222 4.34 -59.16 -58.65
C GLU B 222 2.86 -59.48 -58.79
N ALA B 223 2.00 -58.47 -58.92
CA ALA B 223 0.58 -58.72 -59.13
C ALA B 223 0.34 -59.39 -60.47
N SER B 224 1.06 -58.96 -61.52
CA SER B 224 0.94 -59.60 -62.82
C SER B 224 1.49 -61.02 -62.79
N ASN B 225 2.50 -61.27 -61.95
CA ASN B 225 3.03 -62.63 -61.81
C ASN B 225 2.00 -63.56 -61.19
N LEU B 226 1.24 -63.07 -60.21
CA LEU B 226 0.24 -63.92 -59.56
C LEU B 226 -0.89 -64.27 -60.52
N LEU B 227 -1.44 -63.27 -61.22
CA LEU B 227 -2.53 -63.51 -62.15
C LEU B 227 -2.09 -64.34 -63.36
N GLN B 228 -0.79 -64.35 -63.67
CA GLN B 228 -0.30 -65.12 -64.80
C GLN B 228 -0.52 -66.61 -64.60
N GLU B 229 -0.33 -67.10 -63.38
CA GLU B 229 -0.46 -68.53 -63.09
C GLU B 229 -1.66 -68.90 -62.24
N SER B 230 -2.38 -67.92 -61.70
CA SER B 230 -3.52 -68.17 -60.83
C SER B 230 -4.81 -67.68 -61.48
N ASN B 231 -5.89 -68.41 -61.22
CA ASN B 231 -7.21 -68.05 -61.70
C ASN B 231 -7.87 -67.09 -60.70
N CYS B 232 -9.16 -66.82 -60.90
CA CYS B 232 -9.87 -65.90 -60.00
C CYS B 232 -9.99 -66.48 -58.59
N SER B 233 -10.32 -67.77 -58.49
CA SER B 233 -10.46 -68.38 -57.16
C SER B 233 -9.13 -68.47 -56.43
N GLN B 234 -8.05 -68.82 -57.15
CA GLN B 234 -6.74 -68.90 -56.51
C GLN B 234 -6.23 -67.52 -56.12
N TYR B 235 -6.50 -66.50 -56.94
CA TYR B 235 -6.05 -65.15 -56.62
C TYR B 235 -6.79 -64.58 -55.42
N MET B 236 -8.05 -64.98 -55.21
CA MET B 236 -8.80 -64.51 -54.04
C MET B 236 -8.15 -64.98 -52.74
N GLU B 237 -7.65 -66.22 -52.73
CA GLU B 237 -6.92 -66.70 -51.55
C GLU B 237 -5.57 -66.02 -51.43
N LYS B 238 -5.01 -65.52 -52.54
CA LYS B 238 -3.73 -64.83 -52.47
C LYS B 238 -3.87 -63.42 -51.89
N VAL B 239 -5.04 -62.80 -52.04
CA VAL B 239 -5.27 -61.49 -51.45
C VAL B 239 -5.24 -61.59 -49.93
N LEU B 240 -5.87 -62.62 -49.38
CA LEU B 240 -5.85 -62.84 -47.94
C LEU B 240 -4.57 -63.51 -47.45
N GLY B 241 -3.63 -63.76 -48.35
CA GLY B 241 -2.35 -64.35 -47.96
C GLY B 241 -1.24 -63.34 -47.79
N ARG B 242 -1.09 -62.43 -48.75
CA ARG B 242 0.00 -61.46 -48.72
C ARG B 242 -0.35 -60.23 -47.90
N LEU B 243 -1.62 -59.81 -47.88
CA LEU B 243 -2.00 -58.66 -47.07
C LEU B 243 -1.84 -58.94 -45.58
N LYS B 244 -2.18 -60.14 -45.14
CA LYS B 244 -1.99 -60.51 -43.74
C LYS B 244 -0.51 -60.55 -43.39
N ASP B 245 0.33 -61.01 -44.32
CA ASP B 245 1.78 -60.97 -44.10
C ASP B 245 2.27 -59.53 -44.00
N GLU B 246 1.77 -58.65 -44.87
CA GLU B 246 2.13 -57.23 -44.78
C GLU B 246 1.61 -56.61 -43.50
N GLU B 247 0.48 -57.09 -42.98
CA GLU B 247 -0.04 -56.59 -41.72
C GLU B 247 0.92 -56.89 -40.57
N ILE B 248 1.61 -58.04 -40.64
CA ILE B 248 2.63 -58.34 -39.63
C ILE B 248 3.78 -57.34 -39.72
N ARG B 249 4.21 -57.02 -40.94
CA ARG B 249 5.30 -56.06 -41.12
C ARG B 249 4.92 -54.67 -40.67
N CYS B 250 3.62 -54.35 -40.68
CA CYS B 250 3.16 -53.09 -40.11
C CYS B 250 3.43 -53.04 -38.62
N ARG B 251 3.16 -54.14 -37.92
CA ARG B 251 3.39 -54.24 -36.48
C ARG B 251 4.83 -54.61 -36.17
N LYS B 252 5.68 -54.81 -37.18
CA LYS B 252 7.06 -55.24 -36.98
C LYS B 252 8.06 -54.14 -37.33
N TYR B 253 8.00 -53.60 -38.55
CA TYR B 253 9.00 -52.65 -39.02
C TYR B 253 8.37 -51.31 -39.39
N LEU B 254 7.25 -50.95 -38.76
CA LEU B 254 6.56 -49.70 -39.06
C LEU B 254 6.04 -49.06 -37.78
N HIS B 255 5.86 -47.74 -37.85
CA HIS B 255 5.31 -47.00 -36.74
C HIS B 255 3.82 -47.32 -36.57
N PRO B 256 3.33 -47.40 -35.33
CA PRO B 256 1.89 -47.70 -35.14
C PRO B 256 0.96 -46.64 -35.70
N SER B 257 1.40 -45.38 -35.78
CA SER B 257 0.53 -44.33 -36.30
C SER B 257 0.34 -44.42 -37.82
N SER B 258 1.11 -45.26 -38.50
CA SER B 258 0.99 -45.44 -39.95
C SER B 258 0.34 -46.77 -40.31
N TYR B 259 -0.46 -47.34 -39.40
CA TYR B 259 -1.08 -48.64 -39.65
C TYR B 259 -2.08 -48.57 -40.79
N THR B 260 -2.91 -47.53 -40.81
CA THR B 260 -4.03 -47.48 -41.75
C THR B 260 -3.61 -46.99 -43.13
N LYS B 261 -2.69 -46.04 -43.20
CA LYS B 261 -2.34 -45.41 -44.47
C LYS B 261 -1.43 -46.28 -45.33
N VAL B 262 -0.94 -47.41 -44.82
CA VAL B 262 -0.19 -48.34 -45.64
C VAL B 262 -0.95 -49.65 -45.85
N ILE B 263 -1.87 -50.02 -44.95
CA ILE B 263 -2.67 -51.22 -45.15
C ILE B 263 -3.76 -50.99 -46.19
N HIS B 264 -4.09 -49.74 -46.49
CA HIS B 264 -5.03 -49.42 -47.56
C HIS B 264 -4.34 -49.04 -48.85
N GLU B 265 -3.07 -48.64 -48.80
CA GLU B 265 -2.33 -48.35 -50.02
C GLU B 265 -2.06 -49.62 -50.82
N CYS B 266 -1.81 -50.74 -50.12
CA CYS B 266 -1.60 -52.00 -50.81
C CYS B 266 -2.89 -52.48 -51.48
N GLN B 267 -4.03 -52.25 -50.84
CA GLN B 267 -5.30 -52.63 -51.45
C GLN B 267 -5.58 -51.84 -52.73
N GLN B 268 -5.07 -50.61 -52.81
CA GLN B 268 -5.25 -49.82 -54.02
C GLN B 268 -4.50 -50.44 -55.20
N ARG B 269 -3.30 -50.97 -54.96
CA ARG B 269 -2.52 -51.60 -56.01
C ARG B 269 -2.83 -53.07 -56.18
N MET B 270 -3.67 -53.66 -55.33
CA MET B 270 -4.00 -55.07 -55.42
C MET B 270 -5.48 -55.31 -55.68
N VAL B 271 -6.36 -54.71 -54.88
CA VAL B 271 -7.79 -54.94 -55.01
C VAL B 271 -8.46 -53.92 -55.92
N ALA B 272 -8.12 -52.64 -55.75
CA ALA B 272 -8.76 -51.60 -56.55
C ALA B 272 -8.41 -51.74 -58.03
N ASP B 273 -7.16 -52.10 -58.34
CA ASP B 273 -6.77 -52.30 -59.72
C ASP B 273 -7.38 -53.57 -60.32
N HIS B 274 -7.80 -54.52 -59.48
CA HIS B 274 -8.43 -55.75 -59.95
C HIS B 274 -9.89 -55.85 -59.50
N LEU B 275 -10.53 -54.71 -59.25
CA LEU B 275 -11.94 -54.71 -58.87
C LEU B 275 -12.82 -55.18 -60.01
N GLN B 276 -12.48 -54.80 -61.25
CA GLN B 276 -13.24 -55.23 -62.40
C GLN B 276 -13.11 -56.73 -62.66
N PHE B 277 -12.03 -57.35 -62.19
CA PHE B 277 -11.83 -58.78 -62.37
C PHE B 277 -12.50 -59.60 -61.28
N LEU B 278 -12.47 -59.12 -60.03
CA LEU B 278 -13.10 -59.85 -58.94
C LEU B 278 -14.62 -59.78 -59.04
N HIS B 279 -15.16 -58.61 -59.39
CA HIS B 279 -16.61 -58.46 -59.48
C HIS B 279 -17.19 -59.29 -60.63
N ALA B 280 -16.49 -59.35 -61.75
CA ALA B 280 -16.95 -60.12 -62.90
C ALA B 280 -16.78 -61.63 -62.65
N ASP C 2 -1.92 -39.56 12.30
CA ASP C 2 -0.75 -39.70 11.46
C ASP C 2 0.33 -38.74 11.93
N VAL C 3 1.47 -39.29 12.38
CA VAL C 3 2.52 -38.54 13.04
C VAL C 3 3.80 -38.65 12.21
N PHE C 4 4.53 -37.54 12.11
CA PHE C 4 5.72 -37.43 11.27
C PHE C 4 6.94 -37.20 12.17
N LEU C 5 8.02 -37.93 11.89
CA LEU C 5 9.17 -37.95 12.78
C LEU C 5 10.47 -37.77 12.01
N MET C 6 11.55 -37.58 12.76
CA MET C 6 12.91 -37.42 12.25
C MET C 6 13.80 -38.33 13.09
N ILE C 7 13.97 -39.57 12.65
CA ILE C 7 14.73 -40.54 13.44
C ILE C 7 16.23 -40.36 13.18
N ARG C 8 16.87 -39.48 13.94
CA ARG C 8 18.29 -39.18 13.77
C ARG C 8 19.12 -40.01 14.73
N ARG C 9 20.23 -40.55 14.24
CA ARG C 9 21.10 -41.37 15.08
C ARG C 9 22.46 -40.74 15.32
N HIS C 10 23.25 -40.51 14.27
CA HIS C 10 24.48 -39.73 14.41
C HIS C 10 24.48 -38.53 13.46
N LYS C 11 24.31 -38.77 12.17
CA LYS C 11 24.14 -37.71 11.19
C LYS C 11 23.01 -38.00 10.21
N THR C 12 22.55 -39.24 10.12
CA THR C 12 21.39 -39.55 9.30
C THR C 12 20.15 -38.90 9.90
N THR C 13 19.12 -38.74 9.07
CA THR C 13 17.86 -38.17 9.54
C THR C 13 16.75 -38.84 8.73
N ILE C 14 16.20 -39.91 9.28
CA ILE C 14 15.15 -40.67 8.61
C ILE C 14 13.85 -39.88 8.70
N PHE C 15 13.28 -39.54 7.56
CA PHE C 15 12.03 -38.79 7.50
C PHE C 15 10.90 -39.78 7.27
N THR C 16 10.31 -40.25 8.35
CA THR C 16 9.28 -41.27 8.31
C THR C 16 7.96 -40.70 8.79
N ASP C 17 6.87 -41.37 8.41
CA ASP C 17 5.53 -41.04 8.86
C ASP C 17 4.91 -42.29 9.44
N ALA C 18 4.40 -42.19 10.66
CA ALA C 18 3.80 -43.31 11.35
C ALA C 18 2.39 -42.94 11.78
N LYS C 19 1.56 -43.96 11.97
CA LYS C 19 0.22 -43.74 12.49
C LYS C 19 0.31 -43.29 13.95
N GLU C 20 -0.64 -42.43 14.35
CA GLU C 20 -0.68 -41.98 15.73
C GLU C 20 -0.89 -43.14 16.69
N SER C 21 -1.72 -44.11 16.30
CA SER C 21 -2.01 -45.27 17.15
C SER C 21 -0.94 -46.35 17.10
N SER C 22 -0.04 -46.31 16.13
CA SER C 22 0.99 -47.33 16.02
C SER C 22 1.98 -47.22 17.18
N THR C 23 2.49 -48.38 17.60
CA THR C 23 3.39 -48.43 18.73
C THR C 23 4.83 -48.20 18.29
N VAL C 24 5.73 -48.13 19.27
CA VAL C 24 7.14 -47.88 19.00
C VAL C 24 7.79 -49.05 18.28
N PHE C 25 7.25 -50.27 18.44
CA PHE C 25 7.85 -51.42 17.77
C PHE C 25 7.75 -51.31 16.26
N GLU C 26 6.63 -50.80 15.74
CA GLU C 26 6.55 -50.56 14.30
C GLU C 26 7.51 -49.45 13.88
N LEU C 27 7.74 -48.47 14.74
CA LEU C 27 8.72 -47.42 14.44
C LEU C 27 10.13 -47.98 14.39
N LYS C 28 10.43 -48.99 15.20
CA LYS C 28 11.72 -49.64 15.13
C LYS C 28 11.82 -50.59 13.94
N ARG C 29 10.70 -51.18 13.56
CA ARG C 29 10.68 -52.14 12.45
C ARG C 29 10.72 -51.44 11.10
N ILE C 30 10.25 -50.19 11.02
CA ILE C 30 10.31 -49.46 9.76
C ILE C 30 11.75 -49.12 9.39
N VAL C 31 12.66 -49.13 10.36
CA VAL C 31 14.08 -48.93 10.08
C VAL C 31 14.71 -50.17 9.47
N GLU C 32 14.05 -51.33 9.56
CA GLU C 32 14.56 -52.54 8.92
C GLU C 32 14.68 -52.36 7.41
N GLY C 33 13.73 -51.67 6.79
CA GLY C 33 13.80 -51.40 5.38
C GLY C 33 14.66 -50.23 5.00
N ILE C 34 15.31 -49.59 5.97
CA ILE C 34 16.07 -48.37 5.72
C ILE C 34 17.55 -48.59 6.01
N LEU C 35 17.87 -48.98 7.26
CA LEU C 35 19.25 -49.25 7.64
C LEU C 35 19.52 -50.74 7.86
N LYS C 36 18.51 -51.60 7.74
CA LYS C 36 18.69 -53.05 7.72
C LYS C 36 19.35 -53.57 9.00
N ARG C 37 18.86 -53.10 10.15
CA ARG C 37 19.33 -53.60 11.43
C ARG C 37 18.14 -53.97 12.31
N PRO C 38 18.21 -55.11 13.00
CA PRO C 38 17.02 -55.64 13.67
C PRO C 38 16.55 -54.71 14.77
N PRO C 39 15.23 -54.69 15.04
CA PRO C 39 14.72 -53.79 16.10
C PRO C 39 15.19 -54.17 17.49
N ASP C 40 15.65 -55.41 17.70
CA ASP C 40 16.15 -55.79 19.01
C ASP C 40 17.39 -54.98 19.39
N GLU C 41 18.29 -54.76 18.43
CA GLU C 41 19.55 -54.08 18.68
C GLU C 41 19.46 -52.57 18.51
N GLN C 42 18.26 -51.98 18.62
CA GLN C 42 18.14 -50.53 18.57
C GLN C 42 17.07 -50.08 19.55
N ARG C 43 17.28 -48.87 20.09
CA ARG C 43 16.31 -48.22 20.95
C ARG C 43 16.19 -46.76 20.56
N LEU C 44 14.98 -46.21 20.73
CA LEU C 44 14.70 -44.84 20.37
C LEU C 44 14.88 -43.93 21.57
N TYR C 45 14.74 -42.63 21.35
CA TYR C 45 15.06 -41.65 22.40
C TYR C 45 14.30 -40.37 22.10
N LYS C 46 13.28 -40.06 22.90
CA LYS C 46 12.61 -38.77 22.83
C LYS C 46 13.21 -37.88 23.92
N ASP C 47 14.34 -37.26 23.59
CA ASP C 47 15.06 -36.36 24.49
C ASP C 47 15.42 -37.07 25.80
N ASP C 48 16.29 -38.08 25.66
CA ASP C 48 16.73 -38.93 26.77
C ASP C 48 15.55 -39.64 27.42
N GLN C 49 14.90 -40.49 26.62
CA GLN C 49 13.75 -41.26 27.08
C GLN C 49 13.68 -42.54 26.26
N LEU C 50 13.93 -43.68 26.89
CA LEU C 50 13.77 -44.96 26.22
C LEU C 50 12.32 -45.13 25.78
N LEU C 51 12.12 -45.56 24.54
CA LEU C 51 10.79 -45.78 23.99
C LEU C 51 10.60 -47.28 23.82
N ASP C 52 9.90 -47.89 24.77
CA ASP C 52 9.74 -49.33 24.79
C ASP C 52 8.71 -49.77 23.75
N ASP C 53 8.79 -51.06 23.41
CA ASP C 53 7.97 -51.58 22.31
C ASP C 53 6.48 -51.57 22.66
N GLY C 54 6.14 -51.82 23.92
CA GLY C 54 4.73 -51.96 24.28
C GLY C 54 3.93 -50.69 24.14
N LYS C 55 4.48 -49.56 24.62
CA LYS C 55 3.74 -48.32 24.65
C LYS C 55 3.63 -47.70 23.26
N THR C 56 2.48 -47.08 22.99
CA THR C 56 2.19 -46.54 21.68
C THR C 56 2.81 -45.16 21.51
N LEU C 57 2.75 -44.65 20.27
CA LEU C 57 3.33 -43.34 19.98
C LEU C 57 2.55 -42.22 20.62
N GLY C 58 1.23 -42.35 20.72
CA GLY C 58 0.43 -41.32 21.37
C GLY C 58 0.62 -41.24 22.86
N GLU C 59 1.10 -42.33 23.49
CA GLU C 59 1.35 -42.32 24.92
C GLU C 59 2.62 -41.55 25.26
N CYS C 60 3.66 -41.65 24.42
CA CYS C 60 4.96 -41.07 24.72
C CYS C 60 5.11 -39.64 24.20
N GLY C 61 4.01 -38.94 23.99
CA GLY C 61 4.06 -37.53 23.66
C GLY C 61 4.15 -37.18 22.19
N PHE C 62 4.16 -38.17 21.30
CA PHE C 62 4.18 -37.89 19.86
C PHE C 62 2.76 -37.64 19.34
N THR C 63 2.15 -36.58 19.86
CA THR C 63 0.85 -36.18 19.35
C THR C 63 1.01 -35.54 17.98
N SER C 64 -0.07 -35.60 17.19
CA SER C 64 -0.02 -35.04 15.84
C SER C 64 0.05 -33.53 15.82
N GLN C 65 -0.20 -32.86 16.95
CA GLN C 65 -0.10 -31.41 16.99
C GLN C 65 1.35 -30.95 17.06
N THR C 66 2.20 -31.66 17.81
CA THR C 66 3.59 -31.27 18.01
C THR C 66 4.55 -31.95 17.05
N ALA C 67 4.06 -32.80 16.16
CA ALA C 67 4.89 -33.49 15.17
C ALA C 67 4.24 -33.42 13.80
N ARG C 68 3.77 -32.23 13.44
CA ARG C 68 3.16 -31.99 12.15
C ARG C 68 4.21 -32.05 11.05
N PRO C 69 3.80 -32.28 9.79
CA PRO C 69 4.80 -32.39 8.70
C PRO C 69 5.65 -31.15 8.52
N GLN C 70 5.11 -29.97 8.82
CA GLN C 70 5.90 -28.75 8.69
C GLN C 70 7.13 -28.78 9.58
N ALA C 71 6.96 -29.19 10.83
CA ALA C 71 8.05 -29.29 11.80
C ALA C 71 7.94 -30.61 12.54
N PRO C 72 8.41 -31.70 11.93
CA PRO C 72 8.32 -33.00 12.59
C PRO C 72 9.19 -33.07 13.84
N ALA C 73 8.77 -33.92 14.77
CA ALA C 73 9.45 -34.09 16.04
C ALA C 73 10.57 -35.11 15.91
N THR C 74 11.77 -34.74 16.33
CA THR C 74 12.91 -35.62 16.24
C THR C 74 12.81 -36.74 17.28
N VAL C 75 13.50 -37.84 17.00
CA VAL C 75 13.65 -38.94 17.95
C VAL C 75 15.02 -39.56 17.73
N GLY C 76 15.74 -39.80 18.82
CA GLY C 76 17.08 -40.32 18.74
C GLY C 76 17.09 -41.80 18.45
N LEU C 77 18.30 -42.34 18.33
CA LEU C 77 18.46 -43.77 18.08
C LEU C 77 19.90 -44.17 18.38
N ALA C 78 20.07 -45.40 18.87
CA ALA C 78 21.37 -46.03 18.97
C ALA C 78 21.23 -47.48 18.54
N PHE C 79 22.29 -48.02 17.92
CA PHE C 79 22.26 -49.38 17.39
C PHE C 79 23.05 -50.38 18.23
N ARG C 80 23.16 -50.15 19.54
CA ARG C 80 23.71 -51.11 20.51
C ARG C 80 25.20 -51.39 20.27
N ALA C 81 25.80 -50.83 19.23
CA ALA C 81 27.15 -51.19 18.77
C ALA C 81 27.25 -52.70 18.62
N ASP C 82 27.92 -53.37 19.56
CA ASP C 82 27.94 -54.83 19.57
C ASP C 82 26.97 -55.40 20.60
N ASP C 83 27.11 -54.99 21.86
CA ASP C 83 26.18 -55.44 22.91
C ASP C 83 25.71 -54.33 23.84
N THR C 84 26.42 -53.21 23.97
CA THR C 84 26.05 -52.13 24.87
C THR C 84 25.72 -50.88 24.06
N PHE C 85 24.56 -50.29 24.35
CA PHE C 85 24.10 -49.13 23.59
C PHE C 85 25.01 -47.92 23.82
N GLU C 86 24.97 -47.00 22.87
CA GLU C 86 25.77 -45.79 22.92
C GLU C 86 24.88 -44.60 23.24
N ALA C 87 25.52 -43.51 23.67
CA ALA C 87 24.78 -42.30 24.01
C ALA C 87 24.28 -41.61 22.74
N LEU C 88 23.35 -40.67 22.94
CA LEU C 88 22.82 -39.89 21.83
C LEU C 88 23.89 -38.93 21.33
N CYS C 89 24.44 -39.21 20.16
CA CYS C 89 25.41 -38.33 19.51
C CYS C 89 24.74 -37.55 18.37
N ILE C 90 23.51 -37.11 18.59
CA ILE C 90 22.77 -36.36 17.57
C ILE C 90 23.48 -35.02 17.36
N GLU C 91 24.12 -34.87 16.22
CA GLU C 91 24.82 -33.64 15.93
C GLU C 91 23.84 -32.58 15.42
N PRO C 92 24.00 -31.32 15.83
CA PRO C 92 23.13 -30.27 15.30
C PRO C 92 23.43 -30.02 13.83
N PHE C 93 22.41 -29.55 13.11
CA PHE C 93 22.50 -29.42 11.66
C PHE C 93 23.60 -28.44 11.25
N SER C 94 23.40 -27.17 11.57
CA SER C 94 24.33 -26.10 11.23
C SER C 94 23.80 -24.82 11.86
N SER C 95 24.64 -23.80 11.87
CA SER C 95 24.24 -22.49 12.34
C SER C 95 23.90 -21.63 11.12
N PRO C 96 22.64 -21.27 10.90
CA PRO C 96 22.33 -20.37 9.79
C PRO C 96 22.95 -19.00 10.04
N PRO C 97 23.29 -18.27 8.98
CA PRO C 97 23.92 -16.96 9.17
C PRO C 97 23.03 -16.02 9.96
N GLU C 98 23.49 -15.65 11.16
CA GLU C 98 22.71 -14.84 12.09
C GLU C 98 22.57 -13.43 11.52
N LEU C 99 21.40 -13.13 10.98
CA LEU C 99 21.16 -11.81 10.43
C LEU C 99 21.12 -10.79 11.56
N PRO C 100 21.85 -9.68 11.45
CA PRO C 100 21.85 -8.69 12.53
C PRO C 100 20.50 -8.04 12.68
N ASP C 101 20.15 -7.72 13.92
CA ASP C 101 18.90 -7.02 14.21
C ASP C 101 19.10 -5.55 13.90
N VAL C 102 18.26 -5.00 13.03
CA VAL C 102 18.38 -3.60 12.64
C VAL C 102 18.06 -2.66 13.79
N MET C 103 17.32 -3.14 14.79
CA MET C 103 17.02 -2.35 15.97
C MET C 103 18.08 -2.46 17.05
N LYS C 104 19.06 -3.32 16.88
CA LYS C 104 20.17 -3.41 17.82
C LYS C 104 21.03 -2.15 17.70
N PRO C 105 21.30 -1.44 18.79
CA PRO C 105 22.09 -0.22 18.71
C PRO C 105 23.56 -0.47 18.36
N GLN C 106 23.95 -0.03 17.16
CA GLN C 106 25.34 -0.15 16.72
C GLN C 106 25.61 0.83 15.59
N MET D 1 12.62 -47.56 -2.18
CA MET D 1 11.69 -46.44 -2.17
C MET D 1 12.15 -45.34 -1.24
N TYR D 2 13.43 -45.38 -0.86
CA TYR D 2 14.05 -44.37 -0.01
C TYR D 2 15.30 -43.86 -0.69
N VAL D 3 15.58 -42.57 -0.53
CA VAL D 3 16.76 -41.94 -1.10
C VAL D 3 17.47 -41.13 -0.03
N LYS D 4 18.79 -41.11 -0.09
CA LYS D 4 19.65 -40.56 0.96
C LYS D 4 20.22 -39.22 0.50
N LEU D 5 19.50 -38.15 0.79
CA LEU D 5 19.89 -36.79 0.39
C LEU D 5 21.03 -36.31 1.27
N ILE D 6 22.26 -36.65 0.89
CA ILE D 6 23.42 -36.21 1.65
C ILE D 6 23.64 -34.72 1.42
N SER D 7 23.81 -33.97 2.51
CA SER D 7 24.03 -32.53 2.43
C SER D 7 25.52 -32.25 2.29
N SER D 8 25.90 -30.98 2.40
CA SER D 8 27.32 -30.63 2.27
C SER D 8 28.09 -31.02 3.52
N ASP D 9 27.51 -30.81 4.71
CA ASP D 9 28.19 -31.16 5.95
C ASP D 9 28.39 -32.66 6.07
N GLY D 10 27.40 -33.45 5.66
CA GLY D 10 27.51 -34.89 5.72
C GLY D 10 26.25 -35.54 6.26
N HIS D 11 25.25 -34.72 6.55
CA HIS D 11 23.99 -35.24 7.09
C HIS D 11 23.26 -36.01 6.02
N GLU D 12 22.82 -37.22 6.34
CA GLU D 12 22.22 -38.12 5.37
C GLU D 12 20.71 -38.13 5.57
N PHE D 13 20.02 -37.18 4.95
CA PHE D 13 18.58 -37.04 5.10
C PHE D 13 17.89 -38.10 4.26
N ILE D 14 17.57 -39.22 4.90
CA ILE D 14 16.92 -40.33 4.20
C ILE D 14 15.42 -40.02 4.11
N VAL D 15 14.97 -39.64 2.92
CA VAL D 15 13.57 -39.33 2.69
C VAL D 15 13.03 -40.30 1.64
N LYS D 16 11.72 -40.51 1.67
CA LYS D 16 11.08 -41.43 0.73
C LYS D 16 11.26 -40.93 -0.70
N ARG D 17 11.41 -41.88 -1.63
CA ARG D 17 11.65 -41.51 -3.01
C ARG D 17 10.45 -40.78 -3.62
N GLU D 18 9.24 -41.14 -3.21
CA GLU D 18 8.06 -40.41 -3.68
C GLU D 18 8.10 -38.96 -3.25
N HIS D 19 8.68 -38.67 -2.08
CA HIS D 19 8.79 -37.29 -1.63
C HIS D 19 9.88 -36.54 -2.40
N ALA D 20 10.99 -37.22 -2.71
CA ALA D 20 12.11 -36.54 -3.32
C ALA D 20 11.82 -36.11 -4.75
N LEU D 21 11.02 -36.87 -5.49
CA LEU D 21 10.70 -36.48 -6.86
C LEU D 21 9.75 -35.30 -6.93
N THR D 22 9.39 -34.70 -5.79
CA THR D 22 8.68 -33.42 -5.82
C THR D 22 9.55 -32.34 -6.44
N SER D 23 10.84 -32.34 -6.12
CA SER D 23 11.78 -31.42 -6.72
C SER D 23 12.23 -31.93 -8.08
N GLY D 24 12.24 -31.05 -9.07
CA GLY D 24 12.66 -31.45 -10.40
C GLY D 24 14.13 -31.83 -10.47
N THR D 25 14.97 -31.12 -9.72
CA THR D 25 16.41 -31.37 -9.79
C THR D 25 16.78 -32.71 -9.16
N ILE D 26 16.11 -33.08 -8.07
CA ILE D 26 16.37 -34.39 -7.48
C ILE D 26 15.87 -35.50 -8.40
N LYS D 27 14.73 -35.28 -9.05
CA LYS D 27 14.23 -36.24 -10.02
C LYS D 27 15.20 -36.39 -11.20
N ALA D 28 15.84 -35.29 -11.60
CA ALA D 28 16.85 -35.37 -12.66
C ALA D 28 18.11 -36.07 -12.18
N MET D 29 18.52 -35.81 -10.92
CA MET D 29 19.69 -36.45 -10.36
C MET D 29 19.50 -37.95 -10.22
N LEU D 30 18.25 -38.38 -9.97
CA LEU D 30 17.92 -39.79 -9.87
C LEU D 30 17.55 -40.39 -11.23
N SER D 31 17.99 -39.77 -12.33
CA SER D 31 17.77 -40.30 -13.67
C SER D 31 19.10 -40.32 -14.40
N GLY D 32 19.32 -41.38 -15.17
CA GLY D 32 20.56 -41.53 -15.89
C GLY D 32 21.57 -42.33 -15.11
N PRO D 33 22.82 -41.86 -15.08
CA PRO D 33 23.83 -42.51 -14.23
C PRO D 33 23.54 -42.39 -12.75
N GLY D 34 22.66 -41.48 -12.34
CA GLY D 34 22.33 -41.35 -10.94
C GLY D 34 21.30 -42.31 -10.42
N GLN D 35 20.60 -43.05 -11.30
CA GLN D 35 19.60 -44.01 -10.88
C GLN D 35 20.19 -45.37 -10.57
N PHE D 36 21.51 -45.52 -10.66
CA PHE D 36 22.15 -46.77 -10.31
C PHE D 36 21.96 -47.05 -8.83
N ALA D 37 21.25 -48.14 -8.53
CA ALA D 37 20.83 -48.43 -7.17
C ALA D 37 21.98 -48.89 -6.29
N GLU D 38 22.92 -47.99 -5.99
CA GLU D 38 23.96 -48.30 -5.03
C GLU D 38 23.34 -48.47 -3.65
N ASN D 39 23.77 -49.52 -2.94
CA ASN D 39 23.12 -49.97 -1.69
C ASN D 39 21.65 -50.19 -2.02
N GLU D 40 20.73 -49.76 -1.16
CA GLU D 40 19.31 -49.72 -1.50
C GLU D 40 18.81 -48.31 -1.75
N THR D 41 19.34 -47.32 -1.03
CA THR D 41 18.96 -45.93 -1.21
C THR D 41 19.99 -45.23 -2.09
N ASN D 42 19.51 -44.38 -2.99
CA ASN D 42 20.38 -43.65 -3.90
C ASN D 42 20.95 -42.43 -3.18
N GLU D 43 22.25 -42.43 -2.93
CA GLU D 43 22.91 -41.34 -2.22
C GLU D 43 23.02 -40.14 -3.16
N VAL D 44 22.26 -39.09 -2.88
CA VAL D 44 22.31 -37.86 -3.64
C VAL D 44 23.18 -36.87 -2.88
N ASN D 45 24.24 -36.40 -3.52
CA ASN D 45 25.15 -35.45 -2.90
C ASN D 45 24.72 -34.02 -3.21
N PHE D 46 24.81 -33.16 -2.19
CA PHE D 46 24.36 -31.77 -2.26
C PHE D 46 25.42 -30.85 -1.70
N ARG D 47 26.65 -30.98 -2.22
CA ARG D 47 27.83 -30.29 -1.71
C ARG D 47 27.67 -28.77 -1.58
N GLU D 48 26.63 -28.21 -2.20
CA GLU D 48 26.36 -26.79 -2.09
C GLU D 48 25.18 -26.47 -1.17
N ILE D 49 24.43 -27.47 -0.71
CA ILE D 49 23.26 -27.27 0.13
C ILE D 49 23.63 -27.69 1.56
N PRO D 50 23.66 -26.76 2.52
CA PRO D 50 23.97 -27.13 3.91
C PRO D 50 22.86 -27.98 4.52
N SER D 51 23.14 -28.46 5.73
CA SER D 51 22.20 -29.32 6.44
C SER D 51 21.02 -28.54 7.00
N HIS D 52 21.27 -27.34 7.52
CA HIS D 52 20.20 -26.55 8.13
C HIS D 52 19.16 -26.09 7.12
N VAL D 53 19.46 -26.17 5.83
CA VAL D 53 18.49 -25.89 4.79
C VAL D 53 17.99 -27.14 4.09
N LEU D 54 18.82 -28.19 3.97
CA LEU D 54 18.34 -29.43 3.40
C LEU D 54 17.31 -30.11 4.31
N SER D 55 17.44 -29.91 5.63
CA SER D 55 16.40 -30.40 6.54
C SER D 55 15.07 -29.73 6.26
N LYS D 56 15.08 -28.42 6.05
CA LYS D 56 13.85 -27.70 5.71
C LYS D 56 13.31 -28.15 4.36
N VAL D 57 14.21 -28.45 3.41
CA VAL D 57 13.77 -28.95 2.10
C VAL D 57 13.06 -30.29 2.24
N CYS D 58 13.63 -31.20 3.04
CA CYS D 58 12.99 -32.51 3.23
C CYS D 58 11.68 -32.37 3.99
N MET D 59 11.63 -31.46 4.96
CA MET D 59 10.37 -31.16 5.64
C MET D 59 9.34 -30.64 4.66
N TYR D 60 9.75 -29.81 3.71
CA TYR D 60 8.82 -29.34 2.69
C TYR D 60 8.35 -30.48 1.80
N PHE D 61 9.25 -31.42 1.50
CA PHE D 61 8.83 -32.59 0.71
C PHE D 61 7.73 -33.35 1.42
N THR D 62 7.97 -33.71 2.68
CA THR D 62 6.97 -34.45 3.44
C THR D 62 5.74 -33.60 3.77
N TYR D 63 5.84 -32.28 3.61
CA TYR D 63 4.69 -31.40 3.83
C TYR D 63 3.82 -31.31 2.58
N LYS D 64 4.44 -31.04 1.43
CA LYS D 64 3.69 -30.95 0.18
C LYS D 64 3.08 -32.28 -0.21
N VAL D 65 3.82 -33.38 -0.05
CA VAL D 65 3.27 -34.68 -0.42
C VAL D 65 2.07 -35.03 0.44
N ARG D 66 2.17 -34.77 1.75
CA ARG D 66 1.04 -35.03 2.64
C ARG D 66 -0.12 -34.08 2.35
N TYR D 67 0.17 -32.80 2.11
CA TYR D 67 -0.87 -31.79 2.02
C TYR D 67 -1.30 -31.50 0.58
N THR D 68 -0.88 -32.32 -0.38
CA THR D 68 -1.33 -32.11 -1.74
C THR D 68 -2.82 -32.43 -1.87
N ASN D 69 -3.48 -31.75 -2.80
CA ASN D 69 -4.93 -31.79 -3.03
C ASN D 69 -5.72 -31.87 -1.72
N SER D 70 -5.36 -31.00 -0.78
CA SER D 70 -6.00 -30.98 0.53
C SER D 70 -7.35 -30.29 0.45
N SER D 71 -8.36 -30.91 1.03
CA SER D 71 -9.69 -30.31 1.04
C SER D 71 -9.78 -29.14 2.01
N THR D 72 -9.15 -29.27 3.17
CA THR D 72 -9.18 -28.22 4.19
C THR D 72 -8.21 -27.09 3.81
N GLU D 73 -8.35 -25.96 4.51
CA GLU D 73 -7.45 -24.85 4.31
C GLU D 73 -6.03 -25.24 4.71
N ILE D 74 -5.07 -24.93 3.85
CA ILE D 74 -3.70 -25.43 4.02
C ILE D 74 -2.87 -24.40 4.78
N PRO D 75 -2.12 -24.82 5.79
CA PRO D 75 -1.24 -23.89 6.49
C PRO D 75 0.04 -23.63 5.72
N GLU D 76 0.56 -22.42 5.89
CA GLU D 76 1.78 -22.02 5.21
C GLU D 76 2.99 -22.75 5.78
N PHE D 77 3.97 -22.98 4.93
CA PHE D 77 5.19 -23.64 5.36
C PHE D 77 6.01 -22.68 6.21
N PRO D 78 6.41 -23.05 7.41
CA PRO D 78 7.14 -22.14 8.30
C PRO D 78 8.60 -22.02 7.90
N ILE D 79 8.98 -20.89 7.34
CA ILE D 79 10.35 -20.61 6.95
C ILE D 79 10.87 -19.49 7.83
N ALA D 80 11.89 -19.80 8.64
CA ALA D 80 12.45 -18.82 9.55
C ALA D 80 13.13 -17.70 8.76
N PRO D 81 13.16 -16.48 9.30
CA PRO D 81 13.81 -15.37 8.57
C PRO D 81 15.29 -15.58 8.32
N GLU D 82 16.00 -16.24 9.23
CA GLU D 82 17.43 -16.44 9.03
C GLU D 82 17.72 -17.51 7.97
N ILE D 83 16.78 -18.43 7.76
CA ILE D 83 16.94 -19.50 6.78
C ILE D 83 16.34 -19.11 5.42
N ALA D 84 15.54 -18.04 5.37
CA ALA D 84 14.72 -17.77 4.19
C ALA D 84 15.54 -17.55 2.94
N LEU D 85 16.66 -16.83 3.05
CA LEU D 85 17.46 -16.58 1.86
C LEU D 85 18.17 -17.83 1.37
N GLU D 86 18.74 -18.61 2.29
CA GLU D 86 19.42 -19.84 1.89
C GLU D 86 18.44 -20.89 1.39
N LEU D 87 17.22 -20.88 1.92
CA LEU D 87 16.18 -21.78 1.43
C LEU D 87 15.53 -21.26 0.17
N LEU D 88 15.74 -19.99 -0.17
CA LEU D 88 15.29 -19.47 -1.46
C LEU D 88 16.19 -19.97 -2.59
N MET D 89 17.50 -19.95 -2.38
CA MET D 89 18.42 -20.44 -3.39
C MET D 89 18.37 -21.96 -3.50
N ALA D 90 18.09 -22.64 -2.39
CA ALA D 90 17.92 -24.09 -2.44
C ALA D 90 16.62 -24.49 -3.11
N ALA D 91 15.58 -23.66 -2.98
CA ALA D 91 14.33 -23.95 -3.68
C ALA D 91 14.44 -23.72 -5.17
N ASN D 92 15.25 -22.74 -5.59
CA ASN D 92 15.46 -22.53 -7.02
C ASN D 92 16.33 -23.62 -7.62
N PHE D 93 17.42 -23.97 -6.94
CA PHE D 93 18.33 -24.98 -7.47
C PHE D 93 17.62 -26.33 -7.58
N LEU D 94 16.82 -26.67 -6.57
CA LEU D 94 16.12 -27.95 -6.59
C LEU D 94 14.84 -27.91 -7.41
N ASP D 95 14.43 -26.74 -7.88
CA ASP D 95 13.24 -26.58 -8.72
C ASP D 95 12.00 -27.17 -8.05
N CYS D 96 11.89 -26.99 -6.74
CA CYS D 96 10.75 -27.50 -5.99
C CYS D 96 9.80 -26.38 -5.60
N GLN E 10 -27.23 12.71 -40.45
CA GLN E 10 -26.88 14.09 -40.13
C GLN E 10 -26.69 14.92 -41.41
N LYS E 11 -26.44 16.21 -41.24
CA LYS E 11 -26.29 17.09 -42.39
C LYS E 11 -24.95 16.93 -43.09
N ARG E 12 -23.89 16.61 -42.35
CA ARG E 12 -22.56 16.47 -42.94
C ARG E 12 -21.94 15.16 -42.47
N ALA E 13 -20.79 14.84 -43.06
CA ALA E 13 -20.11 13.58 -42.78
C ALA E 13 -19.45 13.62 -41.40
N SER E 14 -18.75 12.55 -41.07
CA SER E 14 -18.04 12.47 -39.81
C SER E 14 -16.83 13.39 -39.81
N GLY E 15 -16.32 13.68 -38.62
CA GLY E 15 -15.13 14.48 -38.50
C GLY E 15 -13.89 13.74 -38.96
N GLN E 16 -12.84 14.51 -39.23
CA GLN E 16 -11.59 13.93 -39.68
C GLN E 16 -10.47 14.20 -38.69
N GLU F 7 6.97 37.27 16.23
CA GLU F 7 7.99 37.42 17.27
C GLU F 7 9.30 36.78 16.82
N TRP F 8 9.18 35.79 15.94
CA TRP F 8 10.32 35.10 15.34
C TRP F 8 11.21 34.45 16.40
N ILE F 9 10.63 33.47 17.07
CA ILE F 9 11.38 32.65 18.03
C ILE F 9 12.22 31.64 17.27
N PRO F 10 13.52 31.50 17.57
CA PRO F 10 14.33 30.50 16.88
C PRO F 10 13.86 29.09 17.20
N GLU F 11 14.06 28.18 16.25
CA GLU F 11 13.59 26.82 16.41
C GLU F 11 14.38 26.08 17.49
N THR F 12 13.71 25.12 18.12
CA THR F 12 14.34 24.30 19.14
C THR F 12 15.44 23.46 18.50
N LEU F 13 16.51 23.21 19.28
CA LEU F 13 17.60 22.37 18.78
C LEU F 13 17.10 20.98 18.43
N TYR F 14 16.06 20.50 19.10
CA TYR F 14 15.45 19.24 18.71
C TYR F 14 14.90 19.31 17.29
N ASN F 15 14.09 20.33 17.01
CA ASN F 15 13.47 20.44 15.69
C ASN F 15 14.48 20.88 14.64
N THR F 16 15.56 21.53 15.04
CA THR F 16 16.61 21.88 14.08
C THR F 16 17.45 20.66 13.73
N ALA F 17 17.74 19.81 14.70
CA ALA F 17 18.50 18.59 14.42
C ALA F 17 17.64 17.56 13.72
N ILE F 18 16.32 17.58 13.94
CA ILE F 18 15.42 16.69 13.22
C ILE F 18 15.48 16.98 11.73
N SER F 19 15.46 18.27 11.36
CA SER F 19 15.56 18.63 9.96
C SER F 19 16.92 18.26 9.37
N ALA F 20 17.98 18.39 10.17
CA ALA F 20 19.30 17.99 9.70
C ALA F 20 19.41 16.48 9.58
N VAL F 21 18.72 15.73 10.46
CA VAL F 21 18.73 14.28 10.36
C VAL F 21 17.94 13.82 9.14
N VAL F 22 16.79 14.43 8.89
CA VAL F 22 15.96 14.05 7.75
C VAL F 22 16.69 14.35 6.44
N ASP F 23 17.32 15.52 6.33
CA ASP F 23 18.05 15.86 5.13
C ASP F 23 19.23 14.92 4.90
N ASN F 24 19.74 14.31 5.97
CA ASN F 24 20.76 13.27 5.90
C ASN F 24 20.16 11.90 6.13
N TYR F 25 18.94 11.68 5.61
CA TYR F 25 18.20 10.48 5.96
C TYR F 25 18.82 9.22 5.37
N ILE F 26 19.23 9.26 4.10
CA ILE F 26 19.69 8.05 3.41
C ILE F 26 20.95 7.51 4.06
N ARG F 27 21.91 8.39 4.37
CA ARG F 27 23.15 7.95 4.97
C ARG F 27 23.03 7.62 6.46
N SER F 28 21.88 7.89 7.06
CA SER F 28 21.65 7.58 8.47
C SER F 28 20.27 6.98 8.67
N ARG F 29 19.89 6.05 7.80
CA ARG F 29 18.59 5.42 7.91
C ARG F 29 18.60 4.25 8.90
N ARG F 30 19.68 3.46 8.89
CA ARG F 30 19.77 2.33 9.81
C ARG F 30 19.89 2.81 11.26
N ASP F 31 20.65 3.87 11.50
CA ASP F 31 20.87 4.34 12.86
C ASP F 31 19.64 5.02 13.44
N ILE F 32 18.71 5.47 12.60
CA ILE F 32 17.49 6.10 13.10
C ILE F 32 16.60 5.09 13.79
N ARG F 33 16.55 3.85 13.27
CA ARG F 33 15.77 2.80 13.94
C ARG F 33 16.28 2.52 15.34
N SER F 34 17.55 2.82 15.62
CA SER F 34 18.10 2.73 16.98
C SER F 34 18.07 4.09 17.65
N LEU F 35 16.87 4.60 17.85
CA LEU F 35 16.63 5.88 18.52
C LEU F 35 15.48 5.70 19.49
N PRO F 36 15.38 6.58 20.49
CA PRO F 36 14.20 6.53 21.37
C PRO F 36 12.91 6.70 20.58
N GLU F 37 11.83 6.11 21.09
CA GLU F 37 10.57 6.08 20.35
C GLU F 37 10.05 7.48 20.07
N ASN F 38 10.26 8.41 21.00
CA ASN F 38 9.77 9.77 20.79
C ASN F 38 10.58 10.47 19.71
N ILE F 39 11.90 10.25 19.69
CA ILE F 39 12.73 10.82 18.63
C ILE F 39 12.40 10.15 17.30
N GLN F 40 12.32 8.82 17.29
CA GLN F 40 12.18 8.08 16.04
C GLN F 40 10.86 8.40 15.36
N PHE F 41 9.79 8.61 16.12
CA PHE F 41 8.53 9.02 15.51
C PHE F 41 8.64 10.41 14.89
N ASP F 42 9.37 11.31 15.55
CA ASP F 42 9.46 12.69 15.05
C ASP F 42 10.23 12.77 13.74
N VAL F 43 11.23 11.90 13.55
CA VAL F 43 11.91 11.85 12.26
C VAL F 43 10.95 11.41 11.16
N TYR F 44 10.12 10.41 11.43
CA TYR F 44 9.18 9.93 10.43
C TYR F 44 8.06 10.95 10.19
N TYR F 45 7.63 11.64 11.24
CA TYR F 45 6.64 12.70 11.04
C TYR F 45 7.23 13.85 10.24
N LYS F 46 8.52 14.15 10.43
CA LYS F 46 9.17 15.15 9.60
C LYS F 46 9.31 14.68 8.16
N LEU F 47 9.55 13.38 7.96
CA LEU F 47 9.55 12.84 6.60
C LEU F 47 8.21 13.00 5.93
N TYR F 48 7.12 12.75 6.67
CA TYR F 48 5.80 12.97 6.11
C TYR F 48 5.57 14.46 5.84
N GLN F 49 6.00 15.32 6.75
CA GLN F 49 5.79 16.76 6.58
C GLN F 49 6.54 17.29 5.38
N GLN F 50 7.75 16.78 5.14
CA GLN F 50 8.53 17.19 3.98
C GLN F 50 7.99 16.62 2.67
N GLY F 51 7.00 15.72 2.74
CA GLY F 51 6.43 15.11 1.56
C GLY F 51 7.15 13.87 1.08
N ARG F 52 8.17 13.42 1.81
CA ARG F 52 8.92 12.21 1.43
C ARG F 52 8.18 10.98 1.95
N LEU F 53 7.07 10.68 1.29
CA LEU F 53 6.25 9.56 1.72
C LEU F 53 6.90 8.22 1.38
N CYS F 54 7.57 8.14 0.24
CA CYS F 54 8.18 6.87 -0.16
C CYS F 54 9.31 6.47 0.76
N GLN F 55 10.08 7.44 1.25
CA GLN F 55 11.09 7.13 2.26
C GLN F 55 10.45 6.78 3.59
N LEU F 56 9.32 7.42 3.92
CA LEU F 56 8.60 7.08 5.14
C LEU F 56 7.83 5.77 4.99
N GLY F 57 7.21 5.55 3.83
CA GLY F 57 6.41 4.35 3.65
C GLY F 57 7.24 3.09 3.58
N SER F 58 8.50 3.19 3.18
CA SER F 58 9.39 2.04 3.14
C SER F 58 9.88 1.63 4.52
N GLU F 59 9.65 2.46 5.54
CA GLU F 59 9.99 2.13 6.91
C GLU F 59 8.78 1.83 7.78
N PHE F 60 7.58 2.26 7.37
CA PHE F 60 6.36 1.84 8.05
C PHE F 60 5.87 0.47 7.61
N CYS F 61 6.41 -0.05 6.51
CA CYS F 61 6.00 -1.38 6.05
C CYS F 61 6.54 -2.47 6.97
N GLU F 62 7.69 -2.25 7.58
CA GLU F 62 8.23 -3.22 8.52
C GLU F 62 7.44 -3.19 9.82
N LEU F 63 7.07 -4.36 10.32
CA LEU F 63 6.22 -4.42 11.51
C LEU F 63 6.94 -3.91 12.74
N GLU F 64 8.21 -4.28 12.91
CA GLU F 64 8.92 -3.90 14.13
C GLU F 64 9.21 -2.39 14.16
N VAL F 65 9.49 -1.79 13.01
CA VAL F 65 9.70 -0.34 12.97
C VAL F 65 8.40 0.39 13.23
N PHE F 66 7.28 -0.12 12.69
CA PHE F 66 5.98 0.48 12.95
C PHE F 66 5.50 0.21 14.37
N ALA F 67 6.08 -0.76 15.06
CA ALA F 67 5.68 -1.02 16.44
C ALA F 67 6.20 0.05 17.39
N LYS F 68 7.33 0.67 17.07
CA LYS F 68 7.87 1.71 17.95
C LYS F 68 7.10 3.01 17.79
N VAL F 69 6.69 3.36 16.57
CA VAL F 69 5.90 4.58 16.39
C VAL F 69 4.48 4.38 16.91
N LEU F 70 4.05 3.13 17.10
CA LEU F 70 2.76 2.85 17.71
C LEU F 70 2.78 3.02 19.22
N ARG F 71 3.97 3.01 19.82
CA ARG F 71 4.09 3.21 21.26
C ARG F 71 4.03 4.67 21.67
N ALA F 72 4.06 5.59 20.71
CA ALA F 72 3.92 7.02 20.98
C ALA F 72 2.43 7.34 21.05
N LEU F 73 1.85 7.06 22.21
CA LEU F 73 0.41 7.24 22.39
C LEU F 73 0.03 8.72 22.39
N ASP F 74 0.95 9.60 22.79
CA ASP F 74 0.67 11.03 22.75
C ASP F 74 0.46 11.50 21.32
N LYS F 75 1.41 11.19 20.43
CA LYS F 75 1.34 11.60 19.04
C LYS F 75 0.73 10.53 18.16
N ARG F 76 -0.46 10.05 18.55
CA ARG F 76 -1.20 9.10 17.73
C ARG F 76 -2.09 9.78 16.72
N HIS F 77 -2.54 11.01 17.01
CA HIS F 77 -3.31 11.77 16.04
C HIS F 77 -2.47 12.13 14.81
N LEU F 78 -1.15 12.28 15.00
CA LEU F 78 -0.26 12.47 13.87
C LEU F 78 0.03 11.15 13.15
N LEU F 79 0.09 10.05 13.90
CA LEU F 79 0.35 8.76 13.28
C LEU F 79 -0.81 8.32 12.41
N HIS F 80 -2.04 8.60 12.83
CA HIS F 80 -3.19 8.28 12.00
C HIS F 80 -3.16 9.05 10.70
N HIS F 81 -2.74 10.32 10.76
CA HIS F 81 -2.70 11.15 9.57
C HIS F 81 -1.58 10.70 8.64
N CYS F 82 -0.42 10.32 9.19
CA CYS F 82 0.66 9.77 8.37
C CYS F 82 0.23 8.47 7.71
N PHE F 83 -0.43 7.59 8.47
CA PHE F 83 -0.88 6.31 7.93
C PHE F 83 -1.89 6.51 6.81
N GLN F 84 -2.84 7.43 7.00
CA GLN F 84 -3.80 7.72 5.94
C GLN F 84 -3.15 8.35 4.73
N ALA F 85 -2.10 9.14 4.92
CA ALA F 85 -1.34 9.64 3.79
C ALA F 85 -0.66 8.51 3.03
N LEU F 86 -0.13 7.53 3.76
CA LEU F 86 0.54 6.40 3.12
C LEU F 86 -0.43 5.55 2.31
N MET F 87 -1.62 5.30 2.85
CA MET F 87 -2.61 4.52 2.10
C MET F 87 -3.10 5.27 0.87
N ASP F 88 -3.27 6.58 0.97
CA ASP F 88 -3.58 7.39 -0.21
C ASP F 88 -2.39 7.48 -1.16
N HIS F 89 -1.18 7.32 -0.64
CA HIS F 89 0.01 7.38 -1.49
C HIS F 89 0.02 6.25 -2.52
N GLY F 90 -0.36 5.05 -2.10
CA GLY F 90 -0.35 3.91 -2.99
C GLY F 90 0.20 2.66 -2.34
N VAL F 91 1.11 2.84 -1.38
CA VAL F 91 1.62 1.70 -0.63
C VAL F 91 0.55 1.17 0.29
N LYS F 92 0.39 -0.16 0.32
CA LYS F 92 -0.65 -0.78 1.13
C LYS F 92 -0.04 -1.24 2.46
N VAL F 93 0.33 -0.27 3.29
CA VAL F 93 0.97 -0.57 4.55
C VAL F 93 0.02 -1.31 5.50
N ALA F 94 -1.29 -1.03 5.42
CA ALA F 94 -2.23 -1.68 6.33
C ALA F 94 -2.28 -3.18 6.07
N SER F 95 -2.28 -3.59 4.81
CA SER F 95 -2.27 -5.02 4.50
C SER F 95 -0.89 -5.61 4.68
N VAL F 96 0.17 -4.85 4.37
CA VAL F 96 1.53 -5.34 4.57
C VAL F 96 1.81 -5.58 6.03
N LEU F 97 1.42 -4.64 6.90
CA LEU F 97 1.65 -4.82 8.33
C LEU F 97 0.83 -5.97 8.88
N ALA F 98 -0.40 -6.14 8.42
CA ALA F 98 -1.23 -7.25 8.87
C ALA F 98 -0.65 -8.59 8.46
N TYR F 99 -0.20 -8.70 7.20
CA TYR F 99 0.41 -9.95 6.75
C TYR F 99 1.72 -10.22 7.46
N SER F 100 2.52 -9.17 7.68
CA SER F 100 3.78 -9.34 8.41
C SER F 100 3.52 -9.83 9.82
N PHE F 101 2.51 -9.26 10.49
CA PHE F 101 2.19 -9.71 11.84
C PHE F 101 1.71 -11.15 11.84
N SER F 102 0.85 -11.52 10.89
CA SER F 102 0.37 -12.90 10.86
C SER F 102 1.50 -13.88 10.57
N ARG F 103 2.41 -13.52 9.66
CA ARG F 103 3.52 -14.41 9.32
C ARG F 103 4.49 -14.55 10.49
N ARG F 104 4.90 -13.43 11.10
CA ARG F 104 5.78 -13.50 12.26
C ARG F 104 5.07 -14.02 13.49
N CYS F 105 3.74 -14.12 13.45
CA CYS F 105 2.94 -14.65 14.53
C CYS F 105 2.78 -16.15 14.47
N SER F 106 2.67 -16.71 13.27
CA SER F 106 2.55 -18.16 13.14
C SER F 106 3.85 -18.89 13.47
N TYR F 107 4.97 -18.18 13.61
CA TYR F 107 6.25 -18.82 13.88
C TYR F 107 6.52 -19.01 15.36
N ILE F 108 5.95 -18.16 16.22
CA ILE F 108 6.24 -18.20 17.64
C ILE F 108 5.03 -18.74 18.39
N ALA F 109 4.24 -19.57 17.71
CA ALA F 109 3.12 -20.23 18.37
C ALA F 109 3.60 -21.16 19.47
N GLU F 110 4.70 -21.87 19.25
CA GLU F 110 5.24 -22.82 20.21
C GLU F 110 6.28 -22.21 21.13
N SER F 111 6.50 -20.90 21.05
CA SER F 111 7.58 -20.26 21.80
C SER F 111 7.17 -20.09 23.27
N ASP F 112 7.98 -19.36 24.03
CA ASP F 112 7.75 -19.21 25.46
C ASP F 112 6.63 -18.21 25.72
N ALA F 113 6.28 -18.04 27.00
CA ALA F 113 5.17 -17.18 27.36
C ALA F 113 5.52 -15.70 27.21
N ALA F 114 6.78 -15.33 27.41
CA ALA F 114 7.16 -13.92 27.29
C ALA F 114 7.08 -13.44 25.85
N VAL F 115 7.58 -14.25 24.90
CA VAL F 115 7.53 -13.87 23.49
C VAL F 115 6.10 -13.81 23.00
N LYS F 116 5.27 -14.79 23.40
CA LYS F 116 3.87 -14.77 23.02
C LYS F 116 3.14 -13.59 23.63
N GLU F 117 3.49 -13.22 24.87
CA GLU F 117 2.90 -12.04 25.50
C GLU F 117 3.27 -10.78 24.73
N LYS F 118 4.54 -10.67 24.32
CA LYS F 118 4.97 -9.52 23.54
C LYS F 118 4.24 -9.46 22.20
N ALA F 119 4.08 -10.62 21.54
CA ALA F 119 3.36 -10.65 20.28
C ALA F 119 1.89 -10.28 20.46
N ILE F 120 1.27 -10.72 21.56
CA ILE F 120 -0.12 -10.37 21.83
C ILE F 120 -0.26 -8.86 22.05
N GLN F 121 0.67 -8.27 22.81
CA GLN F 121 0.60 -6.83 23.05
C GLN F 121 0.80 -6.04 21.74
N VAL F 122 1.77 -6.46 20.92
CA VAL F 122 2.00 -5.82 19.64
C VAL F 122 0.78 -5.97 18.74
N GLY F 123 0.15 -7.14 18.80
CA GLY F 123 -1.05 -7.35 18.00
C GLY F 123 -2.22 -6.51 18.47
N PHE F 124 -2.39 -6.35 19.78
CA PHE F 124 -3.44 -5.47 20.27
C PHE F 124 -3.21 -4.03 19.85
N VAL F 125 -1.97 -3.53 19.97
CA VAL F 125 -1.76 -2.14 19.59
C VAL F 125 -1.92 -1.95 18.08
N LEU F 126 -1.44 -2.92 17.29
CA LEU F 126 -1.53 -2.79 15.83
C LEU F 126 -2.96 -2.95 15.35
N GLY F 127 -3.69 -3.94 15.88
CA GLY F 127 -5.08 -4.12 15.50
C GLY F 127 -5.95 -2.97 15.97
N GLY F 128 -5.67 -2.42 17.15
CA GLY F 128 -6.39 -1.24 17.58
C GLY F 128 -6.12 -0.04 16.69
N PHE F 129 -4.88 0.10 16.23
CA PHE F 129 -4.58 1.17 15.28
C PHE F 129 -5.30 0.97 13.97
N LEU F 130 -5.26 -0.26 13.42
CA LEU F 130 -5.86 -0.50 12.12
C LEU F 130 -7.38 -0.47 12.17
N SER F 131 -7.97 -0.78 13.32
CA SER F 131 -9.40 -0.64 13.50
C SER F 131 -9.79 0.82 13.71
N ASP F 132 -8.97 1.57 14.42
CA ASP F 132 -9.21 3.00 14.58
C ASP F 132 -9.07 3.71 13.24
N ALA F 133 -8.07 3.33 12.44
CA ALA F 133 -7.89 3.93 11.13
C ALA F 133 -8.94 3.49 10.12
N GLY F 134 -9.68 2.43 10.40
CA GLY F 134 -10.75 1.99 9.53
C GLY F 134 -10.43 0.81 8.64
N TRP F 135 -9.25 0.20 8.78
CA TRP F 135 -8.87 -0.94 7.94
C TRP F 135 -9.30 -2.23 8.63
N TYR F 136 -10.62 -2.45 8.62
CA TYR F 136 -11.19 -3.59 9.32
C TYR F 136 -10.83 -4.92 8.65
N SER F 137 -10.73 -4.95 7.33
CA SER F 137 -10.31 -6.16 6.65
C SER F 137 -8.86 -6.51 6.95
N ASP F 138 -8.05 -5.51 7.33
CA ASP F 138 -6.66 -5.73 7.69
C ASP F 138 -6.45 -5.84 9.19
N ALA F 139 -7.30 -5.21 10.00
CA ALA F 139 -7.23 -5.41 11.44
C ALA F 139 -7.78 -6.76 11.86
N GLU F 140 -8.62 -7.38 11.03
CA GLU F 140 -9.15 -8.70 11.36
C GLU F 140 -8.05 -9.76 11.33
N LYS F 141 -7.14 -9.67 10.36
CA LYS F 141 -6.06 -10.65 10.27
C LYS F 141 -5.13 -10.56 11.48
N VAL F 142 -4.84 -9.35 11.92
CA VAL F 142 -4.01 -9.16 13.12
C VAL F 142 -4.72 -9.75 14.34
N PHE F 143 -6.02 -9.46 14.48
CA PHE F 143 -6.75 -9.98 15.62
C PHE F 143 -7.00 -11.48 15.50
N LEU F 144 -7.15 -11.99 14.28
CA LEU F 144 -7.24 -13.44 14.10
C LEU F 144 -5.95 -14.12 14.53
N SER F 145 -4.80 -13.54 14.20
CA SER F 145 -3.53 -14.12 14.62
C SER F 145 -3.35 -14.02 16.13
N CYS F 146 -3.81 -12.91 16.73
CA CYS F 146 -3.78 -12.80 18.18
C CYS F 146 -4.64 -13.88 18.84
N LEU F 147 -5.82 -14.12 18.29
CA LEU F 147 -6.67 -15.19 18.80
C LEU F 147 -5.99 -16.54 18.61
N GLN F 148 -5.32 -16.75 17.48
CA GLN F 148 -4.63 -18.02 17.23
C GLN F 148 -3.53 -18.25 18.26
N LEU F 149 -2.82 -17.19 18.65
CA LEU F 149 -1.90 -17.32 19.78
C LEU F 149 -2.65 -17.66 21.06
N CYS F 150 -3.80 -17.00 21.29
CA CYS F 150 -4.49 -17.17 22.55
C CYS F 150 -5.09 -18.56 22.68
N THR F 151 -5.53 -19.15 21.57
CA THR F 151 -6.08 -20.52 21.60
C THR F 151 -4.99 -21.56 21.37
N LEU F 152 -3.93 -21.50 22.17
CA LEU F 152 -2.88 -22.51 22.17
C LEU F 152 -2.71 -23.17 23.53
N HIS F 153 -2.57 -22.38 24.58
CA HIS F 153 -2.41 -22.90 25.94
C HIS F 153 -3.66 -22.55 26.74
N ASP F 154 -4.28 -23.57 27.33
CA ASP F 154 -5.54 -23.41 28.03
C ASP F 154 -5.29 -22.98 29.48
N GLU F 155 -4.62 -21.84 29.64
CA GLU F 155 -4.23 -21.33 30.94
C GLU F 155 -5.17 -20.20 31.36
N MET F 156 -4.82 -19.52 32.45
CA MET F 156 -5.71 -18.54 33.06
C MET F 156 -5.80 -17.27 32.21
N LEU F 157 -4.67 -16.59 32.02
CA LEU F 157 -4.66 -15.30 31.31
C LEU F 157 -5.01 -15.45 29.84
N HIS F 158 -4.88 -16.65 29.28
CA HIS F 158 -5.14 -16.83 27.86
C HIS F 158 -6.63 -16.73 27.54
N TRP F 159 -7.50 -17.14 28.46
CA TRP F 159 -8.93 -16.92 28.27
C TRP F 159 -9.26 -15.43 28.26
N PHE F 160 -8.65 -14.66 29.16
CA PHE F 160 -8.89 -13.21 29.19
C PHE F 160 -8.42 -12.56 27.90
N ARG F 161 -7.22 -12.93 27.44
CA ARG F 161 -6.72 -12.34 26.21
C ARG F 161 -7.53 -12.80 24.99
N ALA F 162 -8.04 -14.03 25.01
CA ALA F 162 -8.83 -14.50 23.88
C ALA F 162 -10.20 -13.85 23.85
N VAL F 163 -10.82 -13.63 25.01
CA VAL F 163 -12.10 -12.93 25.00
C VAL F 163 -11.91 -11.47 24.64
N GLU F 164 -10.76 -10.88 24.99
CA GLU F 164 -10.46 -9.54 24.50
C GLU F 164 -10.27 -9.53 22.98
N CYS F 165 -9.61 -10.56 22.44
CA CYS F 165 -9.46 -10.69 21.00
C CYS F 165 -10.82 -10.80 20.32
N CYS F 166 -11.73 -11.57 20.91
CA CYS F 166 -13.04 -11.77 20.29
C CYS F 166 -13.93 -10.53 20.46
N VAL F 167 -13.72 -9.75 21.52
CA VAL F 167 -14.37 -8.45 21.60
C VAL F 167 -13.89 -7.55 20.48
N ARG F 168 -12.58 -7.56 20.23
CA ARG F 168 -12.03 -6.71 19.18
C ARG F 168 -12.33 -7.25 17.78
N LEU F 169 -12.65 -8.53 17.64
CA LEU F 169 -13.02 -9.07 16.34
C LEU F 169 -14.42 -8.64 15.93
N LEU F 170 -15.34 -8.48 16.88
CA LEU F 170 -16.65 -7.98 16.54
C LEU F 170 -16.59 -6.55 16.03
N HIS F 171 -15.75 -5.71 16.64
CA HIS F 171 -15.66 -4.33 16.20
C HIS F 171 -15.07 -4.23 14.81
N VAL F 172 -14.17 -5.14 14.43
CA VAL F 172 -13.61 -5.14 13.09
C VAL F 172 -14.39 -6.03 12.14
N ARG F 173 -15.48 -6.65 12.59
CA ARG F 173 -16.40 -7.37 11.72
C ARG F 173 -17.74 -6.69 11.57
N ASN F 174 -18.22 -5.99 12.61
CA ASN F 174 -19.38 -5.14 12.46
C ASN F 174 -19.09 -3.99 11.50
N GLY F 175 -17.91 -3.37 11.63
CA GLY F 175 -17.54 -2.29 10.74
C GLY F 175 -17.21 -2.74 9.34
N ASN F 176 -16.80 -4.00 9.17
CA ASN F 176 -16.53 -4.56 7.86
C ASN F 176 -17.76 -5.23 7.26
N CYS F 177 -18.90 -5.18 7.94
CA CYS F 177 -20.15 -5.77 7.48
C CYS F 177 -20.03 -7.27 7.27
N LYS F 178 -19.24 -7.93 8.11
CA LYS F 178 -19.22 -9.40 8.16
C LYS F 178 -20.13 -9.88 9.29
N TYR F 179 -21.43 -9.65 9.10
CA TYR F 179 -22.39 -9.98 10.14
C TYR F 179 -22.61 -11.47 10.28
N HIS F 180 -22.31 -12.27 9.26
CA HIS F 180 -22.44 -13.72 9.39
C HIS F 180 -21.39 -14.28 10.34
N LEU F 181 -20.18 -13.73 10.30
CA LEU F 181 -19.13 -14.14 11.23
C LEU F 181 -19.26 -13.49 12.59
N GLY F 182 -20.06 -12.43 12.71
CA GLY F 182 -20.20 -11.75 13.99
C GLY F 182 -20.86 -12.61 15.04
N GLU F 183 -21.93 -13.31 14.67
CA GLU F 183 -22.60 -14.18 15.64
C GLU F 183 -21.70 -15.32 16.07
N GLU F 184 -20.94 -15.88 15.13
CA GLU F 184 -19.99 -16.94 15.46
C GLU F 184 -18.91 -16.43 16.40
N THR F 185 -18.39 -15.23 16.16
CA THR F 185 -17.38 -14.66 17.05
C THR F 185 -17.96 -14.40 18.43
N PHE F 186 -19.20 -13.92 18.51
CA PHE F 186 -19.81 -13.72 19.82
C PHE F 186 -20.02 -15.03 20.55
N LYS F 187 -20.42 -16.08 19.82
CA LYS F 187 -20.59 -17.39 20.46
C LYS F 187 -19.26 -17.92 20.98
N LEU F 188 -18.18 -17.74 20.22
CA LEU F 188 -16.87 -18.17 20.69
C LEU F 188 -16.45 -17.38 21.92
N ALA F 189 -16.69 -16.07 21.92
CA ALA F 189 -16.35 -15.25 23.08
C ALA F 189 -17.16 -15.67 24.30
N GLN F 190 -18.45 -15.97 24.11
CA GLN F 190 -19.28 -16.40 25.23
C GLN F 190 -18.84 -17.76 25.75
N THR F 191 -18.39 -18.64 24.86
CA THR F 191 -17.79 -19.90 25.28
C THR F 191 -16.57 -19.68 26.15
N TYR F 192 -15.71 -18.73 25.76
CA TYR F 192 -14.53 -18.48 26.56
C TYR F 192 -14.87 -17.80 27.89
N MET F 193 -15.93 -16.99 27.91
CA MET F 193 -16.39 -16.45 29.18
C MET F 193 -16.94 -17.54 30.09
N ASP F 194 -17.62 -18.53 29.51
CA ASP F 194 -18.07 -19.68 30.30
C ASP F 194 -16.89 -20.46 30.84
N LYS F 195 -15.83 -20.61 30.03
CA LYS F 195 -14.62 -21.27 30.51
C LYS F 195 -13.99 -20.50 31.67
N LEU F 196 -14.00 -19.16 31.59
CA LEU F 196 -13.56 -18.35 32.72
C LEU F 196 -14.43 -18.57 33.95
N SER F 197 -15.76 -18.63 33.75
CA SER F 197 -16.67 -18.79 34.87
C SER F 197 -16.51 -20.15 35.53
N LYS F 198 -16.06 -21.15 34.78
CA LYS F 198 -15.77 -22.46 35.37
C LYS F 198 -14.57 -22.43 36.31
N HIS F 199 -13.77 -21.37 36.28
CA HIS F 199 -12.61 -21.26 37.15
C HIS F 199 -12.78 -20.17 38.21
N GLY F 200 -14.01 -19.80 38.52
CA GLY F 200 -14.27 -18.81 39.55
C GLY F 200 -13.74 -17.43 39.24
N GLN F 201 -13.81 -17.01 37.98
CA GLN F 201 -13.38 -15.67 37.57
C GLN F 201 -14.28 -15.19 36.46
N GLN F 202 -14.89 -14.03 36.64
CA GLN F 202 -15.84 -13.47 35.70
C GLN F 202 -15.24 -12.26 35.01
N ALA F 203 -15.02 -12.37 33.71
CA ALA F 203 -14.57 -11.22 32.92
C ALA F 203 -15.71 -10.22 32.76
N ASN F 204 -15.33 -8.97 32.51
CA ASN F 204 -16.32 -7.92 32.34
C ASN F 204 -16.86 -7.97 30.92
N LYS F 205 -18.18 -8.16 30.79
CA LYS F 205 -18.81 -8.47 29.53
C LYS F 205 -19.48 -7.26 28.88
N ALA F 206 -19.16 -6.05 29.34
CA ALA F 206 -19.80 -4.86 28.81
C ALA F 206 -19.39 -4.62 27.36
N ALA F 207 -18.10 -4.73 27.06
CA ALA F 207 -17.62 -4.46 25.71
C ALA F 207 -18.17 -5.48 24.71
N LEU F 208 -18.18 -6.75 25.08
CA LEU F 208 -18.68 -7.79 24.18
C LEU F 208 -20.16 -7.59 23.89
N TYR F 209 -20.94 -7.26 24.92
CA TYR F 209 -22.37 -7.06 24.70
C TYR F 209 -22.65 -5.79 23.93
N GLY F 210 -21.83 -4.75 24.12
CA GLY F 210 -21.96 -3.57 23.27
C GLY F 210 -21.66 -3.85 21.82
N GLU F 211 -20.61 -4.64 21.55
CA GLU F 211 -20.30 -5.02 20.18
C GLU F 211 -21.40 -5.88 19.57
N LEU F 212 -21.98 -6.78 20.37
CA LEU F 212 -23.10 -7.57 19.88
C LEU F 212 -24.34 -6.71 19.63
N CYS F 213 -24.55 -5.69 20.45
CA CYS F 213 -25.62 -4.75 20.19
C CYS F 213 -25.40 -4.00 18.88
N ALA F 214 -24.15 -3.61 18.61
CA ALA F 214 -23.83 -3.00 17.32
C ALA F 214 -24.12 -3.97 16.17
N LEU F 215 -23.76 -5.24 16.35
CA LEU F 215 -24.02 -6.26 15.33
C LEU F 215 -25.52 -6.38 15.07
N LEU F 216 -26.32 -6.47 16.12
CA LEU F 216 -27.75 -6.71 15.95
C LEU F 216 -28.49 -5.46 15.48
N PHE F 217 -28.02 -4.28 15.85
CA PHE F 217 -28.55 -3.06 15.25
C PHE F 217 -28.20 -2.97 13.77
N ALA F 218 -27.01 -3.45 13.39
CA ALA F 218 -26.60 -3.41 12.00
C ALA F 218 -27.48 -4.32 11.13
N LYS F 219 -27.84 -5.50 11.65
CA LYS F 219 -28.73 -6.40 10.93
C LYS F 219 -30.20 -6.05 11.13
N SER F 220 -30.50 -4.94 11.81
CA SER F 220 -31.85 -4.48 12.06
C SER F 220 -32.64 -5.53 12.86
N HIS F 221 -32.12 -5.82 14.04
CA HIS F 221 -32.74 -6.75 14.98
C HIS F 221 -33.03 -6.01 16.28
N TYR F 222 -33.70 -4.85 16.16
CA TYR F 222 -33.78 -3.88 17.25
C TYR F 222 -34.36 -4.47 18.52
N ASP F 223 -35.24 -5.47 18.40
CA ASP F 223 -35.77 -6.14 19.60
C ASP F 223 -34.66 -6.83 20.36
N GLU F 224 -33.77 -7.54 19.67
CA GLU F 224 -32.64 -8.18 20.33
C GLU F 224 -31.54 -7.18 20.67
N ALA F 225 -31.38 -6.13 19.85
CA ALA F 225 -30.35 -5.13 20.12
C ALA F 225 -30.64 -4.38 21.41
N TYR F 226 -31.92 -4.08 21.67
CA TYR F 226 -32.29 -3.39 22.90
C TYR F 226 -32.04 -4.27 24.12
N LYS F 227 -32.37 -5.55 24.02
CA LYS F 227 -32.10 -6.47 25.13
C LYS F 227 -30.60 -6.58 25.40
N TRP F 228 -29.80 -6.68 24.34
CA TRP F 228 -28.37 -6.85 24.55
C TRP F 228 -27.71 -5.55 25.01
N CYS F 229 -28.23 -4.38 24.62
CA CYS F 229 -27.68 -3.16 25.18
C CYS F 229 -28.10 -2.99 26.64
N ILE F 230 -29.28 -3.48 27.01
CA ILE F 230 -29.66 -3.53 28.43
C ILE F 230 -28.67 -4.40 29.19
N GLU F 231 -28.31 -5.55 28.63
CA GLU F 231 -27.32 -6.42 29.26
C GLU F 231 -25.97 -5.70 29.40
N ALA F 232 -25.54 -5.01 28.35
CA ALA F 232 -24.27 -4.31 28.37
C ALA F 232 -24.26 -3.21 29.42
N MET F 233 -25.36 -2.45 29.53
CA MET F 233 -25.42 -1.38 30.52
C MET F 233 -25.52 -1.94 31.94
N LYS F 234 -26.16 -3.09 32.12
CA LYS F 234 -26.11 -3.76 33.42
C LYS F 234 -24.69 -4.19 33.75
N GLU F 235 -23.89 -4.52 32.73
CA GLU F 235 -22.55 -5.02 32.98
C GLU F 235 -21.52 -3.91 33.16
N ILE F 236 -21.90 -2.65 32.96
CA ILE F 236 -20.96 -1.55 33.16
C ILE F 236 -20.63 -1.41 34.63
N THR F 237 -19.34 -1.39 34.93
CA THR F 237 -18.83 -1.17 36.29
C THR F 237 -18.07 0.16 36.34
N ALA F 238 -17.55 0.47 37.52
CA ALA F 238 -16.80 1.72 37.70
C ALA F 238 -15.40 1.63 37.12
N GLY F 239 -14.80 0.45 37.10
CA GLY F 239 -13.44 0.26 36.65
C GLY F 239 -13.25 0.11 35.15
N LEU F 240 -14.32 0.26 34.37
CA LEU F 240 -14.22 0.14 32.93
C LEU F 240 -13.39 1.28 32.36
N PRO F 241 -12.65 1.02 31.28
CA PRO F 241 -11.97 2.12 30.59
C PRO F 241 -12.99 3.06 29.96
N VAL F 242 -12.54 4.30 29.75
CA VAL F 242 -13.45 5.31 29.21
C VAL F 242 -13.92 4.92 27.82
N LYS F 243 -13.03 4.36 27.00
CA LYS F 243 -13.41 3.97 25.64
C LYS F 243 -14.51 2.91 25.66
N VAL F 244 -14.41 1.93 26.56
CA VAL F 244 -15.38 0.84 26.59
C VAL F 244 -16.74 1.35 27.02
N VAL F 245 -16.79 2.16 28.09
CA VAL F 245 -18.07 2.65 28.56
C VAL F 245 -18.68 3.63 27.55
N VAL F 246 -17.85 4.42 26.87
CA VAL F 246 -18.35 5.29 25.81
C VAL F 246 -18.96 4.48 24.67
N ASP F 247 -18.27 3.42 24.24
CA ASP F 247 -18.79 2.59 23.17
C ASP F 247 -20.11 1.95 23.57
N VAL F 248 -20.19 1.41 24.80
CA VAL F 248 -21.42 0.77 25.25
C VAL F 248 -22.55 1.78 25.34
N LEU F 249 -22.25 2.99 25.85
CA LEU F 249 -23.28 4.01 25.99
C LEU F 249 -23.81 4.45 24.63
N ARG F 250 -22.94 4.65 23.65
CA ARG F 250 -23.41 5.10 22.36
C ARG F 250 -24.14 4.00 21.59
N GLN F 251 -23.71 2.74 21.73
CA GLN F 251 -24.45 1.66 21.10
C GLN F 251 -25.81 1.48 21.76
N ALA F 252 -25.88 1.62 23.08
CA ALA F 252 -27.16 1.56 23.78
C ALA F 252 -28.07 2.72 23.38
N SER F 253 -27.49 3.90 23.14
CA SER F 253 -28.31 5.00 22.64
C SER F 253 -28.84 4.72 21.25
N LYS F 254 -28.01 4.16 20.37
CA LYS F 254 -28.48 3.82 19.03
C LYS F 254 -29.55 2.74 19.05
N ALA F 255 -29.46 1.81 20.02
CA ALA F 255 -30.50 0.80 20.15
C ALA F 255 -31.76 1.35 20.79
N CYS F 256 -31.63 2.35 21.68
CA CYS F 256 -32.79 2.93 22.34
C CYS F 256 -33.54 3.88 21.41
N VAL F 257 -32.82 4.60 20.55
CA VAL F 257 -33.48 5.56 19.67
C VAL F 257 -34.21 4.82 18.55
N VAL F 258 -33.77 3.62 18.20
CA VAL F 258 -34.42 2.89 17.12
C VAL F 258 -35.66 2.14 17.61
N LYS F 259 -35.75 1.84 18.90
CA LYS F 259 -36.99 1.39 19.50
C LYS F 259 -37.81 2.57 20.02
N ARG F 260 -37.36 3.79 19.74
CA ARG F 260 -38.12 5.02 19.98
C ARG F 260 -38.29 5.27 21.48
N GLU F 261 -37.27 4.92 22.26
CA GLU F 261 -37.16 5.36 23.64
C GLU F 261 -36.26 6.59 23.70
N PHE F 262 -36.82 7.70 23.19
CA PHE F 262 -36.03 8.92 23.02
C PHE F 262 -35.62 9.53 24.35
N LYS F 263 -36.45 9.39 25.39
CA LYS F 263 -36.13 10.00 26.68
C LYS F 263 -34.89 9.36 27.29
N LYS F 264 -34.68 8.06 27.05
CA LYS F 264 -33.49 7.38 27.58
C LYS F 264 -32.32 7.52 26.63
N ALA F 265 -32.59 7.51 25.32
CA ALA F 265 -31.54 7.64 24.33
C ALA F 265 -30.83 8.97 24.44
N GLU F 266 -31.58 10.05 24.71
CA GLU F 266 -30.95 11.36 24.84
C GLU F 266 -29.99 11.39 26.02
N GLN F 267 -30.38 10.82 27.16
CA GLN F 267 -29.49 10.80 28.32
C GLN F 267 -28.25 9.96 28.03
N LEU F 268 -28.44 8.78 27.43
CA LEU F 268 -27.31 7.92 27.13
C LEU F 268 -26.33 8.58 26.18
N ILE F 269 -26.84 9.20 25.11
CA ILE F 269 -25.92 9.75 24.11
C ILE F 269 -25.31 11.07 24.59
N LYS F 270 -26.03 11.85 25.40
CA LYS F 270 -25.43 13.06 25.95
C LYS F 270 -24.33 12.72 26.94
N HIS F 271 -24.54 11.68 27.76
CA HIS F 271 -23.47 11.24 28.65
C HIS F 271 -22.29 10.68 27.85
N ALA F 272 -22.57 9.95 26.77
CA ALA F 272 -21.48 9.43 25.93
C ALA F 272 -20.69 10.56 25.30
N VAL F 273 -21.37 11.59 24.80
CA VAL F 273 -20.68 12.72 24.19
C VAL F 273 -19.87 13.47 25.24
N TYR F 274 -20.42 13.64 26.45
CA TYR F 274 -19.69 14.30 27.52
C TYR F 274 -18.43 13.53 27.91
N LEU F 275 -18.54 12.21 28.06
CA LEU F 275 -17.37 11.40 28.38
C LEU F 275 -16.34 11.43 27.27
N ALA F 276 -16.80 11.40 26.02
CA ALA F 276 -15.87 11.45 24.89
C ALA F 276 -15.15 12.79 24.84
N ARG F 277 -15.85 13.88 25.14
CA ARG F 277 -15.20 15.19 25.10
C ARG F 277 -14.29 15.43 26.29
N ASP F 278 -14.56 14.79 27.43
CA ASP F 278 -13.69 14.97 28.59
C ASP F 278 -12.36 14.27 28.40
N HIS F 279 -12.40 12.94 28.31
CA HIS F 279 -11.17 12.17 28.33
C HIS F 279 -10.41 12.27 27.03
N PHE F 280 -11.11 12.23 25.90
CA PHE F 280 -10.46 12.19 24.60
C PHE F 280 -10.21 13.59 24.04
N GLY F 281 -11.15 14.50 24.22
CA GLY F 281 -11.03 15.85 23.70
C GLY F 281 -12.00 16.09 22.56
N SER F 282 -11.89 17.29 22.00
CA SER F 282 -12.75 17.69 20.88
C SER F 282 -12.16 17.32 19.53
N LYS F 283 -10.97 16.71 19.49
CA LYS F 283 -10.29 16.37 18.25
C LYS F 283 -9.81 14.92 18.28
N HIS F 284 -10.71 14.01 18.65
CA HIS F 284 -10.39 12.60 18.79
C HIS F 284 -11.33 11.76 17.94
N PRO F 285 -10.85 10.63 17.42
CA PRO F 285 -11.75 9.75 16.65
C PRO F 285 -12.94 9.24 17.46
N LYS F 286 -12.76 8.93 18.73
CA LYS F 286 -13.87 8.42 19.53
C LYS F 286 -14.90 9.51 19.80
N TYR F 287 -14.44 10.74 20.01
CA TYR F 287 -15.37 11.86 20.13
C TYR F 287 -16.16 12.03 18.84
N SER F 288 -15.51 11.83 17.69
CA SER F 288 -16.22 11.92 16.42
C SER F 288 -17.23 10.79 16.26
N ASP F 289 -16.91 9.59 16.75
CA ASP F 289 -17.88 8.50 16.71
C ASP F 289 -19.09 8.81 17.58
N THR F 290 -18.87 9.35 18.77
CA THR F 290 -19.98 9.77 19.62
C THR F 290 -20.77 10.89 18.96
N LEU F 291 -20.09 11.78 18.24
CA LEU F 291 -20.80 12.83 17.52
C LEU F 291 -21.67 12.26 16.41
N LEU F 292 -21.18 11.25 15.71
CA LEU F 292 -22.02 10.62 14.69
C LEU F 292 -23.24 9.95 15.31
N ASP F 293 -23.07 9.28 16.44
CA ASP F 293 -24.23 8.66 17.07
C ASP F 293 -25.18 9.71 17.65
N TYR F 294 -24.65 10.83 18.13
CA TYR F 294 -25.48 11.93 18.58
C TYR F 294 -26.27 12.53 17.43
N GLY F 295 -25.63 12.69 16.27
CA GLY F 295 -26.35 13.14 15.09
C GLY F 295 -27.40 12.16 14.63
N PHE F 296 -27.13 10.86 14.79
CA PHE F 296 -28.15 9.85 14.49
C PHE F 296 -29.35 10.03 15.40
N TYR F 297 -29.10 10.24 16.70
CA TYR F 297 -30.19 10.53 17.63
C TYR F 297 -30.96 11.76 17.20
N LEU F 298 -30.25 12.85 16.93
CA LEU F 298 -30.90 14.13 16.62
C LEU F 298 -31.69 14.05 15.33
N LEU F 299 -31.20 13.29 14.35
CA LEU F 299 -31.93 13.11 13.12
C LEU F 299 -33.16 12.24 13.32
N ASN F 300 -33.10 11.24 14.21
CA ASN F 300 -34.27 10.41 14.46
C ASN F 300 -35.35 11.09 15.29
N VAL F 301 -35.03 12.17 16.01
CA VAL F 301 -35.99 12.81 16.89
C VAL F 301 -36.50 14.14 16.33
N ASP F 302 -36.43 14.29 15.00
CA ASP F 302 -36.90 15.50 14.32
C ASP F 302 -36.19 16.75 14.84
N ASN F 303 -34.88 16.66 15.00
CA ASN F 303 -34.05 17.80 15.38
C ASN F 303 -32.98 17.96 14.31
N ILE F 304 -33.44 17.97 13.06
CA ILE F 304 -32.56 17.74 11.91
C ILE F 304 -31.57 18.88 11.74
N CYS F 305 -32.00 20.11 12.02
CA CYS F 305 -31.13 21.27 11.85
C CYS F 305 -29.91 21.18 12.78
N GLN F 306 -30.11 20.69 14.00
CA GLN F 306 -28.97 20.46 14.89
C GLN F 306 -28.18 19.23 14.47
N SER F 307 -28.84 18.23 13.89
CA SER F 307 -28.15 17.02 13.45
C SER F 307 -27.17 17.31 12.32
N VAL F 308 -27.50 18.24 11.42
CA VAL F 308 -26.58 18.61 10.35
C VAL F 308 -25.33 19.25 10.93
N ALA F 309 -25.49 20.15 11.89
CA ALA F 309 -24.33 20.78 12.52
C ALA F 309 -23.52 19.78 13.33
N ILE F 310 -24.18 18.76 13.89
CA ILE F 310 -23.46 17.74 14.65
C ILE F 310 -22.63 16.86 13.73
N TYR F 311 -23.20 16.42 12.60
CA TYR F 311 -22.42 15.70 11.61
C TYR F 311 -21.31 16.54 11.01
N GLN F 312 -21.58 17.82 10.77
CA GLN F 312 -20.54 18.71 10.26
C GLN F 312 -19.39 18.82 11.25
N ALA F 313 -19.70 18.84 12.54
CA ALA F 313 -18.65 18.78 13.56
C ALA F 313 -18.00 17.40 13.59
N ALA F 314 -18.77 16.35 13.34
CA ALA F 314 -18.22 14.99 13.35
C ALA F 314 -17.30 14.75 12.17
N LEU F 315 -17.68 15.25 10.99
CA LEU F 315 -16.85 15.04 9.81
C LEU F 315 -15.55 15.84 9.88
N ASP F 316 -15.61 17.06 10.40
CA ASP F 316 -14.41 17.90 10.46
C ASP F 316 -13.35 17.32 11.37
N ILE F 317 -13.75 16.53 12.38
CA ILE F 317 -12.77 15.83 13.20
C ILE F 317 -12.13 14.71 12.39
N ARG F 318 -12.92 14.00 11.59
CA ARG F 318 -12.38 12.86 10.85
C ARG F 318 -11.55 13.29 9.66
N GLN F 319 -11.82 14.46 9.08
CA GLN F 319 -10.96 14.97 8.03
C GLN F 319 -9.64 15.52 8.56
N SER F 320 -9.56 15.82 9.85
CA SER F 320 -8.32 16.31 10.43
C SER F 320 -7.49 15.18 11.01
N VAL F 321 -8.11 14.31 11.83
CA VAL F 321 -7.38 13.18 12.39
C VAL F 321 -6.94 12.22 11.29
N PHE F 322 -7.86 11.83 10.42
CA PHE F 322 -7.54 11.02 9.27
C PHE F 322 -7.29 11.93 8.08
N GLY F 323 -7.23 11.36 6.88
CA GLY F 323 -6.91 12.15 5.72
C GLY F 323 -7.98 12.16 4.65
N GLY F 324 -7.68 11.50 3.53
CA GLY F 324 -8.56 11.52 2.38
C GLY F 324 -9.42 10.28 2.27
N LYS F 325 -8.96 9.31 1.50
CA LYS F 325 -9.75 8.11 1.24
C LYS F 325 -9.74 7.19 2.46
N ASN F 326 -10.64 7.45 3.40
CA ASN F 326 -10.78 6.64 4.59
C ASN F 326 -12.24 6.26 4.77
N ILE F 327 -12.48 5.07 5.34
CA ILE F 327 -13.85 4.61 5.51
C ILE F 327 -14.55 5.39 6.62
N HIS F 328 -13.79 5.93 7.57
CA HIS F 328 -14.41 6.74 8.62
C HIS F 328 -14.84 8.10 8.08
N VAL F 329 -13.98 8.74 7.29
CA VAL F 329 -14.37 9.96 6.60
C VAL F 329 -15.53 9.69 5.65
N ALA F 330 -15.52 8.51 5.00
CA ALA F 330 -16.61 8.17 4.10
C ALA F 330 -17.92 8.00 4.83
N THR F 331 -17.90 7.35 6.00
CA THR F 331 -19.13 7.21 6.79
C THR F 331 -19.61 8.55 7.30
N ALA F 332 -18.69 9.44 7.69
CA ALA F 332 -19.07 10.78 8.10
C ALA F 332 -19.71 11.54 6.93
N HIS F 333 -19.17 11.37 5.72
CA HIS F 333 -19.73 12.02 4.55
C HIS F 333 -21.13 11.50 4.24
N GLU F 334 -21.30 10.18 4.25
CA GLU F 334 -22.60 9.61 3.89
C GLU F 334 -23.64 9.87 4.97
N ASP F 335 -23.21 10.05 6.23
CA ASP F 335 -24.14 10.44 7.28
C ASP F 335 -24.51 11.92 7.17
N LEU F 336 -23.53 12.77 6.88
CA LEU F 336 -23.81 14.19 6.69
C LEU F 336 -24.59 14.44 5.41
N ALA F 337 -24.37 13.64 4.37
CA ALA F 337 -25.12 13.81 3.14
C ALA F 337 -26.59 13.52 3.35
N TYR F 338 -26.92 12.48 4.13
CA TYR F 338 -28.31 12.16 4.38
C TYR F 338 -28.95 13.22 5.28
N SER F 339 -28.22 13.68 6.30
CA SER F 339 -28.78 14.69 7.19
C SER F 339 -29.01 16.01 6.46
N SER F 340 -28.07 16.42 5.61
CA SER F 340 -28.26 17.61 4.80
C SER F 340 -29.39 17.42 3.80
N TYR F 341 -29.55 16.19 3.28
CA TYR F 341 -30.68 15.87 2.42
C TYR F 341 -32.00 16.09 3.14
N VAL F 342 -32.14 15.53 4.34
CA VAL F 342 -33.42 15.62 5.04
C VAL F 342 -33.66 17.04 5.54
N HIS F 343 -32.60 17.76 5.88
CA HIS F 343 -32.75 19.14 6.34
C HIS F 343 -33.16 20.05 5.20
N GLN F 344 -32.50 19.95 4.05
CA GLN F 344 -32.79 20.79 2.89
C GLN F 344 -33.78 20.13 1.94
N TYR F 345 -34.61 19.22 2.44
CA TYR F 345 -35.63 18.60 1.59
C TYR F 345 -36.66 19.63 1.13
N SER F 346 -37.13 20.48 2.06
CA SER F 346 -38.10 21.50 1.69
C SER F 346 -37.44 22.66 0.96
N SER F 347 -36.21 23.01 1.33
CA SER F 347 -35.54 24.13 0.68
C SER F 347 -35.13 23.80 -0.74
N GLY F 348 -34.79 22.54 -1.01
CA GLY F 348 -34.35 22.13 -2.33
C GLY F 348 -32.91 22.40 -2.64
N LYS F 349 -32.13 22.93 -1.69
CA LYS F 349 -30.74 23.26 -1.92
C LYS F 349 -29.86 22.04 -1.67
N PHE F 350 -29.94 21.09 -2.60
CA PHE F 350 -29.15 19.87 -2.50
C PHE F 350 -27.78 20.03 -3.17
N ASP F 351 -27.06 21.07 -2.76
CA ASP F 351 -25.72 21.32 -3.29
C ASP F 351 -24.64 20.74 -2.39
N ASN F 352 -24.75 20.96 -1.07
CA ASN F 352 -23.81 20.35 -0.13
C ASN F 352 -24.13 18.88 0.11
N ALA F 353 -25.41 18.51 0.10
CA ALA F 353 -25.78 17.11 0.30
C ALA F 353 -25.26 16.25 -0.85
N LEU F 354 -25.40 16.71 -2.09
CA LEU F 354 -24.88 15.96 -3.22
C LEU F 354 -23.36 15.90 -3.19
N PHE F 355 -22.72 17.00 -2.80
CA PHE F 355 -21.26 17.02 -2.72
C PHE F 355 -20.75 16.05 -1.67
N HIS F 356 -21.47 15.93 -0.55
CA HIS F 356 -21.05 14.99 0.49
C HIS F 356 -21.37 13.55 0.12
N ALA F 357 -22.48 13.31 -0.57
CA ALA F 357 -22.80 11.95 -0.99
C ALA F 357 -21.85 11.47 -2.08
N GLU F 358 -21.43 12.38 -2.97
CA GLU F 358 -20.48 12.02 -4.01
C GLU F 358 -19.10 11.75 -3.44
N ARG F 359 -18.73 12.48 -2.37
CA ARG F 359 -17.45 12.21 -1.71
C ARG F 359 -17.45 10.84 -1.04
N ALA F 360 -18.59 10.45 -0.47
CA ALA F 360 -18.66 9.15 0.21
C ALA F 360 -18.50 8.00 -0.77
N ILE F 361 -19.18 8.06 -1.93
CA ILE F 361 -19.04 6.99 -2.91
C ILE F 361 -17.66 7.02 -3.54
N GLY F 362 -17.10 8.21 -3.75
CA GLY F 362 -15.76 8.32 -4.30
C GLY F 362 -14.66 7.77 -3.40
N ILE F 363 -14.96 7.53 -2.13
CA ILE F 363 -14.00 6.95 -1.20
C ILE F 363 -14.24 5.46 -0.99
N ILE F 364 -15.51 5.06 -0.81
CA ILE F 364 -15.81 3.67 -0.52
C ILE F 364 -15.49 2.78 -1.73
N THR F 365 -15.81 3.26 -2.94
CA THR F 365 -15.48 2.48 -4.13
C THR F 365 -13.97 2.30 -4.28
N HIS F 366 -13.19 3.28 -3.84
CA HIS F 366 -11.73 3.19 -3.99
C HIS F 366 -11.12 2.22 -2.98
N ILE F 367 -11.68 2.12 -1.78
CA ILE F 367 -11.07 1.35 -0.70
C ILE F 367 -11.80 0.05 -0.40
N LEU F 368 -12.98 -0.17 -0.96
CA LEU F 368 -13.75 -1.38 -0.70
C LEU F 368 -14.17 -2.01 -2.02
N PRO F 369 -14.38 -3.33 -2.03
CA PRO F 369 -14.86 -4.00 -3.25
C PRO F 369 -16.25 -3.53 -3.63
N GLU F 370 -16.55 -3.66 -4.92
CA GLU F 370 -17.83 -3.19 -5.46
C GLU F 370 -19.02 -3.96 -4.90
N ASP F 371 -18.80 -5.16 -4.37
CA ASP F 371 -19.86 -5.99 -3.80
C ASP F 371 -19.87 -5.91 -2.28
N HIS F 372 -19.56 -4.75 -1.72
CA HIS F 372 -19.50 -4.56 -0.28
C HIS F 372 -20.76 -3.86 0.21
N LEU F 373 -21.12 -4.11 1.46
CA LEU F 373 -22.37 -3.61 1.99
C LEU F 373 -22.33 -2.11 2.28
N LEU F 374 -21.16 -1.57 2.61
CA LEU F 374 -21.07 -0.16 2.96
C LEU F 374 -21.37 0.76 1.78
N LEU F 375 -21.29 0.25 0.55
CA LEU F 375 -21.79 1.00 -0.60
C LEU F 375 -23.29 1.21 -0.51
N ALA F 376 -24.02 0.17 -0.08
CA ALA F 376 -25.48 0.20 -0.10
C ALA F 376 -26.05 1.35 0.71
N SER F 377 -25.31 1.87 1.69
CA SER F 377 -25.71 3.11 2.33
C SER F 377 -25.39 4.30 1.43
N SER F 378 -24.10 4.50 1.12
CA SER F 378 -23.68 5.71 0.41
C SER F 378 -24.45 5.89 -0.88
N LYS F 379 -24.50 4.83 -1.70
CA LYS F 379 -25.24 4.87 -2.96
C LYS F 379 -26.66 5.34 -2.75
N ARG F 380 -27.38 4.72 -1.80
CA ARG F 380 -28.81 5.07 -1.67
C ARG F 380 -28.96 6.52 -1.26
N VAL F 381 -28.02 7.04 -0.46
CA VAL F 381 -28.10 8.45 -0.07
C VAL F 381 -28.03 9.32 -1.31
N LYS F 382 -27.05 9.03 -2.19
CA LYS F 382 -26.99 9.74 -3.46
C LYS F 382 -28.25 9.50 -4.27
N ALA F 383 -28.74 8.26 -4.26
CA ALA F 383 -29.94 7.93 -5.01
C ALA F 383 -31.17 8.64 -4.45
N LEU F 384 -31.09 9.17 -3.23
CA LEU F 384 -32.16 10.06 -2.79
C LEU F 384 -31.97 11.45 -3.38
N ILE F 385 -30.77 12.00 -3.23
CA ILE F 385 -30.52 13.39 -3.63
C ILE F 385 -30.70 13.53 -5.13
N LEU F 386 -30.15 12.58 -5.90
CA LEU F 386 -30.30 12.60 -7.35
C LEU F 386 -31.77 12.57 -7.75
N GLU F 387 -32.62 11.93 -6.94
CA GLU F 387 -34.05 11.98 -7.21
C GLU F 387 -34.59 13.38 -7.02
N GLU F 388 -34.26 14.03 -5.91
CA GLU F 388 -34.86 15.33 -5.61
C GLU F 388 -34.31 16.43 -6.51
N ILE F 389 -33.08 16.26 -7.00
CA ILE F 389 -32.60 17.17 -8.04
C ILE F 389 -33.35 16.93 -9.33
N ALA F 390 -33.71 15.68 -9.62
CA ALA F 390 -34.46 15.38 -10.84
C ALA F 390 -35.84 16.02 -10.81
N ILE F 391 -36.51 15.99 -9.67
CA ILE F 391 -37.82 16.64 -9.55
C ILE F 391 -37.67 18.15 -9.66
N ASP F 392 -36.66 18.72 -9.00
CA ASP F 392 -36.48 20.17 -9.02
C ASP F 392 -36.10 20.68 -10.40
N CYS F 393 -35.39 19.88 -11.18
CA CYS F 393 -34.96 20.30 -12.51
C CYS F 393 -36.16 20.39 -13.44
N HIS F 394 -36.29 21.53 -14.14
CA HIS F 394 -37.41 21.72 -15.05
C HIS F 394 -37.25 20.93 -16.34
N ASN F 395 -36.03 20.53 -16.68
CA ASN F 395 -35.80 19.75 -17.89
C ASN F 395 -36.41 18.35 -17.75
N LYS F 396 -36.68 17.74 -18.91
CA LYS F 396 -37.10 16.34 -18.95
C LYS F 396 -35.96 15.39 -19.25
N GLU F 397 -34.98 15.81 -20.06
CA GLU F 397 -33.84 14.96 -20.36
C GLU F 397 -32.97 14.74 -19.11
N THR F 398 -32.63 15.82 -18.42
CA THR F 398 -31.85 15.70 -17.19
C THR F 398 -32.62 14.96 -16.11
N GLU F 399 -33.93 15.20 -16.04
CA GLU F 399 -34.76 14.48 -15.08
C GLU F 399 -34.74 12.98 -15.36
N GLN F 400 -34.90 12.60 -16.63
CA GLN F 400 -34.87 11.18 -16.99
C GLN F 400 -33.52 10.56 -16.67
N ARG F 401 -32.43 11.26 -17.01
CA ARG F 401 -31.10 10.72 -16.75
C ARG F 401 -30.84 10.55 -15.25
N LEU F 402 -31.22 11.55 -14.45
CA LEU F 402 -31.02 11.46 -13.01
C LEU F 402 -31.88 10.37 -12.39
N LEU F 403 -33.13 10.23 -12.84
CA LEU F 403 -33.98 9.17 -12.29
C LEU F 403 -33.47 7.80 -12.68
N GLN F 404 -32.94 7.65 -13.89
CA GLN F 404 -32.35 6.37 -14.27
C GLN F 404 -31.11 6.04 -13.44
N GLU F 405 -30.26 7.05 -13.21
CA GLU F 405 -29.09 6.83 -12.36
C GLU F 405 -29.50 6.46 -10.94
N ALA F 406 -30.49 7.16 -10.39
CA ALA F 406 -30.98 6.83 -9.06
C ALA F 406 -31.61 5.44 -9.03
N HIS F 407 -32.27 5.03 -10.10
CA HIS F 407 -32.83 3.69 -10.16
C HIS F 407 -31.74 2.63 -10.16
N ASP F 408 -30.67 2.87 -10.90
CA ASP F 408 -29.54 1.93 -10.88
C ASP F 408 -28.92 1.86 -9.49
N LEU F 409 -28.74 3.01 -8.83
CA LEU F 409 -28.15 3.01 -7.50
C LEU F 409 -29.05 2.32 -6.48
N HIS F 410 -30.37 2.55 -6.56
CA HIS F 410 -31.30 1.89 -5.65
C HIS F 410 -31.35 0.38 -5.90
N LEU F 411 -31.30 -0.04 -7.17
CA LEU F 411 -31.26 -1.48 -7.44
C LEU F 411 -29.98 -2.11 -6.90
N SER F 412 -28.84 -1.43 -7.06
CA SER F 412 -27.59 -1.96 -6.52
C SER F 412 -27.64 -2.06 -5.00
N SER F 413 -28.14 -1.01 -4.34
CA SER F 413 -28.23 -1.03 -2.88
C SER F 413 -29.19 -2.10 -2.39
N LEU F 414 -30.33 -2.26 -3.08
CA LEU F 414 -31.29 -3.30 -2.71
C LEU F 414 -30.68 -4.69 -2.89
N GLN F 415 -29.94 -4.89 -3.99
CA GLN F 415 -29.29 -6.17 -4.19
C GLN F 415 -28.26 -6.46 -3.10
N LEU F 416 -27.48 -5.44 -2.70
CA LEU F 416 -26.51 -5.62 -1.64
C LEU F 416 -27.20 -5.96 -0.32
N ALA F 417 -28.29 -5.25 0.00
CA ALA F 417 -29.01 -5.50 1.25
C ALA F 417 -29.66 -6.88 1.25
N LYS F 418 -30.20 -7.30 0.10
CA LYS F 418 -30.79 -8.63 0.00
C LYS F 418 -29.73 -9.72 0.16
N LYS F 419 -28.56 -9.51 -0.45
CA LYS F 419 -27.49 -10.50 -0.32
C LYS F 419 -26.97 -10.57 1.11
N ALA F 420 -26.90 -9.43 1.80
CA ALA F 420 -26.33 -9.42 3.14
C ALA F 420 -27.33 -9.90 4.18
N PHE F 421 -28.47 -9.21 4.30
CA PHE F 421 -29.44 -9.51 5.35
C PHE F 421 -30.46 -10.55 4.91
N GLY F 422 -31.21 -10.25 3.86
CA GLY F 422 -32.23 -11.13 3.35
C GLY F 422 -33.43 -10.33 2.86
N GLU F 423 -34.47 -11.06 2.46
CA GLU F 423 -35.67 -10.44 1.94
C GLU F 423 -36.52 -9.80 3.04
N PHE F 424 -36.38 -10.26 4.28
CA PHE F 424 -37.23 -9.85 5.37
C PHE F 424 -36.47 -9.06 6.42
N ASN F 425 -35.68 -8.09 5.99
CA ASN F 425 -34.95 -7.19 6.88
C ASN F 425 -35.52 -5.78 6.77
N VAL F 426 -35.28 -4.98 7.81
CA VAL F 426 -35.75 -3.60 7.82
C VAL F 426 -35.00 -2.74 6.81
N GLN F 427 -33.71 -3.01 6.60
CA GLN F 427 -32.96 -2.27 5.59
C GLN F 427 -33.49 -2.56 4.19
N THR F 428 -33.86 -3.80 3.92
CA THR F 428 -34.50 -4.14 2.65
C THR F 428 -35.83 -3.42 2.51
N ALA F 429 -36.57 -3.29 3.62
CA ALA F 429 -37.81 -2.52 3.59
C ALA F 429 -37.56 -1.05 3.29
N LYS F 430 -36.49 -0.48 3.85
CA LYS F 430 -36.13 0.90 3.54
C LYS F 430 -35.80 1.05 2.06
N HIS F 431 -35.07 0.10 1.51
CA HIS F 431 -34.73 0.15 0.08
C HIS F 431 -35.98 0.02 -0.78
N TYR F 432 -36.93 -0.83 -0.37
CA TYR F 432 -38.18 -0.96 -1.10
C TYR F 432 -39.00 0.32 -1.03
N GLY F 433 -39.02 0.99 0.14
CA GLY F 433 -39.72 2.25 0.23
C GLY F 433 -39.09 3.33 -0.63
N ASN F 434 -37.75 3.38 -0.65
CA ASN F 434 -37.06 4.33 -1.51
C ASN F 434 -37.35 4.05 -2.98
N LEU F 435 -37.37 2.76 -3.36
CA LEU F 435 -37.70 2.40 -4.74
C LEU F 435 -39.13 2.78 -5.07
N GLY F 436 -40.04 2.64 -4.11
CA GLY F 436 -41.41 3.07 -4.34
C GLY F 436 -41.53 4.56 -4.55
N ARG F 437 -40.81 5.34 -3.75
CA ARG F 437 -40.78 6.78 -3.97
C ARG F 437 -40.20 7.12 -5.34
N LEU F 438 -39.15 6.40 -5.74
CA LEU F 438 -38.52 6.67 -7.03
C LEU F 438 -39.47 6.33 -8.19
N TYR F 439 -40.14 5.19 -8.12
CA TYR F 439 -41.08 4.81 -9.17
C TYR F 439 -42.28 5.75 -9.18
N GLN F 440 -42.63 6.33 -8.03
CA GLN F 440 -43.59 7.44 -8.04
C GLN F 440 -43.03 8.62 -8.80
N SER F 441 -41.75 8.94 -8.60
CA SER F 441 -41.12 10.02 -9.36
C SER F 441 -40.93 9.64 -10.81
N MET F 442 -40.63 8.37 -11.10
CA MET F 442 -40.47 7.87 -12.45
C MET F 442 -41.79 7.64 -13.17
N ARG F 443 -42.91 7.99 -12.54
CA ARG F 443 -44.27 7.87 -13.07
C ARG F 443 -44.68 6.41 -13.30
N LYS F 444 -43.92 5.45 -12.80
CA LYS F 444 -44.31 4.04 -12.85
C LYS F 444 -45.14 3.75 -11.61
N PHE F 445 -46.43 4.09 -11.70
CA PHE F 445 -47.28 4.11 -10.52
C PHE F 445 -47.62 2.70 -10.04
N LYS F 446 -47.81 1.76 -10.95
CA LYS F 446 -48.07 0.37 -10.54
C LYS F 446 -46.87 -0.21 -9.81
N GLU F 447 -45.67 0.00 -10.35
CA GLU F 447 -44.47 -0.49 -9.71
C GLU F 447 -44.24 0.19 -8.36
N ALA F 448 -44.53 1.49 -8.28
CA ALA F 448 -44.41 2.20 -7.01
C ALA F 448 -45.37 1.63 -5.97
N GLU F 449 -46.61 1.35 -6.38
CA GLU F 449 -47.58 0.74 -5.46
C GLU F 449 -47.11 -0.62 -4.99
N GLU F 450 -46.59 -1.44 -5.91
CA GLU F 450 -46.13 -2.77 -5.53
C GLU F 450 -44.94 -2.69 -4.57
N MET F 451 -44.00 -1.79 -4.84
CA MET F 451 -42.84 -1.64 -3.95
C MET F 451 -43.25 -1.13 -2.58
N HIS F 452 -44.17 -0.17 -2.52
CA HIS F 452 -44.61 0.32 -1.22
C HIS F 452 -45.38 -0.73 -0.45
N ILE F 453 -46.21 -1.53 -1.14
CA ILE F 453 -46.91 -2.63 -0.47
C ILE F 453 -45.92 -3.65 0.06
N LYS F 454 -44.89 -3.96 -0.72
CA LYS F 454 -43.86 -4.90 -0.26
C LYS F 454 -43.14 -4.34 0.97
N ALA F 455 -42.83 -3.05 0.95
CA ALA F 455 -42.20 -2.43 2.11
C ALA F 455 -43.09 -2.49 3.34
N ILE F 456 -44.38 -2.22 3.17
CA ILE F 456 -45.31 -2.27 4.30
C ILE F 456 -45.40 -3.69 4.85
N GLN F 457 -45.52 -4.68 3.97
CA GLN F 457 -45.66 -6.07 4.41
C GLN F 457 -44.40 -6.54 5.14
N ILE F 458 -43.23 -6.15 4.65
CA ILE F 458 -41.98 -6.54 5.31
C ILE F 458 -41.82 -5.82 6.65
N LYS F 459 -42.11 -4.52 6.67
CA LYS F 459 -41.86 -3.73 7.89
C LYS F 459 -42.90 -3.89 9.00
N GLU F 460 -44.13 -4.22 8.65
CA GLU F 460 -45.17 -4.29 9.67
C GLU F 460 -44.92 -5.44 10.64
N GLN F 461 -44.49 -6.60 10.12
CA GLN F 461 -44.25 -7.74 10.99
C GLN F 461 -42.96 -7.57 11.78
N LEU F 462 -41.92 -7.04 11.14
CA LEU F 462 -40.62 -6.89 11.80
C LEU F 462 -40.70 -5.88 12.94
N LEU F 463 -41.21 -4.69 12.66
CA LEU F 463 -41.33 -3.65 13.67
C LEU F 463 -42.72 -3.70 14.29
N GLY F 464 -43.07 -2.69 15.07
CA GLY F 464 -44.40 -2.63 15.64
C GLY F 464 -45.44 -2.32 14.57
N GLN F 465 -46.70 -2.59 14.93
CA GLN F 465 -47.80 -2.27 14.03
C GLN F 465 -47.90 -0.76 13.82
N GLU F 466 -47.63 0.02 14.85
CA GLU F 466 -47.68 1.48 14.79
C GLU F 466 -46.28 2.08 14.92
N ASP F 467 -45.30 1.44 14.30
CA ASP F 467 -43.92 1.92 14.38
C ASP F 467 -43.73 3.17 13.52
N TYR F 468 -42.68 3.92 13.84
CA TYR F 468 -42.39 5.15 13.10
C TYR F 468 -42.07 4.89 11.64
N GLU F 469 -41.29 3.84 11.36
CA GLU F 469 -40.94 3.53 9.98
C GLU F 469 -42.18 3.14 9.18
N VAL F 470 -43.07 2.36 9.79
CA VAL F 470 -44.33 2.02 9.14
C VAL F 470 -45.14 3.29 8.90
N ALA F 471 -45.09 4.24 9.84
CA ALA F 471 -45.81 5.50 9.68
C ALA F 471 -45.31 6.27 8.47
N LEU F 472 -43.98 6.42 8.34
CA LEU F 472 -43.48 7.18 7.21
C LEU F 472 -43.71 6.44 5.89
N SER F 473 -43.68 5.10 5.92
CA SER F 473 -43.88 4.37 4.68
C SER F 473 -45.35 4.41 4.24
N VAL F 474 -46.29 4.33 5.19
CA VAL F 474 -47.69 4.54 4.80
C VAL F 474 -47.93 5.98 4.40
N GLY F 475 -47.15 6.92 4.93
CA GLY F 475 -47.22 8.29 4.43
C GLY F 475 -46.80 8.38 2.98
N HIS F 476 -45.71 7.69 2.61
CA HIS F 476 -45.28 7.64 1.22
C HIS F 476 -46.34 6.99 0.33
N LEU F 477 -46.92 5.89 0.79
CA LEU F 477 -47.95 5.21 0.01
C LEU F 477 -49.21 6.06 -0.13
N ALA F 478 -49.56 6.80 0.92
CA ALA F 478 -50.71 7.70 0.85
C ALA F 478 -50.43 8.86 -0.09
N SER F 479 -49.19 9.35 -0.12
CA SER F 479 -48.83 10.38 -1.08
C SER F 479 -48.93 9.85 -2.51
N LEU F 480 -48.55 8.58 -2.71
CA LEU F 480 -48.69 7.98 -4.03
C LEU F 480 -50.15 7.82 -4.44
N TYR F 481 -50.97 7.29 -3.53
CA TYR F 481 -52.39 7.09 -3.84
C TYR F 481 -53.12 8.41 -4.06
N ASN F 482 -52.78 9.43 -3.27
CA ASN F 482 -53.48 10.69 -3.33
C ASN F 482 -53.07 11.50 -4.56
N TYR F 483 -51.79 11.81 -4.67
CA TYR F 483 -51.33 12.72 -5.72
C TYR F 483 -51.32 12.06 -7.10
N ASP F 484 -51.10 10.75 -7.15
CA ASP F 484 -50.87 10.08 -8.43
C ASP F 484 -51.97 9.09 -8.79
N MET F 485 -52.25 8.11 -7.93
CA MET F 485 -53.17 7.03 -8.28
C MET F 485 -54.63 7.38 -8.06
N ASN F 486 -54.92 8.59 -7.55
CA ASN F 486 -56.27 9.10 -7.32
C ASN F 486 -57.16 8.12 -6.56
N GLN F 487 -56.56 7.23 -5.77
CA GLN F 487 -57.32 6.39 -4.85
C GLN F 487 -57.58 7.20 -3.59
N TYR F 488 -58.82 7.60 -3.38
CA TYR F 488 -59.15 8.65 -2.42
C TYR F 488 -59.58 8.12 -1.06
N GLU F 489 -59.59 6.81 -0.85
CA GLU F 489 -59.97 6.23 0.43
C GLU F 489 -58.81 5.54 1.11
N ASN F 490 -58.03 4.74 0.36
CA ASN F 490 -56.81 4.16 0.91
C ASN F 490 -55.84 5.26 1.31
N ALA F 491 -55.73 6.30 0.49
CA ALA F 491 -54.89 7.44 0.85
C ALA F 491 -55.37 8.09 2.13
N GLU F 492 -56.69 8.23 2.29
CA GLU F 492 -57.23 8.84 3.51
C GLU F 492 -56.86 8.03 4.74
N LYS F 493 -57.08 6.71 4.68
CA LYS F 493 -56.82 5.89 5.87
C LYS F 493 -55.32 5.83 6.17
N LEU F 494 -54.47 5.79 5.14
CA LEU F 494 -53.04 5.75 5.39
C LEU F 494 -52.52 7.09 5.92
N TYR F 495 -53.07 8.20 5.43
CA TYR F 495 -52.71 9.50 5.97
C TYR F 495 -53.12 9.60 7.43
N LEU F 496 -54.31 9.10 7.77
CA LEU F 496 -54.75 9.13 9.16
C LEU F 496 -53.84 8.28 10.04
N ARG F 497 -53.42 7.11 9.55
CA ARG F 497 -52.49 6.27 10.31
C ARG F 497 -51.17 7.00 10.54
N SER F 498 -50.61 7.60 9.48
CA SER F 498 -49.34 8.30 9.62
C SER F 498 -49.44 9.47 10.58
N ILE F 499 -50.53 10.25 10.49
CA ILE F 499 -50.72 11.38 11.38
C ILE F 499 -50.85 10.91 12.82
N ALA F 500 -51.62 9.84 13.05
CA ALA F 500 -51.81 9.33 14.40
C ALA F 500 -50.48 8.86 15.00
N ILE F 501 -49.68 8.13 14.23
CA ILE F 501 -48.42 7.63 14.76
C ILE F 501 -47.45 8.78 15.00
N GLY F 502 -47.42 9.76 14.09
CA GLY F 502 -46.52 10.89 14.27
C GLY F 502 -46.85 11.70 15.51
N LYS F 503 -48.14 11.98 15.72
CA LYS F 503 -48.53 12.74 16.90
C LYS F 503 -48.44 11.90 18.17
N LYS F 504 -48.51 10.57 18.06
CA LYS F 504 -48.32 9.72 19.23
C LYS F 504 -46.85 9.69 19.65
N LEU F 505 -45.94 9.70 18.68
CA LEU F 505 -44.53 9.52 18.97
C LEU F 505 -43.82 10.85 19.23
N PHE F 506 -43.83 11.75 18.26
CA PHE F 506 -43.12 13.02 18.36
C PHE F 506 -43.99 14.16 18.85
N GLY F 507 -45.26 13.91 19.12
CA GLY F 507 -46.17 14.98 19.47
C GLY F 507 -46.58 15.78 18.23
N GLU F 508 -47.04 17.01 18.49
CA GLU F 508 -47.52 17.87 17.42
C GLU F 508 -46.40 18.53 16.64
N GLY F 509 -45.15 18.41 17.09
CA GLY F 509 -44.02 19.03 16.42
C GLY F 509 -43.35 18.18 15.35
N TYR F 510 -43.94 17.04 15.00
CA TYR F 510 -43.33 16.18 13.99
C TYR F 510 -43.37 16.85 12.62
N SER F 511 -42.23 16.78 11.91
CA SER F 511 -42.12 17.48 10.63
C SER F 511 -42.91 16.81 9.53
N GLY F 512 -43.08 15.49 9.60
CA GLY F 512 -43.90 14.81 8.60
C GLY F 512 -45.38 15.13 8.69
N LEU F 513 -45.81 15.78 9.78
CA LEU F 513 -47.21 16.15 9.91
C LEU F 513 -47.62 17.14 8.82
N GLU F 514 -46.75 18.07 8.45
CA GLU F 514 -47.12 19.01 7.40
C GLU F 514 -47.23 18.31 6.04
N TYR F 515 -46.32 17.37 5.77
CA TYR F 515 -46.39 16.63 4.51
C TYR F 515 -47.56 15.66 4.48
N ASP F 516 -48.11 15.33 5.64
CA ASP F 516 -49.35 14.56 5.65
C ASP F 516 -50.58 15.48 5.53
N TYR F 517 -50.57 16.61 6.24
CA TYR F 517 -51.72 17.52 6.22
C TYR F 517 -51.93 18.13 4.84
N ARG F 518 -50.85 18.53 4.16
CA ARG F 518 -51.02 19.13 2.83
C ARG F 518 -51.59 18.12 1.85
N GLY F 519 -51.10 16.88 1.88
CA GLY F 519 -51.65 15.85 1.03
C GLY F 519 -53.10 15.54 1.36
N LEU F 520 -53.44 15.54 2.65
CA LEU F 520 -54.80 15.22 3.04
C LEU F 520 -55.77 16.36 2.69
N ILE F 521 -55.30 17.61 2.78
CA ILE F 521 -56.08 18.75 2.33
C ILE F 521 -56.31 18.69 0.83
N LYS F 522 -55.28 18.33 0.07
CA LYS F 522 -55.46 18.13 -1.37
C LYS F 522 -56.46 17.01 -1.65
N LEU F 523 -56.38 15.92 -0.88
CA LEU F 523 -57.36 14.83 -0.98
C LEU F 523 -58.78 15.33 -0.78
N TYR F 524 -59.01 16.08 0.29
CA TYR F 524 -60.37 16.52 0.59
C TYR F 524 -60.86 17.55 -0.43
N ASN F 525 -59.96 18.41 -0.90
CA ASN F 525 -60.34 19.31 -2.00
C ASN F 525 -60.69 18.53 -3.26
N SER F 526 -60.08 17.36 -3.46
CA SER F 526 -60.45 16.52 -4.59
C SER F 526 -61.78 15.80 -4.36
N ILE F 527 -62.14 15.52 -3.12
CA ILE F 527 -63.36 14.75 -2.84
C ILE F 527 -64.47 15.57 -2.21
N GLY F 528 -64.18 16.73 -1.62
CA GLY F 528 -65.23 17.52 -0.99
C GLY F 528 -65.10 17.62 0.51
N ASN F 529 -66.22 17.78 1.21
CA ASN F 529 -66.27 17.93 2.66
C ASN F 529 -65.42 19.12 3.10
N TYR F 530 -65.87 20.30 2.68
CA TYR F 530 -65.10 21.52 2.92
C TYR F 530 -64.96 21.86 4.39
N GLU F 531 -65.81 21.33 5.26
CA GLU F 531 -65.62 21.48 6.69
C GLU F 531 -64.33 20.80 7.14
N LYS F 532 -64.06 19.61 6.61
CA LYS F 532 -62.79 18.93 6.89
C LYS F 532 -61.61 19.75 6.39
N VAL F 533 -61.75 20.35 5.21
CA VAL F 533 -60.68 21.18 4.66
C VAL F 533 -60.43 22.39 5.55
N PHE F 534 -61.50 23.01 6.05
CA PHE F 534 -61.35 24.18 6.91
C PHE F 534 -60.68 23.81 8.23
N GLU F 535 -61.13 22.71 8.86
CA GLU F 535 -60.54 22.34 10.14
C GLU F 535 -59.10 21.86 9.97
N TYR F 536 -58.75 21.28 8.83
CA TYR F 536 -57.37 20.90 8.61
C TYR F 536 -56.50 22.08 8.20
N HIS F 537 -57.07 23.11 7.60
CA HIS F 537 -56.34 24.38 7.47
C HIS F 537 -56.04 24.96 8.84
N ASN F 538 -57.01 24.90 9.75
CA ASN F 538 -56.76 25.35 11.12
C ASN F 538 -55.68 24.52 11.79
N VAL F 539 -55.72 23.20 11.59
CA VAL F 539 -54.72 22.30 12.16
C VAL F 539 -53.34 22.60 11.58
N LEU F 540 -53.26 22.84 10.28
CA LEU F 540 -51.98 23.17 9.66
C LEU F 540 -51.45 24.50 10.17
N SER F 541 -52.33 25.49 10.37
CA SER F 541 -51.89 26.75 10.95
C SER F 541 -51.35 26.56 12.36
N ASN F 542 -52.03 25.74 13.17
CA ASN F 542 -51.53 25.44 14.51
C ASN F 542 -50.19 24.72 14.45
N TRP F 543 -50.04 23.79 13.50
CA TRP F 543 -48.78 23.07 13.35
C TRP F 543 -47.66 24.03 12.98
N ASN F 544 -47.93 24.97 12.07
CA ASN F 544 -46.93 25.97 11.71
C ASN F 544 -46.57 26.83 12.90
N ARG F 545 -47.56 27.18 13.73
CA ARG F 545 -47.29 27.96 14.93
C ARG F 545 -46.35 27.21 15.87
N LEU F 546 -46.67 25.95 16.16
CA LEU F 546 -45.79 25.16 17.03
C LEU F 546 -44.42 24.92 16.39
N ARG F 547 -44.35 24.87 15.06
CA ARG F 547 -43.07 24.66 14.40
C ARG F 547 -42.18 25.89 14.49
N ASP F 548 -42.76 27.08 14.29
CA ASP F 548 -41.95 28.30 14.42
C ASP F 548 -41.63 28.60 15.87
N ARG F 549 -42.48 28.14 16.81
CA ARG F 549 -42.15 28.31 18.23
C ARG F 549 -40.98 27.44 18.65
N GLN F 550 -40.85 26.23 18.07
CA GLN F 550 -39.80 25.30 18.44
C GLN F 550 -38.57 25.43 17.54
N TYR F 551 -38.29 26.63 17.05
CA TYR F 551 -37.10 26.90 16.26
C TYR F 551 -35.99 27.50 17.11
N SER F 552 -35.90 27.05 18.36
CA SER F 552 -34.82 27.52 19.24
C SER F 552 -33.46 27.12 18.69
N VAL F 553 -33.36 25.90 18.14
CA VAL F 553 -32.19 25.31 17.48
C VAL F 553 -30.87 25.65 18.17
N THR F 554 -30.88 25.70 19.50
CA THR F 554 -29.65 25.89 20.26
C THR F 554 -28.69 24.74 19.96
N ASP F 555 -27.42 25.07 19.80
CA ASP F 555 -26.44 24.09 19.36
C ASP F 555 -26.30 22.97 20.39
N ALA F 556 -26.41 21.73 19.91
CA ALA F 556 -26.39 20.57 20.79
C ALA F 556 -25.00 20.23 21.31
N LEU F 557 -23.95 20.88 20.78
CA LEU F 557 -22.60 20.61 21.26
C LEU F 557 -22.43 21.07 22.70
N GLU F 558 -23.01 22.22 23.06
CA GLU F 558 -22.98 22.69 24.44
C GLU F 558 -24.25 22.34 25.21
N ASP F 559 -25.23 21.70 24.55
CA ASP F 559 -26.41 21.24 25.26
C ASP F 559 -26.10 20.08 26.20
N VAL F 560 -25.02 19.34 25.95
CA VAL F 560 -24.61 18.28 26.86
C VAL F 560 -24.04 18.86 28.15
N SER F 561 -23.70 20.16 28.15
CA SER F 561 -23.23 20.89 29.33
C SER F 561 -21.95 20.31 29.92
N THR F 562 -21.58 20.76 31.10
CA THR F 562 -20.40 20.29 31.81
C THR F 562 -20.86 19.65 33.12
N SER F 563 -20.67 18.34 33.21
CA SER F 563 -21.08 17.54 34.38
C SER F 563 -22.55 17.72 34.73
N PRO F 564 -23.48 17.34 33.85
CA PRO F 564 -24.89 17.33 34.27
C PRO F 564 -25.19 16.18 35.23
N GLN F 565 -24.69 14.99 34.93
CA GLN F 565 -24.72 13.84 35.82
C GLN F 565 -23.36 13.15 35.72
N SER F 566 -23.27 11.95 36.26
CA SER F 566 -22.02 11.20 36.26
C SER F 566 -22.28 9.76 35.80
N THR F 567 -21.20 9.00 35.70
CA THR F 567 -21.28 7.59 35.36
C THR F 567 -22.00 6.84 36.49
N GLU F 568 -22.55 5.68 36.14
CA GLU F 568 -23.42 4.84 36.99
C GLU F 568 -24.51 5.65 37.68
N GLU F 569 -24.89 6.77 37.06
CA GLU F 569 -26.10 7.50 37.37
C GLU F 569 -27.03 7.57 36.17
N VAL F 570 -26.49 7.93 35.00
CA VAL F 570 -27.24 7.77 33.75
C VAL F 570 -27.46 6.28 33.49
N VAL F 571 -26.44 5.46 33.74
CA VAL F 571 -26.59 4.02 33.60
C VAL F 571 -27.65 3.50 34.56
N GLN F 572 -27.58 3.95 35.82
CA GLN F 572 -28.55 3.51 36.82
C GLN F 572 -29.95 3.98 36.48
N SER F 573 -30.09 5.22 36.01
CA SER F 573 -31.40 5.72 35.63
C SER F 573 -31.97 4.93 34.46
N PHE F 574 -31.14 4.62 33.47
CA PHE F 574 -31.59 3.82 32.33
C PHE F 574 -32.00 2.43 32.77
N LEU F 575 -31.28 1.84 33.73
CA LEU F 575 -31.61 0.50 34.18
C LEU F 575 -32.90 0.47 34.99
N ILE F 576 -33.05 1.41 35.94
CA ILE F 576 -34.26 1.45 36.75
C ILE F 576 -35.48 1.82 35.92
N SER F 577 -35.29 2.62 34.86
CA SER F 577 -36.43 2.99 34.02
C SER F 577 -37.00 1.83 33.23
N GLN F 578 -36.31 0.68 33.20
CA GLN F 578 -36.77 -0.45 32.41
C GLN F 578 -37.96 -1.19 33.03
N ASN F 579 -38.23 -0.97 34.31
CA ASN F 579 -39.31 -1.71 34.98
C ASN F 579 -40.68 -1.29 34.47
N GLN G 10 -44.09 20.02 -1.49
CA GLN G 10 -43.76 18.71 -2.05
C GLN G 10 -44.89 17.72 -1.84
N LYS G 11 -44.79 16.56 -2.50
CA LYS G 11 -45.83 15.55 -2.41
C LYS G 11 -45.61 14.63 -1.22
N ARG G 12 -44.45 13.99 -1.15
CA ARG G 12 -44.18 12.92 -0.21
C ARG G 12 -43.09 13.34 0.77
N ALA G 13 -42.92 12.53 1.81
CA ALA G 13 -41.95 12.82 2.86
C ALA G 13 -40.54 12.55 2.36
N SER G 14 -39.57 12.90 3.20
CA SER G 14 -38.17 12.65 2.89
C SER G 14 -37.89 11.15 2.85
N GLY G 15 -36.97 10.77 1.97
CA GLY G 15 -36.61 9.36 1.85
C GLY G 15 -35.97 8.84 3.13
N GLN G 16 -36.46 7.71 3.60
CA GLN G 16 -35.94 7.09 4.81
C GLN G 16 -34.54 6.53 4.61
N MET H 1 28.84 46.09 17.16
CA MET H 1 28.11 44.90 16.75
C MET H 1 28.65 43.69 17.50
N ASP H 2 27.76 42.75 17.82
CA ASP H 2 28.13 41.62 18.67
C ASP H 2 29.05 40.66 17.95
N VAL H 3 30.12 40.24 18.64
CA VAL H 3 31.07 39.25 18.16
C VAL H 3 31.22 38.19 19.24
N PHE H 4 31.06 36.93 18.86
CA PHE H 4 31.04 35.82 19.80
C PHE H 4 32.32 34.99 19.66
N LEU H 5 32.91 34.65 20.81
CA LEU H 5 34.21 34.00 20.87
C LEU H 5 34.11 32.74 21.72
N MET H 6 34.96 31.78 21.38
CA MET H 6 34.97 30.43 21.96
C MET H 6 36.36 30.12 22.48
N ILE H 7 36.87 31.03 23.33
CA ILE H 7 38.22 30.95 23.88
C ILE H 7 38.48 29.57 24.44
N ARG H 8 39.59 28.96 24.03
CA ARG H 8 39.92 27.61 24.44
C ARG H 8 41.33 27.54 25.00
N ARG H 9 41.48 26.81 26.11
CA ARG H 9 42.79 26.55 26.70
C ARG H 9 42.73 25.14 27.28
N HIS H 10 43.47 24.22 26.68
CA HIS H 10 43.39 22.79 27.02
C HIS H 10 41.95 22.30 26.95
N LYS H 11 41.46 21.73 28.04
CA LYS H 11 40.08 21.23 28.07
C LYS H 11 39.07 22.37 28.16
N THR H 12 39.46 23.49 28.79
CA THR H 12 38.55 24.61 28.96
C THR H 12 38.18 25.21 27.61
N THR H 13 36.89 25.46 27.41
CA THR H 13 36.35 26.02 26.17
C THR H 13 35.39 27.15 26.49
N ILE H 14 35.85 28.09 27.32
CA ILE H 14 35.03 29.20 27.77
C ILE H 14 34.41 29.97 26.62
N PHE H 15 33.12 30.25 26.73
CA PHE H 15 32.39 31.01 25.73
C PHE H 15 32.21 32.45 26.22
N THR H 16 32.26 33.40 25.29
CA THR H 16 32.15 34.79 25.66
C THR H 16 31.65 35.61 24.46
N ASP H 17 31.29 36.86 24.73
CA ASP H 17 30.87 37.78 23.70
C ASP H 17 31.42 39.17 24.00
N ALA H 18 31.73 39.91 22.93
CA ALA H 18 32.20 41.28 23.06
C ALA H 18 31.92 41.99 21.76
N LYS H 19 31.84 43.32 21.84
CA LYS H 19 31.53 44.12 20.66
C LYS H 19 32.71 44.13 19.69
N GLU H 20 32.45 44.61 18.48
CA GLU H 20 33.51 44.75 17.50
C GLU H 20 34.56 45.76 17.97
N SER H 21 34.10 46.85 18.59
CA SER H 21 34.99 47.89 19.09
C SER H 21 35.62 47.53 20.43
N SER H 22 35.28 46.38 21.00
CA SER H 22 35.85 45.97 22.28
C SER H 22 37.34 45.65 22.11
N THR H 23 38.06 45.77 23.22
CA THR H 23 39.50 45.57 23.25
C THR H 23 39.85 44.17 23.75
N VAL H 24 41.08 43.75 23.46
CA VAL H 24 41.58 42.47 23.95
C VAL H 24 41.73 42.51 25.46
N PHE H 25 42.03 43.69 26.03
CA PHE H 25 42.10 43.81 27.47
C PHE H 25 40.76 43.53 28.14
N GLU H 26 39.66 43.79 27.43
CA GLU H 26 38.35 43.42 27.97
C GLU H 26 38.18 41.90 28.02
N LEU H 27 38.73 41.18 27.04
CA LEU H 27 38.73 39.73 27.11
C LEU H 27 39.60 39.24 28.26
N LYS H 28 40.73 39.91 28.49
CA LYS H 28 41.54 39.61 29.67
C LYS H 28 40.74 39.85 30.95
N ARG H 29 39.95 40.92 30.98
CA ARG H 29 39.10 41.20 32.13
C ARG H 29 38.07 40.09 32.34
N ILE H 30 37.48 39.60 31.25
CA ILE H 30 36.49 38.53 31.35
C ILE H 30 37.14 37.26 31.90
N VAL H 31 38.31 36.90 31.36
CA VAL H 31 39.00 35.70 31.82
C VAL H 31 39.43 35.85 33.28
N GLU H 32 39.83 37.06 33.67
CA GLU H 32 40.15 37.32 35.08
C GLU H 32 38.92 37.15 35.96
N GLY H 33 37.77 37.63 35.49
CA GLY H 33 36.54 37.47 36.24
C GLY H 33 35.99 36.07 36.25
N ILE H 34 36.52 35.18 35.41
CA ILE H 34 36.07 33.79 35.36
C ILE H 34 37.18 32.82 35.79
N LEU H 35 38.33 32.86 35.12
CA LEU H 35 39.42 31.94 35.43
C LEU H 35 40.32 32.43 36.55
N LYS H 36 40.05 33.61 37.11
CA LYS H 36 40.77 34.14 38.29
C LYS H 36 42.26 34.27 38.03
N ARG H 37 42.62 34.79 36.86
CA ARG H 37 44.02 35.03 36.52
C ARG H 37 44.19 36.45 36.04
N PRO H 38 45.27 37.13 36.44
CA PRO H 38 45.48 38.53 36.06
C PRO H 38 45.67 38.68 34.56
N PRO H 39 45.39 39.86 34.00
CA PRO H 39 45.54 40.03 32.54
C PRO H 39 46.94 39.76 32.02
N ASP H 40 47.97 40.02 32.82
CA ASP H 40 49.33 39.70 32.41
C ASP H 40 49.63 38.21 32.48
N GLU H 41 48.76 37.42 33.13
CA GLU H 41 48.99 35.99 33.24
C GLU H 41 48.77 35.27 31.91
N GLN H 42 47.88 35.79 31.06
CA GLN H 42 47.58 35.16 29.79
C GLN H 42 47.73 36.14 28.64
N ARG H 43 48.03 35.60 27.46
CA ARG H 43 47.98 36.34 26.21
C ARG H 43 47.23 35.49 25.20
N LEU H 44 46.26 36.10 24.53
CA LEU H 44 45.40 35.35 23.62
C LEU H 44 46.15 34.93 22.36
N TYR H 45 45.77 33.78 21.82
CA TYR H 45 46.37 33.21 20.61
C TYR H 45 45.29 33.10 19.54
N LYS H 46 45.13 34.18 18.76
CA LYS H 46 44.23 34.16 17.61
C LYS H 46 44.90 33.37 16.49
N ASP H 47 44.33 32.20 16.17
CA ASP H 47 44.81 31.34 15.08
C ASP H 47 46.30 31.01 15.23
N ASP H 48 46.62 30.41 16.39
CA ASP H 48 47.97 30.04 16.82
C ASP H 48 49.01 31.12 16.50
N GLN H 49 48.64 32.39 16.70
CA GLN H 49 49.54 33.51 16.49
C GLN H 49 49.31 34.52 17.59
N LEU H 50 50.41 35.06 18.14
CA LEU H 50 50.34 35.89 19.32
C LEU H 50 49.53 37.16 19.06
N LEU H 51 48.76 37.56 20.06
CA LEU H 51 47.90 38.74 19.98
C LEU H 51 48.36 39.78 21.00
N ASP H 52 48.43 41.03 20.55
CA ASP H 52 48.87 42.11 21.41
C ASP H 52 47.81 42.40 22.49
N ASP H 53 48.29 42.87 23.64
CA ASP H 53 47.38 43.12 24.76
C ASP H 53 46.49 44.34 24.52
N GLY H 54 46.91 45.23 23.63
CA GLY H 54 46.12 46.42 23.32
C GLY H 54 45.14 46.19 22.21
N LYS H 55 45.15 47.10 21.22
CA LYS H 55 44.36 47.07 19.99
C LYS H 55 42.87 46.81 20.25
N THR H 56 42.14 46.35 19.22
CA THR H 56 40.72 46.11 19.33
C THR H 56 40.34 44.89 18.49
N LEU H 57 39.16 44.35 18.79
CA LEU H 57 38.68 43.15 18.11
C LEU H 57 38.20 43.42 16.69
N GLY H 58 37.90 44.68 16.35
CA GLY H 58 37.42 44.98 15.01
C GLY H 58 38.46 44.75 13.94
N GLU H 59 39.69 45.17 14.18
CA GLU H 59 40.79 44.97 13.26
C GLU H 59 41.70 43.81 13.66
N CYS H 60 41.29 43.04 14.68
CA CYS H 60 42.10 41.90 15.11
C CYS H 60 42.18 40.83 14.02
N GLY H 61 41.10 40.63 13.28
CA GLY H 61 41.07 39.63 12.23
C GLY H 61 39.76 38.89 12.14
N PHE H 62 38.86 39.17 13.08
CA PHE H 62 37.53 38.58 13.07
C PHE H 62 36.50 39.67 13.33
N THR H 63 35.32 39.50 12.74
CA THR H 63 34.23 40.46 12.86
C THR H 63 32.94 39.68 13.11
N SER H 64 31.81 40.39 13.06
CA SER H 64 30.53 39.76 13.38
C SER H 64 30.13 38.73 12.33
N GLN H 65 30.39 39.02 11.04
CA GLN H 65 29.97 38.11 9.98
C GLN H 65 30.76 36.80 9.97
N THR H 66 31.89 36.74 10.67
CA THR H 66 32.67 35.52 10.78
C THR H 66 32.77 34.99 12.20
N ALA H 67 32.07 35.61 13.15
CA ALA H 67 32.01 35.14 14.54
C ALA H 67 30.57 35.18 15.03
N ARG H 68 29.67 34.65 14.20
CA ARG H 68 28.26 34.57 14.58
C ARG H 68 28.09 33.59 15.74
N PRO H 69 27.04 33.77 16.56
CA PRO H 69 26.89 32.88 17.73
C PRO H 69 26.73 31.42 17.37
N GLN H 70 26.20 31.13 16.18
CA GLN H 70 26.05 29.74 15.74
C GLN H 70 27.32 29.18 15.14
N ALA H 71 28.40 29.95 15.10
CA ALA H 71 29.71 29.50 14.64
C ALA H 71 30.79 30.40 15.21
N PRO H 72 31.06 30.34 16.50
CA PRO H 72 32.02 31.28 17.11
C PRO H 72 33.44 31.03 16.65
N ALA H 73 34.24 32.08 16.69
CA ALA H 73 35.63 32.03 16.28
C ALA H 73 36.49 31.62 17.46
N THR H 74 37.22 30.51 17.31
CA THR H 74 38.04 30.01 18.39
C THR H 74 39.21 30.94 18.66
N VAL H 75 39.60 31.03 19.94
CA VAL H 75 40.72 31.85 20.39
C VAL H 75 41.55 31.04 21.36
N GLY H 76 42.85 30.99 21.13
CA GLY H 76 43.73 30.29 22.05
C GLY H 76 43.97 31.07 23.32
N LEU H 77 44.49 30.37 24.32
CA LEU H 77 44.83 31.00 25.58
C LEU H 77 45.86 30.13 26.29
N ALA H 78 46.80 30.78 26.98
CA ALA H 78 47.84 30.07 27.69
C ALA H 78 48.29 30.92 28.87
N PHE H 79 48.90 30.25 29.85
CA PHE H 79 49.39 30.90 31.06
C PHE H 79 50.92 30.76 31.11
N ARG H 80 51.50 31.17 32.25
CA ARG H 80 52.93 31.01 32.44
C ARG H 80 53.22 30.75 33.91
N ALA H 81 54.27 29.97 34.16
CA ALA H 81 54.77 29.75 35.51
C ALA H 81 55.86 30.78 35.84
N ASP H 82 55.47 32.04 35.68
CA ASP H 82 56.27 33.26 35.86
C ASP H 82 57.33 33.41 34.78
N ASP H 83 57.48 32.45 33.87
CA ASP H 83 58.49 32.56 32.83
C ASP H 83 58.14 31.60 31.69
N THR H 84 58.71 31.89 30.51
CA THR H 84 58.77 31.03 29.34
C THR H 84 57.42 30.93 28.63
N PHE H 85 56.36 31.41 29.29
CA PHE H 85 55.01 31.53 28.72
C PHE H 85 54.60 30.26 27.98
N GLU H 86 54.35 29.18 28.72
CA GLU H 86 54.15 27.85 28.14
C GLU H 86 53.10 27.86 27.03
N ALA H 87 53.36 27.05 26.01
CA ALA H 87 52.59 27.12 24.78
C ALA H 87 51.18 26.57 24.96
N LEU H 88 50.29 27.00 24.08
CA LEU H 88 48.90 26.53 24.09
C LEU H 88 48.84 25.07 23.68
N CYS H 89 47.87 24.36 24.26
CA CYS H 89 47.66 22.93 24.01
C CYS H 89 46.21 22.66 23.68
N ILE H 90 45.67 23.42 22.72
CA ILE H 90 44.31 23.21 22.25
C ILE H 90 44.20 21.81 21.64
N GLU H 91 43.35 20.96 22.25
CA GLU H 91 43.12 19.66 21.63
C GLU H 91 41.80 19.66 20.88
N PRO H 92 41.70 18.84 19.83
CA PRO H 92 40.41 18.71 19.13
C PRO H 92 39.34 18.14 20.06
N PHE H 93 38.10 18.53 19.79
CA PHE H 93 36.97 18.09 20.63
C PHE H 93 36.81 16.58 20.59
N SER H 94 36.46 16.04 19.43
CA SER H 94 36.27 14.61 19.25
C SER H 94 36.17 14.34 17.76
N SER H 95 36.22 13.06 17.41
CA SER H 95 36.06 12.64 16.02
C SER H 95 34.62 12.25 15.78
N PRO H 96 33.88 12.97 14.95
CA PRO H 96 32.50 12.61 14.66
C PRO H 96 32.41 11.30 13.90
N PRO H 97 31.63 10.34 14.39
CA PRO H 97 31.46 9.03 13.74
C PRO H 97 30.77 9.14 12.38
N MET I 1 27.44 32.29 37.84
CA MET I 1 26.83 32.79 36.62
C MET I 1 27.34 32.03 35.40
N TYR I 2 28.51 31.42 35.53
CA TYR I 2 29.15 30.68 34.46
C TYR I 2 29.20 29.19 34.84
N VAL I 3 28.20 28.44 34.39
CA VAL I 3 28.21 27.00 34.62
C VAL I 3 29.29 26.35 33.76
N LYS I 4 29.77 25.20 34.24
CA LYS I 4 30.87 24.48 33.60
C LYS I 4 30.34 23.14 33.10
N LEU I 5 29.85 23.13 31.87
CA LEU I 5 29.31 21.91 31.27
C LEU I 5 30.43 20.94 30.92
N ILE I 6 30.74 20.02 31.82
CA ILE I 6 31.81 19.06 31.56
C ILE I 6 31.26 17.93 30.70
N SER I 7 31.92 17.67 29.58
CA SER I 7 31.49 16.64 28.65
C SER I 7 31.99 15.27 29.12
N SER I 8 31.84 14.25 28.27
CA SER I 8 32.32 12.92 28.59
C SER I 8 33.81 12.75 28.35
N ASP I 9 34.44 13.68 27.62
CA ASP I 9 35.88 13.65 27.38
C ASP I 9 36.66 14.48 28.37
N GLY I 10 36.00 15.08 29.37
CA GLY I 10 36.64 15.96 30.30
C GLY I 10 36.72 17.40 29.87
N HIS I 11 36.19 17.75 28.70
CA HIS I 11 36.22 19.13 28.24
C HIS I 11 35.29 19.99 29.07
N GLU I 12 35.79 21.13 29.54
CA GLU I 12 34.98 22.09 30.27
C GLU I 12 34.49 23.16 29.30
N PHE I 13 33.21 23.50 29.42
CA PHE I 13 32.51 24.34 28.45
C PHE I 13 31.85 25.51 29.13
N ILE I 14 32.65 26.27 29.90
CA ILE I 14 32.16 27.37 30.72
C ILE I 14 31.30 28.33 29.91
N VAL I 15 30.03 28.45 30.28
CA VAL I 15 29.06 29.25 29.54
C VAL I 15 28.12 29.89 30.57
N LYS I 16 27.53 31.03 30.18
CA LYS I 16 26.67 31.78 31.09
C LYS I 16 25.46 30.97 31.50
N ARG I 17 25.07 31.10 32.77
CA ARG I 17 23.93 30.35 33.28
C ARG I 17 22.62 30.75 32.61
N GLU I 18 22.50 32.02 32.21
CA GLU I 18 21.30 32.46 31.51
C GLU I 18 21.13 31.70 30.20
N HIS I 19 22.23 31.43 29.49
CA HIS I 19 22.16 30.64 28.28
C HIS I 19 21.87 29.18 28.59
N ALA I 20 22.55 28.62 29.59
CA ALA I 20 22.40 27.20 29.89
C ALA I 20 21.02 26.85 30.42
N LEU I 21 20.29 27.81 30.99
CA LEU I 21 18.96 27.51 31.49
C LEU I 21 17.91 27.40 30.38
N THR I 22 18.28 27.65 29.13
CA THR I 22 17.34 27.45 28.02
C THR I 22 16.99 25.99 27.83
N SER I 23 17.82 25.08 28.33
CA SER I 23 17.55 23.65 28.29
C SER I 23 16.97 23.22 29.63
N GLY I 24 15.85 22.51 29.59
CA GLY I 24 15.19 22.11 30.82
C GLY I 24 16.02 21.17 31.68
N THR I 25 16.79 20.28 31.05
CA THR I 25 17.54 19.30 31.81
C THR I 25 18.69 19.95 32.57
N ILE I 26 19.37 20.93 31.98
CA ILE I 26 20.42 21.63 32.70
C ILE I 26 19.83 22.47 33.83
N LYS I 27 18.66 23.07 33.59
CA LYS I 27 17.96 23.78 34.65
C LYS I 27 17.60 22.85 35.80
N ALA I 28 17.23 21.61 35.49
CA ALA I 28 16.95 20.63 36.52
C ALA I 28 18.22 20.22 37.25
N MET I 29 19.32 20.04 36.52
CA MET I 29 20.58 19.64 37.15
C MET I 29 21.13 20.73 38.05
N LEU I 30 20.84 21.99 37.75
CA LEU I 30 21.27 23.10 38.58
C LEU I 30 20.26 23.45 39.67
N SER I 31 19.19 22.68 39.80
CA SER I 31 18.20 22.88 40.84
C SER I 31 18.18 21.67 41.75
N GLY I 32 18.19 21.92 43.06
CA GLY I 32 18.18 20.85 44.03
C GLY I 32 19.49 20.76 44.79
N PRO I 33 19.88 19.55 45.17
CA PRO I 33 21.17 19.37 45.85
C PRO I 33 22.37 19.71 44.97
N GLY I 34 22.17 19.82 43.66
CA GLY I 34 23.26 20.17 42.76
C GLY I 34 23.36 21.66 42.47
N GLN I 35 22.76 22.49 43.32
CA GLN I 35 22.94 23.93 43.19
C GLN I 35 24.39 24.31 43.43
N PHE I 36 24.85 24.15 44.67
CA PHE I 36 26.25 24.32 45.08
C PHE I 36 26.86 25.60 44.52
N ALA I 37 26.32 26.73 44.98
CA ALA I 37 26.78 28.04 44.52
C ALA I 37 28.15 28.38 45.09
N GLU I 38 29.17 27.63 44.69
CA GLU I 38 30.54 27.86 45.12
C GLU I 38 31.26 28.68 44.05
N ASN I 39 31.99 29.70 44.49
CA ASN I 39 32.81 30.65 43.72
C ASN I 39 32.20 31.02 42.36
N GLU I 40 30.87 31.21 42.34
CA GLU I 40 30.11 31.81 41.26
C GLU I 40 30.02 30.88 40.03
N THR I 41 30.74 29.77 40.04
CA THR I 41 30.71 28.82 38.94
C THR I 41 30.51 27.41 39.48
N ASN I 42 29.59 26.68 38.87
CA ASN I 42 29.26 25.32 39.29
C ASN I 42 29.18 24.41 38.07
N GLU I 43 29.74 23.21 38.22
CA GLU I 43 29.91 22.32 37.08
C GLU I 43 28.70 21.42 36.89
N VAL I 44 28.45 21.05 35.64
CA VAL I 44 27.39 20.14 35.27
C VAL I 44 28.06 19.01 34.49
N ASN I 45 28.28 17.87 35.14
CA ASN I 45 29.02 16.77 34.54
C ASN I 45 28.08 15.94 33.67
N PHE I 46 28.31 15.96 32.36
CA PHE I 46 27.58 15.12 31.42
C PHE I 46 28.43 13.88 31.14
N ARG I 47 28.06 12.77 31.77
CA ARG I 47 28.87 11.56 31.66
C ARG I 47 28.70 10.85 30.32
N GLU I 48 27.74 11.27 29.50
CA GLU I 48 27.48 10.56 28.24
C GLU I 48 27.18 11.52 27.09
N ILE I 49 27.73 12.73 27.14
CA ILE I 49 27.66 13.65 26.02
C ILE I 49 29.07 13.97 25.55
N PRO I 50 29.46 13.57 24.34
CA PRO I 50 30.81 13.87 23.85
C PRO I 50 31.05 15.36 23.68
N SER I 51 32.33 15.71 23.56
CA SER I 51 32.72 17.11 23.45
C SER I 51 32.29 17.71 22.12
N HIS I 52 32.38 16.92 21.04
CA HIS I 52 32.06 17.44 19.71
C HIS I 52 30.58 17.76 19.54
N VAL I 53 29.73 17.27 20.43
CA VAL I 53 28.30 17.56 20.37
C VAL I 53 27.92 18.53 21.49
N LEU I 54 28.64 18.47 22.62
CA LEU I 54 28.38 19.45 23.67
C LEU I 54 28.82 20.84 23.25
N SER I 55 29.87 20.93 22.43
CA SER I 55 30.25 22.22 21.86
C SER I 55 29.14 22.79 21.00
N LYS I 56 28.52 21.95 20.17
CA LYS I 56 27.40 22.39 19.35
C LYS I 56 26.20 22.77 20.22
N VAL I 57 25.98 22.06 21.32
CA VAL I 57 24.90 22.43 22.23
C VAL I 57 25.14 23.80 22.86
N CYS I 58 26.38 24.06 23.29
CA CYS I 58 26.70 25.37 23.86
C CYS I 58 26.56 26.48 22.82
N MET I 59 27.02 26.20 21.60
CA MET I 59 26.85 27.17 20.52
C MET I 59 25.38 27.41 20.23
N TYR I 60 24.55 26.38 20.35
CA TYR I 60 23.11 26.60 20.21
C TYR I 60 22.54 27.41 21.36
N PHE I 61 23.07 27.22 22.57
CA PHE I 61 22.61 28.04 23.69
C PHE I 61 22.85 29.52 23.40
N THR I 62 24.05 29.85 22.95
CA THR I 62 24.37 31.22 22.60
C THR I 62 23.50 31.70 21.42
N TYR I 63 23.32 30.84 20.42
CA TYR I 63 22.49 31.15 19.27
C TYR I 63 21.05 31.47 19.67
N LYS I 64 20.46 30.64 20.52
CA LYS I 64 19.06 30.83 20.86
C LYS I 64 18.86 32.02 21.78
N VAL I 65 19.78 32.23 22.74
CA VAL I 65 19.63 33.37 23.62
C VAL I 65 19.81 34.67 22.85
N ARG I 66 20.80 34.73 21.96
CA ARG I 66 21.02 35.97 21.22
C ARG I 66 19.89 36.26 20.23
N TYR I 67 19.15 35.24 19.80
CA TYR I 67 18.09 35.44 18.81
C TYR I 67 16.70 35.44 19.41
N THR I 68 16.58 35.53 20.74
CA THR I 68 15.26 35.65 21.35
C THR I 68 14.57 36.93 20.90
N ASN I 69 13.27 36.81 20.59
CA ASN I 69 12.39 37.90 20.18
C ASN I 69 13.03 38.90 19.23
N SER I 70 13.79 38.40 18.26
CA SER I 70 14.50 39.24 17.31
C SER I 70 13.77 39.23 15.96
N SER I 71 13.44 40.41 15.45
CA SER I 71 12.82 40.54 14.15
C SER I 71 13.81 40.41 13.00
N THR I 72 15.11 40.39 13.29
CA THR I 72 16.12 40.19 12.27
C THR I 72 16.00 38.77 11.70
N GLU I 73 16.39 38.63 10.44
CA GLU I 73 16.35 37.32 9.79
C GLU I 73 17.21 36.32 10.55
N ILE I 74 16.65 35.15 10.82
CA ILE I 74 17.25 34.14 11.69
C ILE I 74 17.80 33.03 10.80
N PRO I 75 19.11 32.92 10.64
CA PRO I 75 19.66 31.84 9.84
C PRO I 75 19.56 30.51 10.55
N GLU I 76 19.52 29.44 9.76
CA GLU I 76 19.42 28.09 10.31
C GLU I 76 20.68 27.74 11.08
N PHE I 77 20.52 26.98 12.15
CA PHE I 77 21.65 26.53 12.93
C PHE I 77 22.46 25.54 12.11
N PRO I 78 23.75 25.79 11.89
CA PRO I 78 24.58 24.91 11.03
C PRO I 78 24.96 23.60 11.70
N ILE I 79 24.04 22.63 11.64
CA ILE I 79 24.28 21.30 12.18
C ILE I 79 24.93 20.46 11.10
N ALA I 80 26.16 20.04 11.34
CA ALA I 80 26.86 19.20 10.37
C ALA I 80 26.18 17.84 10.29
N PRO I 81 26.00 17.29 9.08
CA PRO I 81 25.30 16.00 8.94
C PRO I 81 26.01 14.85 9.64
N GLU I 82 27.32 14.95 9.88
CA GLU I 82 28.03 13.90 10.58
C GLU I 82 27.70 13.85 12.06
N ILE I 83 27.19 14.95 12.63
CA ILE I 83 26.83 15.01 14.04
C ILE I 83 25.34 15.28 14.23
N ALA I 84 24.55 15.24 13.15
CA ALA I 84 23.13 15.56 13.26
C ALA I 84 22.39 14.55 14.11
N LEU I 85 22.76 13.28 14.03
CA LEU I 85 22.03 12.25 14.77
C LEU I 85 22.41 12.26 16.25
N GLU I 86 23.69 12.49 16.57
CA GLU I 86 24.08 12.58 17.97
C GLU I 86 23.48 13.82 18.62
N LEU I 87 23.56 14.96 17.94
CA LEU I 87 23.04 16.21 18.48
C LEU I 87 21.55 16.09 18.76
N LEU I 88 20.82 15.42 17.87
CA LEU I 88 19.40 15.17 18.12
C LEU I 88 19.20 14.39 19.41
N MET I 89 19.99 13.35 19.64
CA MET I 89 19.94 12.64 20.91
C MET I 89 20.39 13.51 22.08
N ALA I 90 21.23 14.51 21.81
CA ALA I 90 21.61 15.48 22.83
C ALA I 90 20.66 16.66 22.89
N ALA I 91 19.70 16.73 21.98
CA ALA I 91 18.67 17.75 22.04
C ALA I 91 17.39 17.27 22.70
N ASN I 92 17.17 15.95 22.74
CA ASN I 92 16.06 15.39 23.50
C ASN I 92 16.43 15.23 24.97
N PHE I 93 17.63 14.69 25.23
CA PHE I 93 18.05 14.48 26.60
C PHE I 93 18.17 15.79 27.36
N LEU I 94 18.73 16.81 26.71
CA LEU I 94 18.90 18.11 27.33
C LEU I 94 17.64 18.96 27.28
N ASP I 95 16.66 18.58 26.45
CA ASP I 95 15.43 19.36 26.26
C ASP I 95 15.75 20.79 25.80
N CYS I 96 16.80 20.93 25.01
CA CYS I 96 17.20 22.24 24.50
C CYS I 96 16.63 22.47 23.12
N THR J 1 29.96 6.69 27.83
CA THR J 1 29.39 5.95 26.70
C THR J 1 28.81 6.91 25.67
N SER J 2 27.52 6.77 25.41
CA SER J 2 26.83 7.62 24.44
C SER J 2 25.36 7.71 24.83
N LEU J 3 24.68 8.71 24.27
CA LEU J 3 23.28 8.94 24.59
C LEU J 3 22.36 8.08 23.73
N LYS J 4 22.63 6.78 23.68
CA LYS J 4 21.87 5.88 22.83
C LYS J 4 21.07 4.91 23.68
N PRO J 5 20.01 4.33 23.13
CA PRO J 5 19.36 3.21 23.80
C PRO J 5 20.36 2.07 23.97
N ARG J 6 20.29 1.40 25.12
CA ARG J 6 21.20 0.32 25.41
C ARG J 6 20.52 -0.66 26.35
N VAL J 7 21.02 -1.89 26.36
CA VAL J 7 20.46 -2.94 27.20
C VAL J 7 20.98 -2.68 28.62
N VAL J 8 20.16 -2.01 29.42
CA VAL J 8 20.50 -1.69 30.80
C VAL J 8 19.61 -2.51 31.72
N ASP J 9 20.23 -3.14 32.72
CA ASP J 9 19.47 -3.91 33.69
C ASP J 9 18.88 -3.00 34.76
N PHE J 10 17.58 -3.19 35.01
CA PHE J 10 16.85 -2.29 35.90
C PHE J 10 17.23 -2.47 37.36
N ASP J 11 17.73 -3.64 37.76
CA ASP J 11 17.90 -3.93 39.18
C ASP J 11 19.03 -3.09 39.78
N GLU J 12 20.25 -3.24 39.27
CA GLU J 12 21.37 -2.51 39.84
C GLU J 12 21.27 -1.01 39.56
N THR J 13 20.76 -0.64 38.38
CA THR J 13 20.56 0.78 38.07
C THR J 13 19.54 1.40 39.01
N TRP J 14 18.44 0.71 39.29
CA TRP J 14 17.45 1.22 40.21
C TRP J 14 17.98 1.24 41.65
N ASN J 15 18.84 0.29 42.02
CA ASN J 15 19.42 0.34 43.36
C ASN J 15 20.34 1.56 43.51
N LYS J 16 21.18 1.81 42.51
CA LYS J 16 22.02 3.00 42.53
C LYS J 16 21.17 4.26 42.53
N LEU J 17 20.04 4.22 41.81
CA LEU J 17 19.10 5.34 41.82
C LEU J 17 18.49 5.54 43.19
N LEU J 18 18.15 4.45 43.86
CA LEU J 18 17.43 4.54 45.14
C LEU J 18 18.34 5.03 46.25
N THR J 19 19.60 4.61 46.25
CA THR J 19 20.53 5.10 47.25
C THR J 19 20.72 6.61 47.18
N THR J 20 20.47 7.22 46.01
CA THR J 20 20.47 8.67 45.88
C THR J 20 19.11 9.27 46.17
N ILE J 21 18.04 8.61 45.72
CA ILE J 21 16.70 9.17 45.81
C ILE J 21 16.24 9.23 47.26
N LYS J 22 16.58 8.22 48.06
CA LYS J 22 16.22 8.24 49.48
C LYS J 22 16.84 9.44 50.20
N ALA J 23 17.96 9.96 49.69
CA ALA J 23 18.57 11.15 50.25
C ALA J 23 18.13 12.43 49.56
N VAL J 24 17.63 12.34 48.33
CA VAL J 24 17.05 13.51 47.67
C VAL J 24 15.82 13.98 48.41
N VAL J 25 14.95 13.05 48.79
CA VAL J 25 13.86 13.35 49.71
C VAL J 25 14.48 13.53 51.10
N MET J 26 13.69 14.06 52.04
CA MET J 26 14.05 14.31 53.43
C MET J 26 15.35 15.12 53.58
N LEU J 27 15.80 15.74 52.49
CA LEU J 27 16.91 16.70 52.49
C LEU J 27 18.17 16.14 53.15
N GLU J 28 18.73 15.11 52.53
CA GLU J 28 20.02 14.56 52.93
C GLU J 28 21.05 14.86 51.85
N TYR J 29 22.27 15.13 52.27
CA TYR J 29 23.32 15.55 51.34
C TYR J 29 23.67 14.43 50.36
N VAL J 30 23.78 14.80 49.09
CA VAL J 30 24.30 13.93 48.05
C VAL J 30 25.38 14.68 47.28
N GLU J 31 26.33 13.92 46.72
CA GLU J 31 27.36 14.53 45.90
C GLU J 31 26.76 15.10 44.63
N ARG J 32 27.30 16.25 44.20
CA ARG J 32 26.78 16.89 42.99
C ARG J 32 26.98 16.02 41.77
N ALA J 33 28.14 15.37 41.67
CA ALA J 33 28.39 14.47 40.54
C ALA J 33 27.43 13.28 40.56
N THR J 34 27.12 12.76 41.74
CA THR J 34 26.13 11.68 41.84
C THR J 34 24.76 12.16 41.38
N TRP J 35 24.34 13.35 41.81
CA TRP J 35 23.05 13.89 41.42
C TRP J 35 22.99 14.12 39.92
N ASN J 36 24.11 14.52 39.31
CA ASN J 36 24.12 14.72 37.86
C ASN J 36 24.16 13.40 37.10
N ASP J 37 24.76 12.37 37.68
CA ASP J 37 24.76 11.06 37.02
C ASP J 37 23.41 10.37 37.13
N ARG J 38 22.62 10.70 38.17
CA ARG J 38 21.30 10.10 38.26
C ARG J 38 20.38 10.55 37.14
N PHE J 39 20.64 11.73 36.56
CA PHE J 39 19.89 12.14 35.38
C PHE J 39 20.16 11.21 34.20
N SER J 40 21.42 10.84 34.00
CA SER J 40 21.76 9.89 32.96
C SER J 40 21.16 8.52 33.26
N ASP J 41 21.10 8.14 34.54
CA ASP J 41 20.45 6.90 34.91
C ASP J 41 18.96 6.91 34.56
N ILE J 42 18.28 8.02 34.86
CA ILE J 42 16.86 8.16 34.52
C ILE J 42 16.68 8.06 33.00
N TYR J 43 17.53 8.76 32.25
CA TYR J 43 17.42 8.71 30.79
C TYR J 43 17.64 7.30 30.26
N ALA J 44 18.67 6.61 30.77
CA ALA J 44 18.97 5.26 30.30
C ALA J 44 17.84 4.30 30.62
N LEU J 45 17.22 4.46 31.79
CA LEU J 45 16.04 3.64 32.09
C LEU J 45 14.88 3.97 31.15
N CYS J 46 14.70 5.25 30.83
CA CYS J 46 13.53 5.65 30.06
C CYS J 46 13.65 5.27 28.59
N VAL J 47 14.86 5.19 28.05
CA VAL J 47 15.01 4.83 26.64
C VAL J 47 15.72 3.50 26.50
N ALA J 48 15.52 2.61 27.46
CA ALA J 48 16.22 1.33 27.48
C ALA J 48 15.77 0.45 26.31
N TYR J 49 16.52 -0.64 26.11
CA TYR J 49 16.31 -1.58 25.03
C TYR J 49 16.31 -3.00 25.60
N PRO J 50 15.48 -3.92 25.06
CA PRO J 50 14.47 -3.76 24.00
C PRO J 50 13.25 -2.93 24.41
N GLU J 51 12.78 -3.08 25.64
CA GLU J 51 11.60 -2.36 26.10
C GLU J 51 12.01 -1.26 27.05
N PRO J 52 11.56 -0.03 26.83
CA PRO J 52 11.86 1.06 27.77
C PRO J 52 11.32 0.76 29.16
N LEU J 53 12.12 1.07 30.17
CA LEU J 53 11.77 0.81 31.56
C LEU J 53 11.15 2.01 32.24
N GLY J 54 10.50 2.90 31.46
CA GLY J 54 9.80 4.01 32.07
C GLY J 54 8.63 3.57 32.91
N GLU J 55 7.90 2.54 32.46
CA GLU J 55 6.78 2.02 33.24
C GLU J 55 7.28 1.40 34.55
N ARG J 56 8.33 0.58 34.46
CA ARG J 56 8.88 -0.04 35.66
C ARG J 56 9.46 1.00 36.60
N LEU J 57 10.15 2.01 36.05
CA LEU J 57 10.71 3.07 36.89
C LEU J 57 9.60 3.85 37.59
N TYR J 58 8.53 4.17 36.88
CA TYR J 58 7.41 4.88 37.49
C TYR J 58 6.75 4.05 38.57
N THR J 59 6.55 2.75 38.31
CA THR J 59 5.95 1.88 39.30
C THR J 59 6.82 1.77 40.54
N GLU J 60 8.13 1.61 40.36
CA GLU J 60 9.04 1.51 41.50
C GLU J 60 9.10 2.82 42.27
N THR J 61 9.06 3.95 41.57
CA THR J 61 9.03 5.25 42.25
C THR J 61 7.75 5.41 43.05
N LYS J 62 6.62 4.99 42.49
CA LYS J 62 5.35 5.05 43.23
C LYS J 62 5.40 4.18 44.47
N ILE J 63 5.92 2.96 44.33
CA ILE J 63 6.03 2.06 45.48
C ILE J 63 6.95 2.64 46.54
N PHE J 64 8.10 3.17 46.12
CA PHE J 64 9.04 3.75 47.08
C PHE J 64 8.44 4.95 47.79
N LEU J 65 7.74 5.81 47.05
CA LEU J 65 7.17 7.00 47.68
C LEU J 65 6.03 6.64 48.62
N GLU J 66 5.23 5.63 48.24
CA GLU J 66 4.20 5.15 49.15
C GLU J 66 4.81 4.57 50.43
N ASN J 67 5.89 3.79 50.30
CA ASN J 67 6.55 3.25 51.47
C ASN J 67 7.17 4.35 52.33
N HIS J 68 7.77 5.36 51.70
CA HIS J 68 8.40 6.44 52.43
C HIS J 68 7.36 7.28 53.18
N VAL J 69 6.24 7.59 52.54
CA VAL J 69 5.18 8.34 53.21
C VAL J 69 4.56 7.50 54.31
N ARG J 70 4.44 6.18 54.11
CA ARG J 70 3.93 5.31 55.17
C ARG J 70 4.87 5.29 56.36
N HIS J 71 6.18 5.22 56.12
CA HIS J 71 7.15 5.23 57.21
C HIS J 71 7.12 6.57 57.94
N LEU J 72 7.00 7.67 57.19
CA LEU J 72 6.87 8.97 57.83
C LEU J 72 5.59 9.05 58.65
N HIS J 73 4.50 8.47 58.14
CA HIS J 73 3.25 8.44 58.89
C HIS J 73 3.38 7.66 60.18
N LYS J 74 4.06 6.50 60.13
CA LYS J 74 4.28 5.72 61.34
C LYS J 74 5.11 6.49 62.35
N ARG J 75 6.18 7.15 61.88
CA ARG J 75 7.03 7.93 62.78
C ARG J 75 6.30 9.12 63.36
N VAL J 76 5.38 9.71 62.60
CA VAL J 76 4.58 10.82 63.11
C VAL J 76 3.57 10.33 64.15
N LEU J 77 2.91 9.20 63.86
CA LEU J 77 1.86 8.71 64.75
C LEU J 77 2.43 8.18 66.06
N GLU J 78 3.60 7.53 66.01
CA GLU J 78 4.18 6.97 67.23
C GLU J 78 4.59 8.04 68.23
N SER J 79 4.73 9.29 67.80
CA SER J 79 5.06 10.40 68.67
C SER J 79 3.80 11.21 68.94
N GLU J 80 3.47 11.40 70.21
CA GLU J 80 2.28 12.12 70.62
C GLU J 80 2.67 13.32 71.46
N GLU J 81 1.80 14.35 71.44
CA GLU J 81 1.94 15.61 72.17
C GLU J 81 2.99 16.50 71.52
N GLN J 82 3.72 15.95 70.54
CA GLN J 82 4.67 16.71 69.74
C GLN J 82 4.42 16.50 68.25
N VAL J 83 3.24 16.01 67.88
CA VAL J 83 2.97 15.59 66.51
C VAL J 83 3.04 16.77 65.55
N LEU J 84 2.62 17.96 65.98
CA LEU J 84 2.48 19.08 65.05
C LEU J 84 3.84 19.57 64.57
N VAL J 85 4.79 19.75 65.48
CA VAL J 85 6.09 20.32 65.13
C VAL J 85 6.87 19.37 64.24
N MET J 86 6.96 18.10 64.63
CA MET J 86 7.73 17.15 63.84
C MET J 86 7.00 16.79 62.55
N TYR J 87 5.66 16.84 62.54
CA TYR J 87 4.94 16.70 61.28
C TYR J 87 5.27 17.86 60.34
N HIS J 88 5.34 19.08 60.86
CA HIS J 88 5.64 20.22 59.99
C HIS J 88 7.06 20.13 59.43
N ARG J 89 8.02 19.73 60.27
CA ARG J 89 9.38 19.59 59.75
C ARG J 89 9.47 18.45 58.74
N TYR J 90 8.73 17.36 58.97
CA TYR J 90 8.68 16.26 58.00
C TYR J 90 8.05 16.73 56.70
N TRP J 91 7.01 17.56 56.79
CA TRP J 91 6.36 18.07 55.58
C TRP J 91 7.28 19.00 54.81
N GLU J 92 8.03 19.85 55.50
CA GLU J 92 8.98 20.71 54.80
C GLU J 92 10.03 19.89 54.08
N GLU J 93 10.57 18.87 54.77
CA GLU J 93 11.56 18.00 54.15
C GLU J 93 10.98 17.28 52.95
N TYR J 94 9.75 16.77 53.08
CA TYR J 94 9.14 16.01 51.99
C TYR J 94 8.72 16.91 50.84
N SER J 95 8.36 18.16 51.10
CA SER J 95 8.05 19.08 50.02
C SER J 95 9.30 19.43 49.22
N LYS J 96 10.40 19.70 49.92
CA LYS J 96 11.66 19.92 49.22
C LYS J 96 12.07 18.68 48.43
N GLY J 97 11.88 17.51 49.03
CA GLY J 97 12.20 16.26 48.33
C GLY J 97 11.32 16.03 47.12
N ALA J 98 10.04 16.38 47.21
CA ALA J 98 9.15 16.24 46.07
C ALA J 98 9.55 17.18 44.93
N ASP J 99 9.90 18.42 45.26
CA ASP J 99 10.36 19.35 44.23
C ASP J 99 11.65 18.84 43.58
N TYR J 100 12.59 18.35 44.40
CA TYR J 100 13.88 17.91 43.85
C TYR J 100 13.74 16.61 43.08
N MET J 101 12.79 15.75 43.44
CA MET J 101 12.55 14.54 42.68
C MET J 101 11.78 14.82 41.40
N ASP J 102 10.97 15.89 41.38
CA ASP J 102 10.39 16.33 40.11
C ASP J 102 11.48 16.88 39.20
N CYS J 103 12.47 17.57 39.77
CA CYS J 103 13.62 18.00 38.99
C CYS J 103 14.42 16.81 38.47
N LEU J 104 14.64 15.80 39.32
CA LEU J 104 15.44 14.65 38.94
C LEU J 104 14.72 13.78 37.91
N TYR J 105 13.42 13.61 38.06
CA TYR J 105 12.63 12.76 37.18
C TYR J 105 12.06 13.52 35.99
N ARG J 106 12.72 14.59 35.55
CA ARG J 106 12.13 15.45 34.55
C ARG J 106 11.96 14.73 33.21
N TYR J 107 12.89 13.84 32.87
CA TYR J 107 12.74 13.08 31.63
C TYR J 107 11.56 12.13 31.71
N LEU J 108 11.36 11.50 32.86
CA LEU J 108 10.18 10.65 33.03
C LEU J 108 8.90 11.47 32.98
N ASN J 109 8.90 12.65 33.59
CA ASN J 109 7.74 13.52 33.58
C ASN J 109 7.45 14.13 32.22
N THR J 110 8.39 14.06 31.28
CA THR J 110 8.25 14.69 29.98
C THR J 110 7.97 13.68 28.87
N GLN J 111 8.76 12.60 28.79
CA GLN J 111 8.67 11.68 27.68
C GLN J 111 7.87 10.42 27.98
N PHE J 112 7.52 10.16 29.24
CA PHE J 112 6.66 9.04 29.58
C PHE J 112 5.36 9.45 30.24
N ILE J 113 5.43 10.20 31.33
CA ILE J 113 4.22 10.52 32.09
C ILE J 113 3.32 11.47 31.30
N LYS J 114 3.90 12.53 30.73
CA LYS J 114 3.11 13.51 29.99
C LYS J 114 2.85 13.08 28.55
N LYS J 115 3.38 11.95 28.11
CA LYS J 115 3.21 11.46 26.76
C LYS J 115 2.45 10.15 26.72
N ASN J 116 1.40 10.04 27.53
CA ASN J 116 0.50 8.89 27.47
C ASN J 116 -0.95 9.34 27.34
N PRO J 135 -3.74 9.38 32.47
CA PRO J 135 -4.19 8.95 33.81
C PRO J 135 -3.06 8.99 34.83
N LEU J 136 -1.83 8.88 34.36
CA LEU J 136 -0.68 8.87 35.27
C LEU J 136 -0.41 10.28 35.80
N MET J 137 0.24 10.32 36.96
CA MET J 137 0.56 11.57 37.62
C MET J 137 2.05 11.86 37.50
N GLU J 138 2.38 13.14 37.38
CA GLU J 138 3.77 13.57 37.38
C GLU J 138 4.41 13.27 38.73
N ILE J 139 5.72 13.06 38.72
CA ILE J 139 6.42 12.66 39.94
C ILE J 139 6.34 13.77 40.98
N GLY J 140 6.41 15.03 40.54
CA GLY J 140 6.15 16.12 41.45
C GLY J 140 4.72 16.21 41.91
N GLU J 141 3.79 15.65 41.15
CA GLU J 141 2.40 15.53 41.58
C GLU J 141 2.15 14.21 42.31
N LEU J 142 2.85 13.15 41.93
CA LEU J 142 2.67 11.87 42.60
C LEU J 142 3.12 11.94 44.05
N ALA J 143 4.23 12.64 44.33
CA ALA J 143 4.73 12.72 45.70
C ALA J 143 3.76 13.46 46.59
N LEU J 144 3.23 14.59 46.12
CA LEU J 144 2.24 15.33 46.90
C LEU J 144 0.94 14.55 47.02
N ASP J 145 0.56 13.81 45.97
CA ASP J 145 -0.64 13.00 46.03
C ASP J 145 -0.51 11.87 47.05
N MET J 146 0.68 11.27 47.14
CA MET J 146 0.90 10.24 48.15
C MET J 146 0.99 10.83 49.55
N TRP J 147 1.48 12.06 49.68
CA TRP J 147 1.44 12.74 50.97
C TRP J 147 0.00 13.02 51.40
N ARG J 148 -0.83 13.45 50.45
CA ARG J 148 -2.24 13.73 50.77
C ARG J 148 -3.02 12.46 51.06
N LYS J 149 -2.71 11.38 50.34
CA LYS J 149 -3.51 10.16 50.41
C LYS J 149 -3.04 9.20 51.50
N LEU J 150 -1.79 9.32 51.97
CA LEU J 150 -1.27 8.42 52.98
C LEU J 150 -0.76 9.11 54.24
N MET J 151 -0.69 10.43 54.27
CA MET J 151 -0.18 11.09 55.46
C MET J 151 -1.14 12.12 56.03
N VAL J 152 -1.83 12.88 55.19
CA VAL J 152 -2.75 13.91 55.69
C VAL J 152 -4.15 13.37 55.87
N GLU J 153 -4.71 12.72 54.85
CA GLU J 153 -6.05 12.15 54.97
C GLU J 153 -6.14 11.04 56.02
N PRO J 154 -5.22 10.06 56.09
CA PRO J 154 -5.30 9.09 57.20
C PRO J 154 -5.15 9.73 58.57
N LEU J 155 -4.37 10.82 58.64
CA LEU J 155 -4.15 11.54 59.90
C LEU J 155 -4.98 12.79 59.98
N GLN J 156 -6.10 12.83 59.29
CA GLN J 156 -6.94 14.02 59.22
C GLN J 156 -7.47 14.41 60.59
N ALA J 157 -7.89 13.42 61.39
CA ALA J 157 -8.56 13.71 62.66
C ALA J 157 -7.64 14.42 63.63
N ILE J 158 -6.39 13.95 63.76
CA ILE J 158 -5.46 14.58 64.69
C ILE J 158 -5.13 16.00 64.26
N LEU J 159 -4.89 16.20 62.96
CA LEU J 159 -4.54 17.53 62.47
C LEU J 159 -5.69 18.51 62.64
N ILE J 160 -6.91 18.09 62.30
CA ILE J 160 -8.06 18.98 62.41
C ILE J 160 -8.31 19.37 63.87
N ARG J 161 -8.24 18.39 64.78
CA ARG J 161 -8.52 18.65 66.18
C ARG J 161 -7.48 19.57 66.80
N MET J 162 -6.21 19.39 66.45
CA MET J 162 -5.13 20.09 67.14
C MET J 162 -4.74 21.40 66.46
N LEU J 163 -4.94 21.52 65.14
CA LEU J 163 -4.74 22.81 64.48
C LEU J 163 -5.69 23.84 65.05
N LEU J 164 -6.97 23.48 65.16
CA LEU J 164 -7.97 24.39 65.73
C LEU J 164 -7.73 24.61 67.21
N ARG J 165 -7.27 23.58 67.93
CA ARG J 165 -6.94 23.75 69.34
C ARG J 165 -5.80 24.75 69.53
N GLU J 166 -4.77 24.66 68.69
CA GLU J 166 -3.70 25.64 68.74
C GLU J 166 -4.18 27.03 68.34
N ILE J 167 -5.19 27.10 67.47
CA ILE J 167 -5.81 28.39 67.17
C ILE J 167 -6.55 28.93 68.40
N LYS J 168 -7.20 28.05 69.14
CA LYS J 168 -7.88 28.49 70.36
C LYS J 168 -6.92 29.05 71.40
N ASN J 169 -5.64 28.66 71.34
CA ASN J 169 -4.66 29.24 72.23
C ASN J 169 -4.47 30.73 71.97
N ASP J 170 -4.37 31.12 70.69
CA ASP J 170 -4.26 32.54 70.36
C ASP J 170 -5.61 33.24 70.41
N ARG J 171 -6.71 32.49 70.46
CA ARG J 171 -8.01 33.06 70.77
C ARG J 171 -8.20 33.29 72.26
N GLY J 172 -7.27 32.81 73.08
CA GLY J 172 -7.33 33.01 74.51
C GLY J 172 -6.15 33.80 75.06
N GLY J 173 -5.02 33.77 74.34
CA GLY J 173 -3.86 34.53 74.76
C GLY J 173 -2.52 33.86 74.54
N GLU J 174 -2.51 32.52 74.53
CA GLU J 174 -1.27 31.79 74.33
C GLU J 174 -0.84 31.89 72.86
N ASP J 175 0.41 32.28 72.63
CA ASP J 175 0.89 32.53 71.28
C ASP J 175 1.55 31.28 70.71
N PRO J 176 0.99 30.67 69.67
CA PRO J 176 1.65 29.53 69.05
C PRO J 176 2.86 29.97 68.22
N ASN J 177 3.69 28.99 67.88
CA ASN J 177 4.89 29.26 67.10
C ASN J 177 4.51 29.68 65.68
N GLN J 178 5.31 30.61 65.13
CA GLN J 178 5.03 31.16 63.81
C GLN J 178 5.17 30.11 62.72
N LYS J 179 6.29 29.38 62.72
CA LYS J 179 6.64 28.54 61.58
C LYS J 179 5.77 27.30 61.50
N VAL J 180 5.56 26.61 62.62
CA VAL J 180 4.95 25.28 62.57
C VAL J 180 3.47 25.36 62.20
N ILE J 181 2.75 26.33 62.76
CA ILE J 181 1.31 26.38 62.51
C ILE J 181 1.01 26.83 61.09
N HIS J 182 1.87 27.64 60.48
CA HIS J 182 1.62 28.07 59.11
C HIS J 182 1.93 26.99 58.09
N GLY J 183 2.97 26.18 58.36
CA GLY J 183 3.33 25.13 57.42
C GLY J 183 2.26 24.06 57.31
N VAL J 184 1.64 23.70 58.42
CA VAL J 184 0.57 22.71 58.40
C VAL J 184 -0.67 23.27 57.71
N ILE J 185 -0.96 24.55 57.90
CA ILE J 185 -2.11 25.16 57.23
C ILE J 185 -1.89 25.19 55.72
N ASN J 186 -0.70 25.59 55.28
CA ASN J 186 -0.38 25.57 53.86
C ASN J 186 -0.11 24.17 53.33
N SER J 187 -0.03 23.16 54.19
CA SER J 187 0.08 21.78 53.74
C SER J 187 -1.21 21.24 53.16
N PHE J 188 -2.27 22.05 53.10
CA PHE J 188 -3.51 21.67 52.44
C PHE J 188 -3.70 22.40 51.12
N VAL J 189 -2.96 23.48 50.88
CA VAL J 189 -3.01 24.19 49.61
C VAL J 189 -1.78 23.91 48.75
N HIS J 190 -0.60 23.72 49.35
CA HIS J 190 0.60 23.40 48.59
C HIS J 190 0.58 21.99 48.04
N VAL J 191 -0.17 21.08 48.69
CA VAL J 191 -0.26 19.72 48.17
C VAL J 191 -1.10 19.68 46.90
N GLU J 192 -2.24 20.38 46.89
CA GLU J 192 -3.18 20.28 45.79
C GLU J 192 -2.85 21.26 44.66
N GLN J 193 -1.64 21.84 44.66
CA GLN J 193 -1.31 22.86 43.67
C GLN J 193 -1.23 22.30 42.25
N TYR J 194 -1.01 21.00 42.09
CA TYR J 194 -0.94 20.44 40.75
C TYR J 194 -2.30 20.13 40.16
N LYS J 195 -3.36 20.11 40.98
CA LYS J 195 -4.70 19.92 40.45
C LYS J 195 -5.14 21.16 39.69
N LYS J 196 -5.83 20.95 38.57
CA LYS J 196 -6.16 22.03 37.65
C LYS J 196 -7.56 22.59 37.85
N LYS J 197 -8.55 21.73 38.10
CA LYS J 197 -9.92 22.20 38.23
C LYS J 197 -10.12 23.01 39.51
N PHE J 198 -9.57 22.54 40.63
CA PHE J 198 -9.72 23.24 41.90
C PHE J 198 -8.43 23.14 42.70
N PRO J 199 -7.70 24.24 42.87
CA PRO J 199 -6.42 24.18 43.59
C PRO J 199 -6.57 24.20 45.11
N LEU J 200 -7.65 24.81 45.59
CA LEU J 200 -7.85 24.97 47.03
C LEU J 200 -9.02 24.13 47.55
N LYS J 201 -9.42 23.09 46.82
CA LYS J 201 -10.52 22.24 47.29
C LYS J 201 -10.14 21.52 48.58
N PHE J 202 -8.90 21.04 48.68
CA PHE J 202 -8.44 20.43 49.91
C PHE J 202 -8.29 21.43 51.04
N TYR J 203 -8.20 22.72 50.73
CA TYR J 203 -8.12 23.71 51.80
C TYR J 203 -9.48 23.96 52.43
N GLN J 204 -10.54 23.96 51.62
CA GLN J 204 -11.86 24.33 52.11
C GLN J 204 -12.56 23.16 52.80
N GLU J 205 -12.69 22.04 52.10
CA GLU J 205 -13.50 20.93 52.59
C GLU J 205 -12.81 20.09 53.65
N ILE J 206 -11.55 20.35 53.95
CA ILE J 206 -10.79 19.57 54.92
C ILE J 206 -10.50 20.36 56.19
N PHE J 207 -9.93 21.55 56.05
CA PHE J 207 -9.59 22.37 57.21
C PHE J 207 -10.52 23.56 57.39
N GLU J 208 -10.78 24.32 56.32
CA GLU J 208 -11.54 25.56 56.47
C GLU J 208 -12.97 25.31 56.93
N SER J 209 -13.64 24.30 56.36
CA SER J 209 -15.00 24.01 56.77
C SER J 209 -15.10 23.62 58.25
N PRO J 210 -14.25 22.75 58.81
CA PRO J 210 -14.22 22.63 60.27
C PRO J 210 -13.78 23.90 60.99
N PHE J 211 -12.89 24.70 60.37
CA PHE J 211 -12.41 25.91 61.04
C PHE J 211 -13.49 26.97 61.14
N LEU J 212 -14.29 27.14 60.09
CA LEU J 212 -15.38 28.11 60.15
C LEU J 212 -16.42 27.73 61.19
N THR J 213 -16.76 26.44 61.26
CA THR J 213 -17.75 25.99 62.24
C THR J 213 -17.26 26.20 63.66
N GLU J 214 -15.99 25.90 63.92
CA GLU J 214 -15.44 26.14 65.25
C GLU J 214 -15.34 27.63 65.55
N THR J 215 -14.85 28.42 64.59
CA THR J 215 -14.76 29.87 64.80
C THR J 215 -16.14 30.49 64.89
N GLY J 216 -17.07 30.04 64.03
CA GLY J 216 -18.42 30.58 64.08
C GLY J 216 -19.12 30.27 65.40
N GLU J 217 -18.93 29.07 65.93
CA GLU J 217 -19.50 28.71 67.21
C GLU J 217 -18.71 29.26 68.39
N TYR J 218 -17.53 29.81 68.16
CA TYR J 218 -16.73 30.39 69.24
C TYR J 218 -16.97 31.89 69.38
N TYR J 219 -17.15 32.60 68.27
CA TYR J 219 -17.41 34.04 68.33
C TYR J 219 -18.85 34.35 68.74
N LYS J 220 -19.79 33.44 68.44
CA LYS J 220 -21.17 33.68 68.86
C LYS J 220 -21.31 33.64 70.38
N GLN J 221 -20.47 32.86 71.06
CA GLN J 221 -20.51 32.79 72.51
C GLN J 221 -19.50 33.72 73.16
N GLU J 222 -18.42 34.07 72.47
CA GLU J 222 -17.47 35.04 73.00
C GLU J 222 -18.08 36.42 73.10
N ALA J 223 -18.92 36.79 72.12
CA ALA J 223 -19.59 38.08 72.18
C ALA J 223 -20.54 38.17 73.37
N SER J 224 -21.12 37.04 73.79
CA SER J 224 -21.98 37.02 74.96
C SER J 224 -21.20 37.39 76.21
N ASN J 225 -19.96 36.88 76.35
CA ASN J 225 -19.15 37.24 77.50
C ASN J 225 -18.71 38.70 77.46
N LEU J 226 -18.61 39.27 76.26
CA LEU J 226 -18.23 40.67 76.12
C LEU J 226 -19.43 41.62 76.13
N LEU J 227 -20.65 41.10 76.13
CA LEU J 227 -21.85 41.92 76.13
C LEU J 227 -22.72 41.69 77.36
N GLN J 228 -22.98 40.44 77.73
CA GLN J 228 -23.78 40.17 78.91
C GLN J 228 -23.01 40.45 80.20
N GLU J 229 -21.68 40.54 80.13
CA GLU J 229 -20.85 40.80 81.30
C GLU J 229 -20.03 42.07 81.16
N SER J 230 -20.43 42.97 80.25
CA SER J 230 -19.70 44.23 80.04
C SER J 230 -20.66 45.27 79.48
N ASN J 231 -20.25 46.52 79.58
CA ASN J 231 -21.06 47.62 79.07
C ASN J 231 -21.14 47.56 77.55
N CYS J 232 -22.30 47.95 77.01
CA CYS J 232 -22.50 47.90 75.57
C CYS J 232 -21.59 48.89 74.85
N SER J 233 -21.34 50.06 75.45
CA SER J 233 -20.49 51.05 74.81
C SER J 233 -19.05 50.55 74.66
N GLN J 234 -18.50 49.94 75.72
CA GLN J 234 -17.16 49.39 75.62
C GLN J 234 -17.14 48.06 74.87
N TYR J 235 -18.29 47.40 74.73
CA TYR J 235 -18.35 46.20 73.90
C TYR J 235 -18.25 46.54 72.42
N MET J 236 -18.81 47.69 72.02
CA MET J 236 -18.76 48.10 70.62
C MET J 236 -17.33 48.37 70.17
N GLU J 237 -16.53 49.06 71.00
CA GLU J 237 -15.13 49.27 70.65
C GLU J 237 -14.33 47.98 70.75
N LYS J 238 -14.78 47.03 71.57
CA LYS J 238 -14.14 45.72 71.61
C LYS J 238 -14.42 44.90 70.35
N VAL J 239 -15.51 45.20 69.64
CA VAL J 239 -15.76 44.54 68.37
C VAL J 239 -14.67 44.88 67.37
N LEU J 240 -14.38 46.17 67.22
CA LEU J 240 -13.28 46.58 66.35
C LEU J 240 -11.92 46.23 66.95
N GLY J 241 -11.83 46.15 68.28
CA GLY J 241 -10.59 45.73 68.89
C GLY J 241 -10.24 44.29 68.56
N ARG J 242 -11.22 43.39 68.62
CA ARG J 242 -10.99 42.02 68.20
C ARG J 242 -10.95 41.87 66.70
N LEU J 243 -11.62 42.77 65.96
CA LEU J 243 -11.52 42.76 64.51
C LEU J 243 -10.10 43.05 64.06
N LYS J 244 -9.44 44.00 64.72
CA LYS J 244 -8.01 44.21 64.47
C LYS J 244 -7.21 42.99 64.89
N ASP J 245 -7.55 42.39 66.04
CA ASP J 245 -6.85 41.20 66.51
C ASP J 245 -7.10 40.02 65.56
N GLU J 246 -8.32 39.90 65.04
CA GLU J 246 -8.62 38.83 64.10
C GLU J 246 -7.81 38.96 62.82
N GLU J 247 -7.65 40.20 62.32
CA GLU J 247 -6.80 40.41 61.16
C GLU J 247 -5.35 40.08 61.45
N ILE J 248 -4.89 40.36 62.68
CA ILE J 248 -3.57 39.90 63.09
C ILE J 248 -3.56 38.37 63.19
N ARG J 249 -4.62 37.79 63.74
CA ARG J 249 -4.66 36.33 63.90
C ARG J 249 -4.78 35.63 62.55
N CYS J 250 -5.59 36.15 61.64
CA CYS J 250 -5.80 35.47 60.37
C CYS J 250 -4.60 35.62 59.44
N ARG J 251 -4.02 36.83 59.36
CA ARG J 251 -2.87 37.05 58.50
C ARG J 251 -1.62 36.31 58.96
N LYS J 252 -1.61 35.79 60.18
CA LYS J 252 -0.44 35.16 60.76
C LYS J 252 -0.48 33.64 60.71
N TYR J 253 -1.67 33.04 60.71
CA TYR J 253 -1.80 31.59 60.79
C TYR J 253 -2.56 30.97 59.64
N LEU J 254 -3.04 31.75 58.67
CA LEU J 254 -3.94 31.25 57.65
C LEU J 254 -3.49 31.67 56.26
N HIS J 255 -4.05 31.00 55.26
CA HIS J 255 -3.75 31.30 53.86
C HIS J 255 -4.32 32.67 53.47
N PRO J 256 -3.61 33.39 52.60
CA PRO J 256 -4.14 34.70 52.16
C PRO J 256 -5.48 34.63 51.45
N SER J 257 -5.82 33.50 50.83
CA SER J 257 -7.08 33.38 50.11
C SER J 257 -8.27 33.19 51.04
N SER J 258 -8.08 33.24 52.35
CA SER J 258 -9.17 33.13 53.32
C SER J 258 -9.28 34.36 54.20
N TYR J 259 -8.69 35.48 53.78
CA TYR J 259 -8.73 36.69 54.59
C TYR J 259 -10.12 37.32 54.59
N THR J 260 -10.75 37.39 53.42
CA THR J 260 -12.08 37.98 53.31
C THR J 260 -13.20 37.03 53.71
N LYS J 261 -12.93 35.72 53.78
CA LYS J 261 -13.97 34.79 54.16
C LYS J 261 -14.24 34.85 55.66
N VAL J 262 -13.19 34.95 56.48
CA VAL J 262 -13.38 35.01 57.92
C VAL J 262 -13.98 36.35 58.34
N ILE J 263 -13.56 37.44 57.69
CA ILE J 263 -14.06 38.77 58.04
C ILE J 263 -15.56 38.89 57.76
N HIS J 264 -16.09 38.11 56.83
CA HIS J 264 -17.53 38.09 56.61
C HIS J 264 -18.23 37.28 57.69
N GLU J 265 -17.59 36.23 58.21
CA GLU J 265 -18.22 35.40 59.23
C GLU J 265 -18.10 36.02 60.61
N CYS J 266 -16.90 36.48 60.98
CA CYS J 266 -16.69 37.01 62.33
C CYS J 266 -17.51 38.28 62.55
N GLN J 267 -17.57 39.15 61.54
CA GLN J 267 -18.42 40.34 61.65
C GLN J 267 -19.89 39.95 61.77
N GLN J 268 -20.31 38.93 61.03
CA GLN J 268 -21.69 38.46 61.13
C GLN J 268 -21.97 37.85 62.50
N ARG J 269 -20.94 37.28 63.14
CA ARG J 269 -21.09 36.75 64.49
C ARG J 269 -21.05 37.82 65.57
N MET J 270 -20.68 39.05 65.23
CA MET J 270 -20.61 40.13 66.20
C MET J 270 -21.53 41.29 65.85
N VAL J 271 -21.61 41.69 64.59
CA VAL J 271 -22.46 42.81 64.18
C VAL J 271 -23.86 42.33 63.81
N ALA J 272 -23.96 41.34 62.92
CA ALA J 272 -25.27 40.85 62.52
C ALA J 272 -25.91 40.00 63.63
N ASP J 273 -25.10 39.32 64.43
CA ASP J 273 -25.65 38.52 65.52
C ASP J 273 -26.26 39.38 66.62
N HIS J 274 -25.68 40.55 66.88
CA HIS J 274 -26.16 41.47 67.90
C HIS J 274 -26.65 42.77 67.28
N LEU J 275 -27.37 42.66 66.16
CA LEU J 275 -27.90 43.82 65.46
C LEU J 275 -29.07 44.46 66.20
N GLN J 276 -29.65 43.77 67.19
CA GLN J 276 -30.78 44.32 67.93
C GLN J 276 -30.40 45.60 68.67
N PHE J 277 -29.22 45.61 69.31
CA PHE J 277 -28.76 46.82 69.97
C PHE J 277 -28.04 47.75 69.00
N LEU J 278 -27.48 47.20 67.91
CA LEU J 278 -26.78 48.06 66.95
C LEU J 278 -27.76 48.97 66.22
N HIS J 279 -28.91 48.45 65.81
CA HIS J 279 -29.92 49.28 65.16
C HIS J 279 -30.63 50.21 66.14
N ALA J 280 -30.62 49.86 67.43
CA ALA J 280 -31.17 50.77 68.44
C ALA J 280 -30.23 51.93 68.73
N GLU J 281 -28.92 51.66 68.73
CA GLU J 281 -27.96 52.70 69.05
C GLU J 281 -27.72 53.66 67.90
N CYS J 282 -27.92 53.22 66.65
CA CYS J 282 -27.59 54.07 65.51
C CYS J 282 -28.51 55.27 65.37
N HIS J 283 -29.62 55.33 66.10
CA HIS J 283 -30.55 56.44 66.01
C HIS J 283 -30.14 57.61 66.90
N ASN J 284 -29.92 57.36 68.19
CA ASN J 284 -29.66 58.45 69.13
C ASN J 284 -28.24 58.98 69.07
N ILE J 285 -27.31 58.23 68.46
CA ILE J 285 -25.94 58.73 68.32
C ILE J 285 -25.89 59.90 67.35
N ILE J 286 -26.62 59.81 66.24
CA ILE J 286 -26.61 60.87 65.25
C ILE J 286 -27.17 62.16 65.84
N ARG J 287 -28.27 62.06 66.60
CA ARG J 287 -28.85 63.23 67.23
C ARG J 287 -27.92 63.82 68.29
N GLN J 288 -27.27 62.96 69.07
CA GLN J 288 -26.37 63.40 70.12
C GLN J 288 -24.94 63.67 69.63
N GLU J 289 -24.62 63.29 68.39
CA GLU J 289 -23.31 63.53 67.79
C GLU J 289 -22.18 62.93 68.63
N LYS J 290 -22.31 61.64 68.94
CA LYS J 290 -21.27 60.92 69.68
C LYS J 290 -20.18 60.50 68.71
N LYS J 291 -18.97 61.04 68.90
CA LYS J 291 -17.91 60.87 67.90
C LYS J 291 -17.43 59.44 67.81
N ASN J 292 -17.17 58.79 68.95
CA ASN J 292 -16.62 57.44 68.93
C ASN J 292 -17.67 56.36 68.64
N ASP J 293 -18.87 56.76 68.23
CA ASP J 293 -19.91 55.82 67.85
C ASP J 293 -20.44 56.04 66.45
N MET J 294 -20.53 57.29 65.98
CA MET J 294 -20.98 57.56 64.63
C MET J 294 -19.92 57.23 63.59
N ALA J 295 -18.64 57.20 63.99
CA ALA J 295 -17.56 56.89 63.05
C ALA J 295 -17.32 55.40 62.91
N ASN J 296 -17.97 54.56 63.73
CA ASN J 296 -17.81 53.12 63.64
C ASN J 296 -18.92 52.43 62.86
N MET J 297 -20.15 52.95 62.93
CA MET J 297 -21.21 52.43 62.09
C MET J 297 -21.09 52.86 60.64
N TYR J 298 -20.34 53.94 60.38
CA TYR J 298 -20.18 54.42 59.01
C TYR J 298 -19.38 53.44 58.16
N VAL J 299 -18.34 52.82 58.75
CA VAL J 299 -17.47 51.93 57.99
C VAL J 299 -18.07 50.54 57.79
N LEU J 300 -19.15 50.21 58.50
CA LEU J 300 -19.76 48.90 58.37
C LEU J 300 -21.28 49.01 58.22
ZN ZN K . 5.54 5.80 -2.06
#